data_5B37
#
_entry.id   5B37
#
_cell.length_a   63.713
_cell.length_b   337.766
_cell.length_c   63.646
_cell.angle_alpha   90.00
_cell.angle_beta   120.03
_cell.angle_gamma   90.00
#
_symmetry.space_group_name_H-M   'P 1 21 1'
#
loop_
_entity.id
_entity.type
_entity.pdbx_description
1 polymer 'Tryptophan dehydrogenase'
2 water water
#
_entity_poly.entity_id   1
_entity_poly.type   'polypeptide(L)'
_entity_poly.pdbx_seq_one_letter_code
;MLLFETVREMGHEQVLFCHSKNPEIKAIIAIHDTTLGPAMGATRILPYINEEAALKDALRLSRGMTYKAACANIPAGGGK
AVIIANPENKTDDLLRAYGRFVDSLNGRFITGQDVNITPDDVRTISQETKYVVGVSEKSGGPAPITSLGVFLGIKAAVES
RWQSKRLDGMKVAVQGLGNVGKNLCRHLHEHDVQLFVSDVDPIKAEEVKRLFGATVVEPTEIYSLDVDIFAPCALGGILN
SHTIPFLQASIIAGAANNQLENEQLHSQMLAKKGILYSPDYVINAGGLINVYNEMIGYDEEKAFKQVHNIYDTLLAIFEI
AKEQGVTTNDAARRLAEDRINNSKRSKSKAIAALEHHHHHH
;
_entity_poly.pdbx_strand_id   A,B,C,D,E,F
#
# COMPACT_ATOMS: atom_id res chain seq x y z
N LEU A 3 -34.43 -6.56 -21.86
CA LEU A 3 -34.28 -8.04 -22.07
C LEU A 3 -32.88 -8.51 -21.69
N PHE A 4 -31.87 -7.94 -22.34
CA PHE A 4 -30.48 -8.40 -22.19
C PHE A 4 -30.01 -8.54 -20.74
N GLU A 5 -30.30 -7.56 -19.90
CA GLU A 5 -29.90 -7.63 -18.49
C GLU A 5 -30.55 -8.79 -17.74
N THR A 6 -31.81 -9.08 -18.04
CA THR A 6 -32.51 -10.23 -17.43
C THR A 6 -31.87 -11.56 -17.83
N VAL A 7 -31.39 -11.61 -19.07
CA VAL A 7 -30.72 -12.79 -19.60
C VAL A 7 -29.38 -13.01 -18.90
N ARG A 8 -28.76 -11.91 -18.49
CA ARG A 8 -27.51 -11.93 -17.72
C ARG A 8 -27.70 -12.73 -16.44
N GLU A 9 -28.83 -12.46 -15.80
CA GLU A 9 -29.22 -13.09 -14.54
C GLU A 9 -29.48 -14.58 -14.74
N MET A 10 -30.09 -14.92 -15.86
CA MET A 10 -30.48 -16.29 -16.18
C MET A 10 -29.43 -17.10 -16.97
N GLY A 11 -28.63 -16.42 -17.79
CA GLY A 11 -27.55 -17.05 -18.58
C GLY A 11 -27.96 -17.75 -19.87
N HIS A 12 -28.91 -17.17 -20.60
CA HIS A 12 -29.38 -17.78 -21.87
C HIS A 12 -28.36 -17.59 -23.01
N GLU A 13 -28.50 -18.42 -24.04
CA GLU A 13 -27.67 -18.36 -25.24
C GLU A 13 -28.34 -17.51 -26.35
N GLN A 14 -29.53 -17.95 -26.76
CA GLN A 14 -30.35 -17.26 -27.78
C GLN A 14 -31.78 -17.09 -27.29
N VAL A 15 -32.46 -16.10 -27.87
CA VAL A 15 -33.90 -15.89 -27.66
C VAL A 15 -34.54 -15.47 -28.98
N LEU A 16 -35.02 -16.45 -29.73
CA LEU A 16 -35.62 -16.23 -31.05
C LEU A 16 -37.07 -15.77 -30.96
N PHE A 17 -37.37 -14.63 -31.58
CA PHE A 17 -38.73 -14.14 -31.74
C PHE A 17 -39.15 -14.44 -33.15
N CYS A 18 -39.97 -15.47 -33.30
CA CYS A 18 -40.44 -15.91 -34.60
C CYS A 18 -41.80 -15.31 -34.94
N HIS A 19 -42.01 -15.06 -36.23
CA HIS A 19 -43.20 -14.37 -36.72
C HIS A 19 -43.54 -14.76 -38.17
N SER A 20 -44.83 -14.77 -38.47
CA SER A 20 -45.33 -14.97 -39.82
C SER A 20 -46.63 -14.20 -40.05
N LYS A 21 -46.97 -14.05 -41.33
CA LYS A 21 -48.09 -13.20 -41.74
C LYS A 21 -49.30 -14.02 -42.16
N ASN A 22 -49.10 -14.96 -43.08
CA ASN A 22 -50.21 -15.84 -43.53
C ASN A 22 -50.78 -16.71 -42.40
N PRO A 23 -49.94 -17.51 -41.72
CA PRO A 23 -50.50 -18.22 -40.56
C PRO A 23 -50.71 -17.29 -39.36
N GLU A 24 -50.01 -16.15 -39.35
CA GLU A 24 -50.19 -15.07 -38.38
C GLU A 24 -49.90 -15.53 -36.95
N ILE A 25 -48.69 -16.06 -36.74
CA ILE A 25 -48.31 -16.66 -35.45
C ILE A 25 -47.23 -15.85 -34.74
N LYS A 26 -47.45 -15.63 -33.45
CA LYS A 26 -46.46 -14.99 -32.58
C LYS A 26 -45.83 -16.07 -31.72
N ALA A 27 -44.55 -16.36 -31.97
CA ALA A 27 -43.86 -17.47 -31.31
C ALA A 27 -42.50 -17.04 -30.78
N ILE A 28 -42.14 -17.55 -29.61
CA ILE A 28 -40.83 -17.30 -28.99
C ILE A 28 -40.17 -18.61 -28.59
N ILE A 29 -39.09 -18.98 -29.28
CA ILE A 29 -38.20 -20.06 -28.83
C ILE A 29 -37.10 -19.42 -27.98
N ALA A 30 -36.92 -19.94 -26.76
CA ALA A 30 -35.92 -19.43 -25.82
C ALA A 30 -34.95 -20.54 -25.41
N ILE A 31 -33.67 -20.34 -25.70
CA ILE A 31 -32.63 -21.35 -25.50
C ILE A 31 -31.66 -20.91 -24.41
N HIS A 32 -31.64 -21.67 -23.31
CA HIS A 32 -30.81 -21.37 -22.14
C HIS A 32 -29.38 -21.91 -22.25
N ASP A 33 -29.23 -23.13 -22.77
CA ASP A 33 -27.92 -23.79 -22.84
C ASP A 33 -27.88 -24.88 -23.91
N THR A 34 -26.68 -25.14 -24.43
CA THR A 34 -26.41 -26.22 -25.41
C THR A 34 -25.06 -26.93 -25.16
N THR A 35 -24.60 -26.91 -23.92
CA THR A 35 -23.24 -27.35 -23.57
C THR A 35 -23.15 -28.86 -23.66
N LEU A 36 -24.05 -29.54 -22.94
CA LEU A 36 -24.05 -31.01 -22.86
C LEU A 36 -24.68 -31.69 -24.08
N GLY A 37 -25.50 -30.95 -24.82
CA GLY A 37 -26.06 -31.42 -26.08
C GLY A 37 -27.00 -30.40 -26.71
N PRO A 38 -27.89 -30.85 -27.61
CA PRO A 38 -28.88 -29.91 -28.14
C PRO A 38 -29.94 -29.60 -27.10
N ALA A 39 -30.45 -28.37 -27.14
CA ALA A 39 -31.44 -27.88 -26.18
C ALA A 39 -32.79 -28.56 -26.37
N MET A 40 -33.29 -29.15 -25.29
CA MET A 40 -34.60 -29.78 -25.26
C MET A 40 -35.59 -28.84 -24.59
N GLY A 41 -36.84 -28.91 -25.02
CA GLY A 41 -37.86 -28.01 -24.51
C GLY A 41 -39.22 -28.22 -25.13
N ALA A 42 -40.25 -28.35 -24.30
CA ALA A 42 -41.59 -28.59 -24.80
C ALA A 42 -42.27 -27.28 -25.23
N THR A 43 -43.23 -27.38 -26.15
CA THR A 43 -43.91 -26.21 -26.73
C THR A 43 -45.24 -25.93 -26.03
N ARG A 44 -45.37 -24.74 -25.46
CA ARG A 44 -46.63 -24.29 -24.86
C ARG A 44 -47.36 -23.38 -25.84
N ILE A 45 -48.69 -23.35 -25.72
CA ILE A 45 -49.51 -22.43 -26.52
C ILE A 45 -50.62 -21.85 -25.64
N LEU A 46 -50.23 -20.98 -24.71
CA LEU A 46 -51.15 -20.27 -23.83
C LEU A 46 -51.27 -18.83 -24.31
N PRO A 47 -52.48 -18.23 -24.24
CA PRO A 47 -52.57 -16.80 -24.56
C PRO A 47 -51.99 -15.98 -23.43
N TYR A 48 -51.02 -15.13 -23.77
CA TYR A 48 -50.37 -14.28 -22.79
C TYR A 48 -50.87 -12.85 -22.96
N ILE A 49 -51.24 -12.23 -21.83
CA ILE A 49 -51.77 -10.86 -21.81
C ILE A 49 -50.83 -9.86 -22.49
N ASN A 50 -49.53 -10.11 -22.36
CA ASN A 50 -48.49 -9.17 -22.71
C ASN A 50 -47.35 -9.88 -23.43
N GLU A 51 -46.51 -9.11 -24.10
CA GLU A 51 -45.33 -9.62 -24.80
C GLU A 51 -44.23 -9.97 -23.79
N GLU A 52 -44.11 -9.15 -22.76
CA GLU A 52 -43.23 -9.38 -21.61
C GLU A 52 -43.56 -10.65 -20.80
N ALA A 53 -44.84 -10.99 -20.75
CA ALA A 53 -45.32 -12.16 -20.01
C ALA A 53 -44.86 -13.45 -20.70
N ALA A 54 -45.24 -13.60 -21.97
CA ALA A 54 -44.88 -14.76 -22.80
C ALA A 54 -43.39 -15.05 -22.78
N LEU A 55 -42.58 -13.99 -22.81
CA LEU A 55 -41.13 -14.13 -22.69
C LEU A 55 -40.74 -14.73 -21.34
N LYS A 56 -41.32 -14.20 -20.26
CA LYS A 56 -40.97 -14.64 -18.89
C LYS A 56 -41.26 -16.11 -18.61
N ASP A 57 -42.31 -16.64 -19.24
CA ASP A 57 -42.60 -18.07 -19.19
C ASP A 57 -41.53 -18.85 -19.97
N ALA A 58 -41.27 -18.42 -21.21
CA ALA A 58 -40.23 -19.03 -22.05
C ALA A 58 -38.83 -19.01 -21.42
N LEU A 59 -38.52 -17.94 -20.70
CA LEU A 59 -37.24 -17.79 -20.01
C LEU A 59 -37.13 -18.67 -18.76
N ARG A 60 -38.17 -18.71 -17.94
CA ARG A 60 -38.14 -19.45 -16.66
C ARG A 60 -38.14 -20.98 -16.81
N LEU A 61 -38.73 -21.47 -17.90
CA LEU A 61 -38.85 -22.92 -18.14
C LEU A 61 -37.63 -23.47 -18.90
N SER A 62 -37.08 -22.67 -19.82
CA SER A 62 -35.86 -23.01 -20.54
C SER A 62 -34.64 -23.10 -19.62
N ARG A 63 -34.60 -22.24 -18.61
CA ARG A 63 -33.61 -22.37 -17.52
C ARG A 63 -33.83 -23.66 -16.73
N GLY A 64 -35.07 -23.96 -16.39
CA GLY A 64 -35.41 -25.20 -15.69
C GLY A 64 -34.93 -26.45 -16.41
N MET A 65 -35.18 -26.50 -17.72
CA MET A 65 -34.85 -27.69 -18.53
C MET A 65 -33.35 -27.93 -18.68
N THR A 66 -32.56 -26.89 -18.41
CA THR A 66 -31.11 -27.03 -18.20
C THR A 66 -30.80 -27.86 -16.94
N TYR A 67 -31.45 -27.47 -15.84
CA TYR A 67 -31.22 -28.07 -14.53
C TYR A 67 -31.83 -29.47 -14.41
N LYS A 68 -32.96 -29.67 -15.07
CA LYS A 68 -33.60 -31.00 -15.14
C LYS A 68 -32.81 -31.99 -16.00
N ALA A 69 -32.12 -31.49 -17.02
CA ALA A 69 -31.36 -32.33 -17.95
C ALA A 69 -29.96 -32.65 -17.41
N ALA A 70 -29.32 -31.66 -16.81
CA ALA A 70 -27.97 -31.80 -16.26
C ALA A 70 -27.90 -32.82 -15.11
N CYS A 71 -28.79 -32.65 -14.14
CA CYS A 71 -28.89 -33.55 -12.98
C CYS A 71 -29.16 -34.99 -13.41
N ALA A 72 -30.08 -35.17 -14.36
CA ALA A 72 -30.38 -36.49 -14.95
C ALA A 72 -29.19 -37.16 -15.67
N ASN A 73 -28.16 -36.39 -15.98
CA ASN A 73 -26.91 -36.87 -16.62
C ASN A 73 -27.20 -37.41 -18.02
N ILE A 74 -27.83 -36.57 -18.83
CA ILE A 74 -28.08 -36.83 -20.26
C ILE A 74 -27.41 -35.72 -21.08
N PRO A 75 -26.94 -36.03 -22.31
CA PRO A 75 -26.25 -35.02 -23.08
C PRO A 75 -27.28 -34.10 -23.73
N ALA A 76 -27.65 -33.06 -23.00
CA ALA A 76 -28.73 -32.16 -23.41
C ALA A 76 -28.67 -30.84 -22.67
N GLY A 77 -29.18 -29.80 -23.34
CA GLY A 77 -29.24 -28.45 -22.76
C GLY A 77 -30.61 -28.16 -22.18
N GLY A 78 -30.96 -26.88 -22.14
CA GLY A 78 -32.26 -26.42 -21.67
C GLY A 78 -32.88 -25.42 -22.63
N GLY A 79 -34.07 -25.74 -23.12
CA GLY A 79 -34.81 -24.87 -24.02
C GLY A 79 -36.28 -24.82 -23.66
N LYS A 80 -36.99 -23.90 -24.31
CA LYS A 80 -38.43 -23.81 -24.22
C LYS A 80 -39.00 -22.97 -25.36
N ALA A 81 -40.14 -23.40 -25.88
CA ALA A 81 -40.84 -22.70 -26.94
C ALA A 81 -42.26 -22.37 -26.50
N VAL A 82 -42.74 -21.17 -26.83
CA VAL A 82 -44.11 -20.75 -26.52
C VAL A 82 -44.72 -20.00 -27.70
N ILE A 83 -46.05 -20.06 -27.78
CA ILE A 83 -46.83 -19.34 -28.78
C ILE A 83 -47.94 -18.58 -28.05
N ILE A 84 -48.14 -17.31 -28.44
CA ILE A 84 -49.20 -16.48 -27.91
C ILE A 84 -50.41 -16.74 -28.78
N ALA A 85 -51.38 -17.48 -28.23
CA ALA A 85 -52.61 -17.80 -28.96
C ALA A 85 -53.70 -18.25 -28.00
N ASN A 86 -54.96 -18.00 -28.37
CA ASN A 86 -56.10 -18.52 -27.63
C ASN A 86 -56.19 -20.03 -27.89
N PRO A 87 -56.58 -20.83 -26.88
CA PRO A 87 -56.78 -22.27 -27.12
C PRO A 87 -57.71 -22.50 -28.31
N GLU A 88 -58.77 -21.69 -28.36
CA GLU A 88 -59.76 -21.67 -29.45
C GLU A 88 -59.10 -21.58 -30.84
N ASN A 89 -58.16 -20.65 -30.98
CA ASN A 89 -57.44 -20.37 -32.25
C ASN A 89 -56.26 -21.30 -32.54
N LYS A 90 -56.45 -22.24 -33.49
CA LYS A 90 -55.38 -23.12 -33.93
C LYS A 90 -55.66 -23.65 -35.34
N THR A 91 -54.73 -23.39 -36.25
CA THR A 91 -54.79 -23.86 -37.64
C THR A 91 -53.81 -25.04 -37.80
N ASP A 92 -54.04 -25.90 -38.81
CA ASP A 92 -53.04 -26.92 -39.20
C ASP A 92 -51.78 -26.25 -39.80
N ASP A 93 -52.01 -25.24 -40.64
CA ASP A 93 -50.97 -24.28 -41.10
C ASP A 93 -50.18 -23.57 -39.99
N LEU A 94 -50.88 -23.10 -38.96
CA LEU A 94 -50.27 -22.39 -37.81
C LEU A 94 -49.20 -23.26 -37.18
N LEU A 95 -49.55 -24.51 -36.98
CA LEU A 95 -48.69 -25.49 -36.36
C LEU A 95 -47.57 -25.93 -37.32
N ARG A 96 -47.93 -26.10 -38.59
CA ARG A 96 -46.95 -26.36 -39.66
C ARG A 96 -45.93 -25.23 -39.81
N ALA A 97 -46.41 -24.00 -39.66
CA ALA A 97 -45.56 -22.81 -39.73
C ALA A 97 -44.52 -22.84 -38.62
N TYR A 98 -45.01 -22.94 -37.38
CA TYR A 98 -44.15 -23.18 -36.21
C TYR A 98 -43.14 -24.31 -36.43
N GLY A 99 -43.58 -25.37 -37.12
CA GLY A 99 -42.71 -26.48 -37.53
C GLY A 99 -41.56 -26.11 -38.43
N ARG A 100 -41.76 -25.12 -39.30
CA ARG A 100 -40.66 -24.56 -40.11
C ARG A 100 -39.63 -23.81 -39.24
N PHE A 101 -40.09 -23.19 -38.16
CA PHE A 101 -39.24 -22.39 -37.28
C PHE A 101 -38.34 -23.22 -36.37
N VAL A 102 -38.86 -24.34 -35.84
CA VAL A 102 -38.04 -25.25 -35.03
C VAL A 102 -36.98 -25.95 -35.90
N ASP A 103 -37.37 -26.28 -37.13
CA ASP A 103 -36.50 -26.92 -38.13
C ASP A 103 -35.28 -26.07 -38.46
N SER A 104 -35.53 -24.80 -38.71
CA SER A 104 -34.48 -23.81 -38.97
C SER A 104 -33.29 -23.89 -38.01
N LEU A 105 -33.57 -24.19 -36.75
CA LEU A 105 -32.53 -24.41 -35.74
C LEU A 105 -31.68 -25.68 -35.94
N ASN A 106 -32.05 -26.55 -36.87
CA ASN A 106 -31.16 -27.60 -37.40
C ASN A 106 -30.69 -28.61 -36.36
N GLY A 107 -31.61 -29.00 -35.48
CA GLY A 107 -31.31 -29.89 -34.37
C GLY A 107 -30.55 -29.25 -33.22
N ARG A 108 -30.61 -27.92 -33.14
CA ARG A 108 -30.11 -27.15 -31.99
C ARG A 108 -31.22 -26.97 -30.96
N PHE A 109 -32.49 -26.98 -31.42
CA PHE A 109 -33.66 -27.00 -30.54
C PHE A 109 -34.59 -28.18 -30.87
N ILE A 110 -34.67 -29.12 -29.92
CA ILE A 110 -35.56 -30.28 -30.00
C ILE A 110 -36.83 -30.00 -29.19
N THR A 111 -37.93 -29.78 -29.90
CA THR A 111 -39.18 -29.40 -29.24
C THR A 111 -39.93 -30.64 -28.71
N GLY A 112 -41.01 -30.38 -27.98
CA GLY A 112 -41.81 -31.44 -27.35
C GLY A 112 -43.24 -31.02 -27.09
N GLN A 113 -44.07 -31.97 -26.65
CA GLN A 113 -45.47 -31.69 -26.34
C GLN A 113 -45.62 -31.02 -24.97
N ASP A 114 -46.68 -30.25 -24.82
CA ASP A 114 -47.00 -29.55 -23.58
C ASP A 114 -48.42 -28.99 -23.65
N VAL A 115 -48.71 -28.02 -22.78
CA VAL A 115 -50.04 -27.46 -22.59
C VAL A 115 -50.65 -26.99 -23.91
N ASN A 116 -51.89 -27.40 -24.15
CA ASN A 116 -52.68 -27.01 -25.32
C ASN A 116 -52.23 -27.53 -26.69
N ILE A 117 -51.11 -28.25 -26.77
CA ILE A 117 -50.64 -28.85 -28.03
C ILE A 117 -50.64 -30.39 -27.91
N THR A 118 -51.64 -30.99 -28.55
CA THR A 118 -51.94 -32.42 -28.40
C THR A 118 -50.95 -33.32 -29.17
N PRO A 119 -50.91 -34.64 -28.85
CA PRO A 119 -50.10 -35.63 -29.57
C PRO A 119 -50.28 -35.75 -31.09
N ASP A 120 -51.42 -35.30 -31.63
CA ASP A 120 -51.61 -35.22 -33.09
C ASP A 120 -51.19 -33.86 -33.67
N ASP A 121 -51.22 -32.81 -32.86
CA ASP A 121 -50.57 -31.55 -33.23
C ASP A 121 -49.07 -31.76 -33.42
N VAL A 122 -48.49 -32.51 -32.50
CA VAL A 122 -47.09 -32.95 -32.60
C VAL A 122 -46.83 -33.67 -33.92
N ARG A 123 -47.78 -34.51 -34.35
CA ARG A 123 -47.76 -35.13 -35.69
C ARG A 123 -47.94 -34.09 -36.81
N THR A 124 -48.91 -33.19 -36.62
CA THR A 124 -49.16 -32.06 -37.54
C THR A 124 -47.86 -31.32 -37.84
N ILE A 125 -47.12 -31.06 -36.77
CA ILE A 125 -45.75 -30.55 -36.83
C ILE A 125 -44.82 -31.63 -37.39
N THR A 129 -40.25 -30.58 -40.10
CA THR A 129 -39.33 -30.34 -38.99
C THR A 129 -38.43 -31.53 -38.65
N LYS A 130 -39.08 -32.65 -38.31
CA LYS A 130 -38.45 -33.84 -37.72
C LYS A 130 -37.61 -33.62 -36.45
N TYR A 131 -38.00 -32.66 -35.60
CA TYR A 131 -37.31 -32.42 -34.32
C TYR A 131 -38.32 -32.27 -33.20
N VAL A 132 -39.12 -33.32 -33.03
CA VAL A 132 -40.17 -33.37 -32.03
C VAL A 132 -40.16 -34.71 -31.33
N VAL A 133 -40.83 -34.77 -30.19
CA VAL A 133 -40.91 -35.99 -29.39
C VAL A 133 -42.04 -35.88 -28.36
N PRO A 142 -44.27 -45.05 -20.71
CA PRO A 142 -43.87 -43.75 -20.17
C PRO A 142 -44.04 -43.67 -18.65
N ALA A 143 -45.21 -44.06 -18.16
CA ALA A 143 -45.52 -44.08 -16.72
C ALA A 143 -44.64 -45.05 -15.89
N PRO A 144 -44.41 -46.29 -16.38
CA PRO A 144 -43.64 -47.28 -15.60
C PRO A 144 -42.22 -46.86 -15.26
N ILE A 145 -41.51 -46.37 -16.27
CA ILE A 145 -40.12 -45.92 -16.14
C ILE A 145 -40.03 -44.67 -15.27
N THR A 146 -41.06 -43.83 -15.29
CA THR A 146 -41.17 -42.69 -14.37
C THR A 146 -41.28 -43.17 -12.93
N SER A 147 -42.21 -44.08 -12.69
CA SER A 147 -42.47 -44.63 -11.34
C SER A 147 -41.33 -45.50 -10.78
N LEU A 148 -40.54 -46.08 -11.68
CA LEU A 148 -39.30 -46.77 -11.29
C LEU A 148 -38.27 -45.75 -10.82
N GLY A 149 -38.22 -44.61 -11.52
CA GLY A 149 -37.33 -43.49 -11.19
C GLY A 149 -37.43 -43.01 -9.76
N VAL A 150 -38.67 -42.84 -9.28
CA VAL A 150 -38.91 -42.47 -7.88
C VAL A 150 -38.55 -43.62 -6.91
N PHE A 151 -38.87 -44.85 -7.30
CA PHE A 151 -38.53 -46.06 -6.51
C PHE A 151 -37.02 -46.14 -6.21
N LEU A 152 -36.21 -45.77 -7.20
CA LEU A 152 -34.76 -45.62 -7.02
C LEU A 152 -34.42 -44.42 -6.15
N GLY A 153 -35.12 -43.32 -6.40
CA GLY A 153 -34.99 -42.11 -5.58
C GLY A 153 -35.33 -42.30 -4.12
N ILE A 154 -36.27 -43.19 -3.83
CA ILE A 154 -36.61 -43.57 -2.46
C ILE A 154 -35.41 -44.29 -1.83
N LYS A 155 -34.98 -45.37 -2.48
CA LYS A 155 -33.82 -46.17 -2.06
C LYS A 155 -32.59 -45.32 -1.81
N ALA A 156 -32.30 -44.43 -2.76
CA ALA A 156 -31.20 -43.48 -2.65
C ALA A 156 -31.34 -42.61 -1.40
N ALA A 157 -32.54 -42.08 -1.18
CA ALA A 157 -32.84 -41.20 -0.05
C ALA A 157 -32.66 -41.90 1.31
N VAL A 158 -33.03 -43.17 1.38
CA VAL A 158 -32.85 -43.97 2.60
C VAL A 158 -31.37 -44.11 2.98
N GLU A 159 -30.52 -44.28 1.97
CA GLU A 159 -29.08 -44.50 2.16
C GLU A 159 -28.39 -43.31 2.82
N SER A 160 -28.76 -42.10 2.38
CA SER A 160 -28.18 -40.87 2.91
C SER A 160 -28.54 -40.66 4.38
N ARG A 161 -29.80 -40.89 4.73
CA ARG A 161 -30.30 -40.66 6.09
C ARG A 161 -30.09 -41.85 7.03
N TRP A 162 -30.45 -43.04 6.56
CA TRP A 162 -30.49 -44.26 7.40
C TRP A 162 -29.42 -45.34 7.17
N GLN A 163 -28.62 -45.22 6.12
CA GLN A 163 -27.50 -46.14 5.85
C GLN A 163 -27.90 -47.63 5.63
N SER A 164 -29.12 -47.87 5.15
CA SER A 164 -29.64 -49.23 4.92
C SER A 164 -30.24 -49.38 3.52
N LYS A 165 -30.08 -50.57 2.94
CA LYS A 165 -30.52 -50.86 1.57
C LYS A 165 -31.80 -51.68 1.44
N ARG A 166 -32.25 -52.30 2.53
CA ARG A 166 -33.54 -53.01 2.55
C ARG A 166 -34.64 -52.07 3.03
N LEU A 167 -35.77 -52.10 2.32
CA LEU A 167 -36.92 -51.24 2.63
C LEU A 167 -38.06 -51.96 3.36
N ASP A 168 -37.92 -53.26 3.63
CA ASP A 168 -39.03 -54.05 4.20
C ASP A 168 -39.39 -53.59 5.60
N GLY A 169 -40.69 -53.59 5.91
CA GLY A 169 -41.19 -53.16 7.22
C GLY A 169 -41.33 -51.66 7.44
N MET A 170 -40.78 -50.85 6.55
CA MET A 170 -40.88 -49.40 6.63
C MET A 170 -42.27 -48.94 6.23
N LYS A 171 -42.58 -47.68 6.55
CA LYS A 171 -43.90 -47.10 6.33
C LYS A 171 -43.82 -45.94 5.36
N VAL A 172 -44.64 -45.98 4.31
CA VAL A 172 -44.63 -44.97 3.25
C VAL A 172 -46.06 -44.52 2.96
N ALA A 173 -46.20 -43.22 2.70
CA ALA A 173 -47.45 -42.63 2.29
C ALA A 173 -47.33 -42.35 0.80
N VAL A 174 -48.45 -42.52 0.08
CA VAL A 174 -48.52 -42.26 -1.36
C VAL A 174 -49.75 -41.40 -1.61
N GLN A 175 -49.52 -40.21 -2.17
CA GLN A 175 -50.61 -39.34 -2.59
C GLN A 175 -50.88 -39.58 -4.07
N GLY A 176 -52.14 -39.84 -4.39
CA GLY A 176 -52.57 -40.10 -5.77
C GLY A 176 -52.19 -41.48 -6.26
N LEU A 177 -53.12 -42.10 -7.01
CA LEU A 177 -52.93 -43.41 -7.59
C LEU A 177 -53.34 -43.36 -9.07
N GLY A 178 -52.68 -42.48 -9.82
CA GLY A 178 -52.69 -42.56 -11.28
C GLY A 178 -51.93 -43.81 -11.70
N ASN A 179 -51.73 -43.98 -13.00
CA ASN A 179 -50.88 -45.08 -13.50
C ASN A 179 -49.50 -44.96 -12.85
N VAL A 180 -49.00 -43.71 -12.85
CA VAL A 180 -47.73 -43.34 -12.23
C VAL A 180 -47.74 -43.69 -10.74
N GLY A 181 -48.78 -43.23 -10.05
CA GLY A 181 -48.93 -43.48 -8.62
C GLY A 181 -49.10 -44.93 -8.23
N LYS A 182 -49.81 -45.70 -9.06
CA LYS A 182 -50.06 -47.12 -8.78
C LYS A 182 -48.80 -47.97 -8.86
N ASN A 183 -48.13 -47.92 -10.01
CA ASN A 183 -46.88 -48.67 -10.21
C ASN A 183 -45.85 -48.47 -9.10
N LEU A 184 -45.86 -47.30 -8.48
CA LEU A 184 -45.06 -47.03 -7.29
C LEU A 184 -45.46 -47.92 -6.09
N CYS A 185 -46.76 -47.97 -5.81
CA CYS A 185 -47.29 -48.83 -4.72
C CYS A 185 -46.97 -50.31 -4.95
N ARG A 186 -47.03 -50.77 -6.19
CA ARG A 186 -46.66 -52.14 -6.55
C ARG A 186 -45.21 -52.45 -6.15
N HIS A 187 -44.28 -51.65 -6.68
CA HIS A 187 -42.84 -51.80 -6.38
C HIS A 187 -42.53 -51.79 -4.88
N LEU A 188 -43.23 -50.92 -4.15
CA LEU A 188 -43.10 -50.83 -2.70
C LEU A 188 -43.70 -52.05 -1.99
N HIS A 189 -44.91 -52.44 -2.39
CA HIS A 189 -45.55 -53.65 -1.87
C HIS A 189 -44.68 -54.88 -2.13
N GLU A 190 -44.24 -55.04 -3.36
CA GLU A 190 -43.40 -56.19 -3.74
C GLU A 190 -41.98 -56.19 -3.13
N HIS A 191 -41.62 -55.13 -2.38
CA HIS A 191 -40.47 -55.13 -1.48
C HIS A 191 -40.88 -55.08 0.02
N ASP A 192 -42.06 -55.62 0.32
CA ASP A 192 -42.60 -55.74 1.70
C ASP A 192 -42.72 -54.42 2.48
N VAL A 193 -43.22 -53.38 1.81
CA VAL A 193 -43.44 -52.06 2.42
C VAL A 193 -44.92 -51.89 2.79
N GLN A 194 -45.16 -51.41 4.02
CA GLN A 194 -46.53 -51.10 4.48
C GLN A 194 -46.93 -49.75 3.90
N LEU A 195 -48.09 -49.73 3.25
CA LEU A 195 -48.56 -48.57 2.47
C LEU A 195 -49.82 -47.92 3.04
N PHE A 196 -49.79 -46.59 3.05
CA PHE A 196 -50.97 -45.75 3.23
C PHE A 196 -51.19 -45.03 1.90
N VAL A 197 -52.45 -45.02 1.44
CA VAL A 197 -52.77 -44.48 0.12
C VAL A 197 -53.88 -43.45 0.14
N SER A 198 -53.93 -42.67 -0.92
CA SER A 198 -54.91 -41.61 -1.10
C SER A 198 -55.09 -41.37 -2.58
N ASP A 199 -56.33 -41.10 -2.99
CA ASP A 199 -56.61 -40.62 -4.34
C ASP A 199 -57.72 -39.56 -4.27
N VAL A 200 -57.58 -38.55 -5.12
CA VAL A 200 -58.42 -37.37 -5.05
C VAL A 200 -59.89 -37.70 -5.41
N ASP A 201 -60.07 -38.77 -6.19
CA ASP A 201 -61.36 -39.45 -6.36
C ASP A 201 -61.25 -40.84 -5.74
N PRO A 202 -62.31 -41.30 -5.02
CA PRO A 202 -62.23 -42.58 -4.29
C PRO A 202 -62.32 -43.85 -5.15
N ILE A 203 -62.75 -43.69 -6.40
CA ILE A 203 -62.96 -44.79 -7.38
C ILE A 203 -61.83 -45.83 -7.47
N LYS A 204 -60.57 -45.35 -7.47
CA LYS A 204 -59.39 -46.19 -7.72
C LYS A 204 -58.50 -46.39 -6.50
N ALA A 205 -58.96 -45.92 -5.34
CA ALA A 205 -58.28 -46.19 -4.06
C ALA A 205 -58.60 -47.60 -3.55
N GLU A 206 -59.85 -48.02 -3.74
CA GLU A 206 -60.35 -49.34 -3.34
C GLU A 206 -59.63 -50.51 -4.08
N GLU A 207 -59.16 -50.26 -5.30
CA GLU A 207 -58.41 -51.28 -6.05
C GLU A 207 -57.01 -51.53 -5.48
N VAL A 208 -56.36 -50.46 -5.04
CA VAL A 208 -55.04 -50.58 -4.42
C VAL A 208 -55.11 -51.24 -3.05
N LYS A 209 -56.21 -51.01 -2.32
CA LYS A 209 -56.49 -51.73 -1.08
C LYS A 209 -56.48 -53.25 -1.36
N ARG A 210 -57.31 -53.67 -2.31
CA ARG A 210 -57.44 -55.09 -2.67
C ARG A 210 -56.20 -55.71 -3.33
N LEU A 211 -55.58 -54.99 -4.27
CA LEU A 211 -54.45 -55.52 -5.03
C LEU A 211 -53.18 -55.75 -4.18
N PHE A 212 -52.93 -54.82 -3.26
CA PHE A 212 -51.69 -54.83 -2.46
C PHE A 212 -51.86 -54.86 -0.93
N GLY A 213 -53.08 -54.65 -0.43
CA GLY A 213 -53.30 -54.65 1.02
C GLY A 213 -52.70 -53.43 1.70
N ALA A 214 -53.17 -52.26 1.30
CA ALA A 214 -52.82 -50.99 1.92
C ALA A 214 -53.93 -50.50 2.84
N THR A 215 -53.64 -49.45 3.60
CA THR A 215 -54.61 -48.77 4.47
C THR A 215 -55.03 -47.45 3.81
N VAL A 216 -56.24 -47.43 3.25
CA VAL A 216 -56.75 -46.27 2.50
C VAL A 216 -57.18 -45.16 3.46
N VAL A 217 -56.63 -43.97 3.25
CA VAL A 217 -56.99 -42.77 4.01
C VAL A 217 -57.67 -41.74 3.10
N GLU A 218 -58.23 -40.71 3.73
CA GLU A 218 -58.83 -39.60 3.01
C GLU A 218 -57.73 -38.70 2.42
N PRO A 219 -58.06 -37.87 1.41
CA PRO A 219 -57.12 -36.89 0.84
C PRO A 219 -56.42 -35.97 1.84
N THR A 220 -57.13 -35.55 2.89
CA THR A 220 -56.60 -34.62 3.88
C THR A 220 -55.70 -35.30 4.92
N GLU A 221 -56.05 -36.52 5.31
CA GLU A 221 -55.37 -37.24 6.39
C GLU A 221 -53.90 -37.62 6.14
N ILE A 222 -53.52 -37.79 4.87
CA ILE A 222 -52.22 -38.36 4.48
C ILE A 222 -50.96 -37.59 4.95
N TYR A 223 -51.08 -36.27 5.11
CA TYR A 223 -49.93 -35.44 5.53
C TYR A 223 -49.54 -35.70 6.99
N SER A 224 -50.55 -35.96 7.82
CA SER A 224 -50.41 -36.11 9.27
C SER A 224 -49.77 -37.41 9.77
N LEU A 225 -49.88 -38.48 8.97
CA LEU A 225 -49.44 -39.83 9.38
C LEU A 225 -47.97 -39.88 9.75
N ASP A 226 -47.66 -40.50 10.89
CA ASP A 226 -46.27 -40.77 11.29
C ASP A 226 -45.75 -41.98 10.52
N VAL A 227 -45.12 -41.69 9.38
CA VAL A 227 -44.58 -42.70 8.48
C VAL A 227 -43.12 -42.36 8.21
N ASP A 228 -42.35 -43.34 7.76
CA ASP A 228 -40.93 -43.12 7.48
C ASP A 228 -40.70 -42.15 6.32
N ILE A 229 -41.55 -42.22 5.31
CA ILE A 229 -41.36 -41.48 4.06
C ILE A 229 -42.70 -41.05 3.44
N PHE A 230 -42.69 -39.90 2.78
CA PHE A 230 -43.86 -39.37 2.07
C PHE A 230 -43.58 -39.29 0.57
N ALA A 231 -44.42 -39.96 -0.23
CA ALA A 231 -44.23 -40.05 -1.69
C ALA A 231 -45.43 -39.47 -2.44
N PRO A 232 -45.48 -38.13 -2.57
CA PRO A 232 -46.57 -37.50 -3.31
C PRO A 232 -46.45 -37.64 -4.82
N CYS A 233 -47.56 -38.00 -5.46
CA CYS A 233 -47.59 -38.26 -6.91
C CYS A 233 -48.86 -37.73 -7.60
N ALA A 234 -49.54 -36.77 -6.99
CA ALA A 234 -50.81 -36.25 -7.53
C ALA A 234 -50.67 -34.86 -8.15
N LEU A 235 -50.26 -33.90 -7.33
CA LEU A 235 -50.23 -32.49 -7.73
C LEU A 235 -49.09 -31.73 -7.08
N GLY A 236 -48.66 -30.66 -7.76
CA GLY A 236 -47.70 -29.71 -7.21
C GLY A 236 -48.35 -28.81 -6.17
N GLY A 237 -47.50 -28.11 -5.43
CA GLY A 237 -47.94 -27.11 -4.46
C GLY A 237 -48.59 -27.69 -3.22
N ILE A 238 -48.06 -28.82 -2.77
CA ILE A 238 -48.58 -29.53 -1.59
C ILE A 238 -47.76 -29.26 -0.34
N LEU A 239 -46.45 -29.15 -0.49
CA LEU A 239 -45.57 -28.74 0.58
C LEU A 239 -45.70 -27.22 0.71
N ASN A 240 -46.61 -26.80 1.59
CA ASN A 240 -46.84 -25.39 1.90
C ASN A 240 -47.06 -25.16 3.38
N SER A 241 -46.93 -23.91 3.81
CA SER A 241 -46.97 -23.50 5.23
C SER A 241 -48.13 -24.08 6.05
N HIS A 242 -49.25 -24.40 5.40
CA HIS A 242 -50.35 -25.15 6.04
C HIS A 242 -49.98 -26.63 6.27
N THR A 243 -49.48 -27.28 5.21
CA THR A 243 -49.12 -28.71 5.21
C THR A 243 -47.80 -29.04 5.90
N ILE A 244 -46.77 -28.25 5.61
CA ILE A 244 -45.38 -28.60 5.99
C ILE A 244 -45.06 -28.76 7.49
N PRO A 245 -45.85 -28.15 8.40
CA PRO A 245 -45.66 -28.49 9.82
C PRO A 245 -46.26 -29.84 10.25
N PHE A 246 -47.31 -30.31 9.55
CA PHE A 246 -48.01 -31.56 9.90
C PHE A 246 -47.23 -32.84 9.61
N LEU A 247 -46.20 -32.76 8.79
CA LEU A 247 -45.39 -33.92 8.42
C LEU A 247 -44.57 -34.45 9.61
N GLN A 248 -44.79 -35.73 9.92
CA GLN A 248 -43.89 -36.48 10.79
C GLN A 248 -42.75 -37.04 9.95
N ALA A 249 -43.07 -37.48 8.73
CA ALA A 249 -42.15 -38.20 7.85
C ALA A 249 -40.78 -37.54 7.62
N SER A 250 -39.74 -38.33 7.75
CA SER A 250 -38.36 -37.86 7.67
C SER A 250 -37.84 -37.75 6.23
N ILE A 251 -38.48 -38.46 5.30
CA ILE A 251 -38.07 -38.46 3.88
C ILE A 251 -39.27 -38.09 3.02
N ILE A 252 -39.01 -37.34 1.94
CA ILE A 252 -40.05 -36.91 0.98
C ILE A 252 -39.53 -37.09 -0.44
N ALA A 253 -39.74 -38.29 -0.98
CA ALA A 253 -39.37 -38.62 -2.35
C ALA A 253 -40.62 -39.00 -3.12
N GLY A 254 -41.08 -38.07 -3.96
CA GLY A 254 -42.32 -38.23 -4.73
C GLY A 254 -42.20 -37.83 -6.20
N ALA A 255 -43.16 -38.28 -7.00
CA ALA A 255 -43.13 -38.18 -8.47
C ALA A 255 -43.89 -36.99 -9.06
N ALA A 256 -44.67 -36.28 -8.24
CA ALA A 256 -45.35 -35.07 -8.68
C ALA A 256 -44.34 -33.93 -8.88
N ASN A 257 -44.63 -33.02 -9.81
CA ASN A 257 -43.75 -31.87 -10.10
C ASN A 257 -44.19 -30.61 -9.33
N ASN A 258 -43.20 -29.79 -8.98
CA ASN A 258 -43.41 -28.53 -8.24
C ASN A 258 -44.07 -28.75 -6.90
N GLN A 259 -43.51 -29.66 -6.13
CA GLN A 259 -44.09 -30.08 -4.85
C GLN A 259 -44.02 -28.93 -3.84
N LEU A 260 -42.86 -28.29 -3.74
CA LEU A 260 -42.69 -27.13 -2.88
C LEU A 260 -43.47 -25.97 -3.46
N GLU A 261 -44.44 -25.45 -2.70
CA GLU A 261 -45.23 -24.28 -3.13
C GLU A 261 -44.34 -23.07 -3.41
N ASN A 262 -43.40 -22.82 -2.51
CA ASN A 262 -42.47 -21.69 -2.59
C ASN A 262 -41.07 -22.24 -2.82
N GLU A 263 -40.40 -21.69 -3.84
CA GLU A 263 -39.10 -22.17 -4.29
C GLU A 263 -38.13 -22.36 -3.15
N GLN A 264 -37.90 -21.28 -2.39
CA GLN A 264 -36.87 -21.25 -1.34
C GLN A 264 -37.39 -21.25 0.09
N LEU A 265 -38.64 -20.83 0.30
CA LEU A 265 -39.15 -20.64 1.66
C LEU A 265 -39.47 -21.95 2.36
N HIS A 266 -40.10 -22.87 1.64
CA HIS A 266 -40.55 -24.15 2.22
C HIS A 266 -39.49 -25.25 2.21
N SER A 267 -38.51 -25.13 1.31
CA SER A 267 -37.34 -26.00 1.32
C SER A 267 -36.47 -25.84 2.59
N GLN A 268 -36.44 -24.62 3.14
CA GLN A 268 -35.75 -24.33 4.40
C GLN A 268 -36.44 -24.99 5.59
N MET A 269 -37.76 -24.88 5.64
CA MET A 269 -38.57 -25.48 6.72
C MET A 269 -38.28 -26.97 6.84
N LEU A 270 -38.29 -27.66 5.71
CA LEU A 270 -37.92 -29.07 5.63
C LEU A 270 -36.53 -29.32 6.24
N ALA A 271 -35.55 -28.56 5.75
CA ALA A 271 -34.18 -28.61 6.29
C ALA A 271 -34.17 -28.35 7.79
N LYS A 272 -34.85 -27.27 8.20
CA LYS A 272 -34.95 -26.86 9.60
C LYS A 272 -35.47 -27.97 10.51
N LYS A 273 -36.60 -28.55 10.14
CA LYS A 273 -37.21 -29.65 10.91
C LYS A 273 -36.40 -30.95 10.86
N GLY A 274 -35.55 -31.09 9.85
CA GLY A 274 -34.69 -32.27 9.70
C GLY A 274 -35.27 -33.30 8.75
N ILE A 275 -36.30 -32.90 8.01
CA ILE A 275 -36.85 -33.70 6.93
C ILE A 275 -36.02 -33.42 5.69
N LEU A 276 -35.44 -34.45 5.08
CA LEU A 276 -34.65 -34.25 3.86
C LEU A 276 -35.50 -34.50 2.60
N TYR A 277 -35.39 -33.57 1.66
CA TYR A 277 -36.23 -33.48 0.46
C TYR A 277 -35.47 -33.93 -0.77
N SER A 278 -36.11 -34.79 -1.57
CA SER A 278 -35.55 -35.23 -2.84
C SER A 278 -36.14 -34.34 -3.94
N PRO A 279 -35.28 -33.63 -4.72
CA PRO A 279 -35.77 -32.72 -5.76
C PRO A 279 -36.81 -33.29 -6.71
N ASP A 280 -37.89 -32.52 -6.89
CA ASP A 280 -38.99 -32.87 -7.80
C ASP A 280 -38.49 -33.24 -9.20
N TYR A 281 -37.64 -32.41 -9.78
CA TYR A 281 -37.20 -32.53 -11.20
C TYR A 281 -36.23 -33.69 -11.48
N VAL A 282 -35.41 -34.05 -10.48
CA VAL A 282 -34.48 -35.18 -10.62
C VAL A 282 -35.24 -36.50 -10.61
N ILE A 283 -36.25 -36.60 -9.74
CA ILE A 283 -37.09 -37.80 -9.63
C ILE A 283 -37.98 -38.06 -10.86
N ASN A 284 -38.55 -36.97 -11.39
CA ASN A 284 -39.40 -37.06 -12.59
C ASN A 284 -38.63 -37.34 -13.88
N ALA A 285 -37.30 -37.34 -13.81
CA ALA A 285 -36.41 -37.59 -14.94
C ALA A 285 -36.73 -38.85 -15.74
N GLY A 286 -37.28 -39.87 -15.08
CA GLY A 286 -37.75 -41.08 -15.77
C GLY A 286 -38.60 -40.72 -16.98
N GLY A 287 -39.48 -39.73 -16.79
CA GLY A 287 -40.29 -39.14 -17.85
C GLY A 287 -39.46 -38.51 -18.95
N LEU A 288 -38.51 -37.65 -18.58
CA LEU A 288 -37.60 -37.01 -19.53
C LEU A 288 -36.76 -38.03 -20.29
N ILE A 289 -36.07 -38.90 -19.55
CA ILE A 289 -35.11 -39.85 -20.12
C ILE A 289 -35.80 -40.82 -21.10
N ASN A 290 -37.07 -41.11 -20.85
CA ASN A 290 -37.93 -41.79 -21.81
C ASN A 290 -38.00 -40.97 -23.12
N VAL A 291 -38.35 -39.69 -22.96
CA VAL A 291 -38.46 -38.77 -24.09
C VAL A 291 -37.11 -38.61 -24.82
N TYR A 292 -36.02 -38.57 -24.05
CA TYR A 292 -34.69 -38.51 -24.64
C TYR A 292 -34.42 -39.69 -25.58
N ASN A 293 -34.72 -40.89 -25.11
CA ASN A 293 -34.43 -42.11 -25.88
C ASN A 293 -35.26 -42.25 -27.16
N GLU A 294 -36.45 -41.64 -27.18
CA GLU A 294 -37.27 -41.56 -28.40
C GLU A 294 -36.59 -40.73 -29.50
N MET A 295 -35.95 -39.63 -29.15
CA MET A 295 -35.23 -38.76 -30.11
C MET A 295 -34.23 -39.54 -30.94
N ILE A 296 -33.33 -40.24 -30.23
CA ILE A 296 -32.25 -41.00 -30.87
C ILE A 296 -32.74 -42.28 -31.56
N GLY A 297 -33.95 -42.72 -31.23
CA GLY A 297 -34.56 -43.94 -31.79
C GLY A 297 -34.63 -44.93 -30.65
N TYR A 298 -35.84 -45.24 -30.21
CA TYR A 298 -36.03 -45.89 -28.91
C TYR A 298 -35.41 -47.28 -28.79
N ASP A 299 -34.66 -47.46 -27.70
CA ASP A 299 -34.08 -48.72 -27.28
C ASP A 299 -34.39 -48.87 -25.79
N GLU A 300 -35.28 -49.81 -25.45
CA GLU A 300 -35.63 -50.09 -24.06
C GLU A 300 -34.42 -50.59 -23.27
N GLU A 301 -33.64 -51.46 -23.91
CA GLU A 301 -32.42 -52.03 -23.33
C GLU A 301 -31.52 -50.97 -22.70
N LYS A 302 -31.34 -49.86 -23.42
CA LYS A 302 -30.48 -48.76 -22.98
C LYS A 302 -31.16 -47.78 -22.03
N ALA A 303 -32.43 -47.45 -22.33
CA ALA A 303 -33.22 -46.50 -21.53
C ALA A 303 -33.38 -46.91 -20.07
N PHE A 304 -33.53 -48.21 -19.85
CA PHE A 304 -33.76 -48.77 -18.52
C PHE A 304 -32.51 -48.71 -17.63
N LYS A 305 -31.35 -48.49 -18.24
CA LYS A 305 -30.09 -48.21 -17.54
C LYS A 305 -29.92 -46.73 -17.22
N GLN A 306 -30.23 -45.87 -18.19
CA GLN A 306 -30.04 -44.42 -18.07
C GLN A 306 -30.87 -43.76 -16.96
N VAL A 307 -32.02 -44.35 -16.63
CA VAL A 307 -32.82 -43.91 -15.47
C VAL A 307 -32.09 -44.11 -14.12
N HIS A 308 -31.22 -45.10 -14.02
CA HIS A 308 -30.49 -45.33 -12.76
C HIS A 308 -29.55 -44.18 -12.34
N ASN A 309 -29.32 -43.23 -13.24
CA ASN A 309 -28.73 -41.93 -12.90
C ASN A 309 -29.45 -41.15 -11.79
N ILE A 310 -30.74 -41.40 -11.59
CA ILE A 310 -31.49 -40.78 -10.48
C ILE A 310 -30.92 -41.23 -9.12
N TYR A 311 -30.75 -42.54 -8.97
CA TYR A 311 -30.15 -43.12 -7.77
C TYR A 311 -28.77 -42.51 -7.49
N ASP A 312 -27.93 -42.56 -8.51
CA ASP A 312 -26.55 -42.10 -8.41
C ASP A 312 -26.47 -40.60 -8.13
N THR A 313 -27.13 -39.81 -8.97
CA THR A 313 -27.21 -38.34 -8.80
C THR A 313 -27.65 -37.94 -7.39
N LEU A 314 -28.75 -38.53 -6.93
CA LEU A 314 -29.37 -38.15 -5.66
C LEU A 314 -28.41 -38.28 -4.50
N LEU A 315 -27.82 -39.47 -4.37
CA LEU A 315 -26.86 -39.74 -3.29
C LEU A 315 -25.87 -38.59 -3.12
N ALA A 316 -25.35 -38.09 -4.24
CA ALA A 316 -24.46 -36.93 -4.25
C ALA A 316 -25.16 -35.66 -3.76
N ILE A 317 -26.36 -35.38 -4.28
CA ILE A 317 -27.18 -34.20 -3.87
C ILE A 317 -27.39 -34.15 -2.34
N PHE A 318 -27.63 -35.32 -1.74
CA PHE A 318 -27.75 -35.43 -0.29
C PHE A 318 -26.38 -35.24 0.38
N GLU A 319 -25.35 -35.86 -0.21
CA GLU A 319 -23.97 -35.75 0.30
C GLU A 319 -23.39 -34.34 0.22
N ILE A 320 -23.63 -33.67 -0.90
CA ILE A 320 -23.15 -32.31 -1.14
C ILE A 320 -23.89 -31.28 -0.28
N ALA A 321 -25.10 -31.61 0.15
CA ALA A 321 -25.84 -30.79 1.11
C ALA A 321 -25.14 -30.78 2.47
N LYS A 322 -24.88 -31.98 3.00
CA LYS A 322 -24.20 -32.16 4.29
C LYS A 322 -22.79 -31.58 4.37
N GLU A 323 -22.12 -31.54 3.22
CA GLU A 323 -20.75 -31.02 3.12
C GLU A 323 -20.69 -29.50 3.30
N GLN A 324 -21.47 -28.77 2.50
CA GLN A 324 -21.51 -27.32 2.58
C GLN A 324 -22.58 -26.77 3.52
N GLY A 325 -23.51 -27.60 3.96
CA GLY A 325 -24.62 -27.16 4.83
C GLY A 325 -25.61 -26.29 4.08
N VAL A 326 -26.19 -26.84 3.00
CA VAL A 326 -27.18 -26.16 2.15
C VAL A 326 -28.36 -27.08 1.86
N THR A 327 -29.47 -26.49 1.41
CA THR A 327 -30.67 -27.26 1.07
C THR A 327 -30.44 -28.15 -0.15
N THR A 328 -31.29 -29.16 -0.32
CA THR A 328 -31.14 -30.13 -1.42
C THR A 328 -31.44 -29.54 -2.78
N ASN A 329 -32.20 -28.45 -2.81
CA ASN A 329 -32.43 -27.70 -4.05
C ASN A 329 -31.22 -26.85 -4.42
N ASP A 330 -30.68 -26.12 -3.45
CA ASP A 330 -29.41 -25.38 -3.60
C ASP A 330 -28.26 -26.31 -4.00
N ALA A 331 -28.21 -27.46 -3.33
CA ALA A 331 -27.33 -28.57 -3.67
C ALA A 331 -27.47 -29.02 -5.12
N ALA A 332 -28.71 -29.27 -5.52
CA ALA A 332 -29.06 -29.72 -6.87
C ALA A 332 -28.75 -28.69 -7.97
N ARG A 333 -28.73 -27.40 -7.61
CA ARG A 333 -28.25 -26.35 -8.51
C ARG A 333 -26.74 -26.51 -8.75
N ARG A 334 -26.00 -26.69 -7.66
CA ARG A 334 -24.53 -26.80 -7.70
C ARG A 334 -24.02 -27.98 -8.52
N LEU A 335 -24.75 -29.09 -8.48
CA LEU A 335 -24.41 -30.28 -9.25
C LEU A 335 -24.62 -30.07 -10.74
N ALA A 336 -25.80 -29.55 -11.09
CA ALA A 336 -26.13 -29.23 -12.49
C ALA A 336 -25.13 -28.25 -13.09
N GLU A 337 -24.83 -27.21 -12.33
CA GLU A 337 -23.88 -26.19 -12.73
C GLU A 337 -22.46 -26.76 -12.91
N ASP A 338 -21.96 -27.49 -11.91
CA ASP A 338 -20.63 -28.11 -12.01
C ASP A 338 -20.53 -29.23 -13.07
N ARG A 339 -21.66 -29.83 -13.43
CA ARG A 339 -21.72 -30.77 -14.57
C ARG A 339 -21.59 -30.05 -15.92
N ILE A 340 -22.22 -28.89 -16.01
CA ILE A 340 -22.12 -28.01 -17.17
C ILE A 340 -20.70 -27.44 -17.33
N ASN A 341 -20.13 -26.96 -16.23
CA ASN A 341 -18.84 -26.26 -16.24
C ASN A 341 -17.63 -27.13 -16.61
N ASN A 342 -17.75 -28.43 -16.37
CA ASN A 342 -16.77 -29.41 -16.85
C ASN A 342 -16.93 -29.66 -18.36
N SER A 343 -18.17 -29.92 -18.77
CA SER A 343 -18.46 -30.43 -20.11
C SER A 343 -18.32 -29.35 -21.20
N LEU B 2 -14.41 -25.82 24.05
CA LEU B 2 -13.45 -24.78 23.55
C LEU B 2 -12.75 -25.28 22.29
N LEU B 3 -11.96 -26.33 22.46
CA LEU B 3 -11.17 -26.91 21.37
C LEU B 3 -12.08 -27.49 20.29
N PHE B 4 -13.06 -28.29 20.71
CA PHE B 4 -13.93 -29.00 19.76
C PHE B 4 -14.81 -28.12 18.90
N GLU B 5 -15.26 -27.00 19.45
CA GLU B 5 -16.08 -26.03 18.72
C GLU B 5 -15.30 -25.40 17.56
N THR B 6 -14.06 -25.02 17.84
CA THR B 6 -13.18 -24.42 16.82
C THR B 6 -12.89 -25.39 15.68
N VAL B 7 -12.75 -26.67 16.00
CA VAL B 7 -12.49 -27.72 14.99
C VAL B 7 -13.66 -27.81 14.00
N ARG B 8 -14.88 -27.61 14.50
CA ARG B 8 -16.09 -27.62 13.67
C ARG B 8 -16.08 -26.50 12.62
N GLU B 9 -15.56 -25.34 13.00
CA GLU B 9 -15.46 -24.19 12.10
C GLU B 9 -14.32 -24.33 11.06
N MET B 10 -13.23 -24.99 11.46
CA MET B 10 -12.05 -25.16 10.59
C MET B 10 -12.03 -26.49 9.82
N GLY B 11 -12.49 -27.56 10.46
CA GLY B 11 -12.63 -28.88 9.84
C GLY B 11 -11.42 -29.80 9.97
N HIS B 12 -10.73 -29.73 11.11
CA HIS B 12 -9.56 -30.59 11.36
C HIS B 12 -9.97 -32.04 11.63
N GLU B 13 -9.04 -32.96 11.37
CA GLU B 13 -9.26 -34.41 11.55
C GLU B 13 -8.91 -34.86 12.96
N GLN B 14 -7.72 -34.48 13.42
CA GLN B 14 -7.27 -34.82 14.77
C GLN B 14 -6.17 -33.89 15.28
N VAL B 15 -6.01 -33.88 16.61
CA VAL B 15 -5.08 -32.99 17.29
C VAL B 15 -4.39 -33.75 18.41
N LEU B 16 -3.07 -33.86 18.32
CA LEU B 16 -2.26 -34.54 19.32
C LEU B 16 -1.61 -33.52 20.26
N PHE B 17 -1.74 -33.77 21.56
CA PHE B 17 -1.07 -32.99 22.60
C PHE B 17 0.03 -33.88 23.20
N CYS B 18 1.22 -33.73 22.65
CA CYS B 18 2.35 -34.56 23.03
C CYS B 18 3.09 -34.01 24.25
N HIS B 19 3.68 -34.91 25.04
CA HIS B 19 4.34 -34.56 26.31
C HIS B 19 5.32 -35.60 26.84
N SER B 20 6.37 -35.12 27.51
CA SER B 20 7.35 -35.97 28.20
C SER B 20 8.11 -35.21 29.28
N PRO B 23 13.65 -35.47 28.77
CA PRO B 23 13.41 -34.44 27.76
C PRO B 23 12.06 -33.73 28.00
N GLU B 24 12.13 -32.53 28.56
CA GLU B 24 10.95 -31.78 28.95
C GLU B 24 10.28 -31.15 27.73
N ILE B 25 9.12 -31.69 27.36
CA ILE B 25 8.40 -31.30 26.14
C ILE B 25 7.04 -30.71 26.47
N LYS B 26 6.66 -29.72 25.68
CA LYS B 26 5.27 -29.30 25.50
C LYS B 26 5.09 -29.06 24.00
N ALA B 27 4.53 -30.04 23.31
CA ALA B 27 4.41 -30.03 21.85
C ALA B 27 3.02 -30.38 21.37
N ILE B 28 2.63 -29.81 20.23
CA ILE B 28 1.30 -30.01 19.63
C ILE B 28 1.42 -30.27 18.12
N ILE B 29 1.10 -31.49 17.71
CA ILE B 29 0.88 -31.81 16.29
C ILE B 29 -0.63 -31.66 16.04
N ALA B 30 -0.97 -30.92 14.99
CA ALA B 30 -2.36 -30.75 14.56
C ALA B 30 -2.44 -31.21 13.11
N ILE B 31 -3.46 -32.01 12.81
CA ILE B 31 -3.64 -32.62 11.49
C ILE B 31 -5.04 -32.27 10.95
N HIS B 32 -5.08 -31.43 9.90
CA HIS B 32 -6.35 -30.94 9.33
C HIS B 32 -7.05 -32.00 8.50
N ASP B 33 -6.38 -32.47 7.44
CA ASP B 33 -6.91 -33.55 6.59
C ASP B 33 -5.79 -34.50 6.14
N THR B 34 -6.18 -35.70 5.71
CA THR B 34 -5.29 -36.72 5.15
C THR B 34 -5.91 -37.35 3.89
N THR B 35 -6.76 -36.58 3.22
CA THR B 35 -7.59 -37.12 2.14
C THR B 35 -6.77 -37.47 0.90
N LEU B 36 -5.92 -36.55 0.46
CA LEU B 36 -5.17 -36.70 -0.79
C LEU B 36 -3.85 -37.44 -0.59
N GLY B 37 -3.41 -37.52 0.66
CA GLY B 37 -2.19 -38.21 1.04
C GLY B 37 -1.92 -38.02 2.53
N PRO B 38 -0.67 -38.26 2.96
CA PRO B 38 -0.32 -38.02 4.35
C PRO B 38 -0.14 -36.52 4.60
N ALA B 39 -0.48 -36.07 5.81
CA ALA B 39 -0.45 -34.66 6.16
C ALA B 39 0.98 -34.10 6.16
N MET B 40 1.14 -32.95 5.52
CA MET B 40 2.44 -32.26 5.42
C MET B 40 2.42 -30.92 6.14
N GLY B 41 3.45 -30.65 6.92
CA GLY B 41 3.53 -29.41 7.70
C GLY B 41 4.76 -29.31 8.58
N ALA B 42 5.38 -28.14 8.59
CA ALA B 42 6.70 -27.97 9.21
C ALA B 42 6.69 -27.73 10.73
N THR B 43 7.75 -28.18 11.39
CA THR B 43 7.93 -27.98 12.83
C THR B 43 8.35 -26.53 13.13
N ARG B 44 7.79 -25.98 14.21
CA ARG B 44 7.92 -24.56 14.57
C ARG B 44 8.08 -24.42 16.09
N ILE B 45 9.22 -23.92 16.54
CA ILE B 45 9.44 -23.62 17.96
C ILE B 45 9.21 -22.13 18.23
N LEU B 46 8.32 -21.82 19.16
CA LEU B 46 8.12 -20.46 19.67
C LEU B 46 7.75 -20.57 21.15
N PRO B 47 8.11 -19.55 21.97
CA PRO B 47 7.63 -19.50 23.34
C PRO B 47 6.27 -18.82 23.36
N TYR B 48 5.22 -19.65 23.29
CA TYR B 48 3.86 -19.14 23.23
C TYR B 48 3.42 -18.58 24.58
N ILE B 49 2.54 -17.59 24.52
CA ILE B 49 2.04 -16.86 25.69
C ILE B 49 1.31 -17.84 26.60
N ASN B 50 0.39 -18.58 25.98
CA ASN B 50 -0.36 -19.65 26.62
C ASN B 50 -0.72 -20.74 25.60
N GLU B 51 -1.14 -21.90 26.11
CA GLU B 51 -1.45 -23.06 25.24
C GLU B 51 -2.53 -22.81 24.19
N GLU B 52 -3.49 -21.95 24.52
CA GLU B 52 -4.51 -21.49 23.57
C GLU B 52 -3.88 -20.81 22.36
N ALA B 53 -2.84 -20.01 22.60
CA ALA B 53 -2.07 -19.38 21.54
C ALA B 53 -1.30 -20.40 20.71
N ALA B 54 -0.64 -21.34 21.39
CA ALA B 54 0.08 -22.43 20.73
C ALA B 54 -0.85 -23.22 19.81
N LEU B 55 -1.98 -23.63 20.37
CA LEU B 55 -3.01 -24.39 19.66
C LEU B 55 -3.53 -23.64 18.44
N LYS B 56 -3.91 -22.39 18.63
CA LYS B 56 -4.50 -21.58 17.56
C LYS B 56 -3.56 -21.37 16.37
N ASP B 57 -2.26 -21.27 16.65
CA ASP B 57 -1.25 -21.18 15.59
C ASP B 57 -1.15 -22.53 14.85
N ALA B 58 -1.22 -23.62 15.61
CA ALA B 58 -1.20 -24.97 15.02
C ALA B 58 -2.44 -25.30 14.17
N LEU B 59 -3.62 -24.83 14.59
CA LEU B 59 -4.86 -25.02 13.81
C LEU B 59 -4.90 -24.21 12.52
N ARG B 60 -4.43 -22.95 12.57
CA ARG B 60 -4.49 -22.04 11.42
C ARG B 60 -3.61 -22.48 10.24
N LEU B 61 -2.37 -22.86 10.53
CA LEU B 61 -1.38 -23.20 9.50
C LEU B 61 -1.57 -24.61 8.91
N SER B 62 -2.00 -25.53 9.77
CA SER B 62 -2.37 -26.90 9.36
C SER B 62 -3.46 -26.89 8.30
N ARG B 63 -4.51 -26.12 8.57
CA ARG B 63 -5.55 -25.82 7.59
C ARG B 63 -4.90 -25.33 6.31
N GLY B 64 -4.06 -24.31 6.44
CA GLY B 64 -3.34 -23.72 5.30
C GLY B 64 -2.67 -24.74 4.39
N MET B 65 -2.02 -25.72 5.00
CA MET B 65 -1.32 -26.77 4.25
C MET B 65 -2.24 -27.68 3.46
N THR B 66 -3.47 -27.87 3.95
CA THR B 66 -4.49 -28.64 3.23
C THR B 66 -4.79 -27.94 1.90
N TYR B 67 -5.04 -26.64 1.99
CA TYR B 67 -5.33 -25.80 0.83
C TYR B 67 -4.12 -25.59 -0.06
N LYS B 68 -2.93 -25.46 0.53
CA LYS B 68 -1.69 -25.29 -0.25
C LYS B 68 -1.31 -26.57 -1.02
N ALA B 69 -1.68 -27.72 -0.47
CA ALA B 69 -1.42 -29.00 -1.13
C ALA B 69 -2.41 -29.28 -2.26
N ALA B 70 -3.69 -29.01 -1.98
CA ALA B 70 -4.81 -29.31 -2.90
C ALA B 70 -4.71 -28.57 -4.24
N CYS B 71 -4.49 -27.26 -4.14
CA CYS B 71 -4.28 -26.39 -5.30
C CYS B 71 -3.07 -26.83 -6.14
N ALA B 72 -1.97 -27.15 -5.44
CA ALA B 72 -0.74 -27.66 -6.07
C ALA B 72 -0.90 -29.01 -6.82
N ASN B 73 -1.93 -29.77 -6.47
CA ASN B 73 -2.23 -31.08 -7.10
C ASN B 73 -1.16 -32.12 -6.77
N ILE B 74 -0.69 -32.07 -5.52
CA ILE B 74 0.16 -33.16 -4.97
C ILE B 74 -0.72 -34.03 -4.07
N PRO B 75 -0.45 -35.36 -4.03
CA PRO B 75 -1.25 -36.19 -3.16
C PRO B 75 -0.76 -36.02 -1.72
N ALA B 76 -1.37 -35.06 -1.03
CA ALA B 76 -0.99 -34.71 0.33
C ALA B 76 -2.07 -33.92 1.05
N GLY B 77 -2.08 -34.07 2.37
CA GLY B 77 -2.99 -33.33 3.24
C GLY B 77 -2.27 -32.20 3.93
N GLY B 78 -2.99 -31.55 4.85
CA GLY B 78 -2.47 -30.41 5.61
C GLY B 78 -2.30 -30.69 7.09
N GLY B 79 -1.07 -30.56 7.56
CA GLY B 79 -0.74 -30.69 8.98
C GLY B 79 0.15 -29.56 9.44
N LYS B 80 0.37 -29.51 10.75
CA LYS B 80 1.34 -28.58 11.33
C LYS B 80 1.68 -29.02 12.75
N ALA B 81 2.94 -28.82 13.13
CA ALA B 81 3.46 -29.20 14.44
C ALA B 81 4.16 -28.03 15.11
N VAL B 82 3.84 -27.78 16.38
CA VAL B 82 4.44 -26.69 17.14
C VAL B 82 4.97 -27.19 18.48
N ILE B 83 5.90 -26.42 19.06
CA ILE B 83 6.51 -26.73 20.35
C ILE B 83 6.62 -25.46 21.18
N ILE B 84 6.14 -25.53 22.42
CA ILE B 84 6.20 -24.42 23.36
C ILE B 84 7.56 -24.50 24.07
N ALA B 85 8.46 -23.62 23.65
CA ALA B 85 9.80 -23.50 24.24
C ALA B 85 10.45 -22.20 23.81
N ASN B 86 11.38 -21.70 24.62
CA ASN B 86 12.21 -20.55 24.25
C ASN B 86 13.39 -21.06 23.42
N PRO B 87 13.74 -20.38 22.30
CA PRO B 87 14.90 -20.78 21.50
C PRO B 87 16.18 -21.02 22.29
N GLU B 88 16.43 -20.17 23.29
CA GLU B 88 17.55 -20.34 24.22
C GLU B 88 17.52 -21.69 24.97
N ASN B 89 16.32 -22.17 25.31
CA ASN B 89 16.11 -23.45 26.02
C ASN B 89 15.95 -24.67 25.11
N LYS B 90 17.06 -25.23 24.65
CA LYS B 90 17.02 -26.37 23.73
C LYS B 90 18.10 -27.38 24.02
N THR B 91 17.95 -28.54 23.40
CA THR B 91 18.94 -29.61 23.42
C THR B 91 18.61 -30.62 22.33
N ASP B 92 19.53 -31.54 22.07
CA ASP B 92 19.33 -32.59 21.07
C ASP B 92 18.27 -33.61 21.49
N ASP B 93 18.23 -33.93 22.78
CA ASP B 93 17.22 -34.86 23.33
C ASP B 93 15.77 -34.39 23.16
N LEU B 94 15.55 -33.08 23.25
CA LEU B 94 14.24 -32.47 23.09
C LEU B 94 13.74 -32.70 21.66
N LEU B 95 14.64 -32.52 20.70
CA LEU B 95 14.34 -32.75 19.28
C LEU B 95 14.23 -34.24 18.96
N ARG B 96 15.09 -35.06 19.56
CA ARG B 96 15.02 -36.52 19.44
C ARG B 96 13.72 -37.08 20.06
N ALA B 97 13.30 -36.49 21.18
CA ALA B 97 12.02 -36.80 21.83
C ALA B 97 10.86 -36.43 20.92
N TYR B 98 10.90 -35.20 20.42
CA TYR B 98 9.93 -34.73 19.39
C TYR B 98 9.93 -35.62 18.13
N GLY B 99 11.10 -36.15 17.81
CA GLY B 99 11.27 -37.16 16.74
C GLY B 99 10.49 -38.43 16.98
N ARG B 100 10.51 -38.92 18.22
CA ARG B 100 9.70 -40.08 18.61
C ARG B 100 8.20 -39.88 18.28
N PHE B 101 7.71 -38.66 18.50
CA PHE B 101 6.30 -38.35 18.32
C PHE B 101 5.81 -38.34 16.87
N VAL B 102 6.60 -37.81 15.95
CA VAL B 102 6.28 -37.88 14.50
C VAL B 102 6.34 -39.33 14.00
N ASP B 103 7.24 -40.11 14.61
CA ASP B 103 7.39 -41.54 14.30
C ASP B 103 6.17 -42.34 14.76
N SER B 104 5.64 -41.97 15.93
CA SER B 104 4.37 -42.54 16.44
C SER B 104 3.30 -42.58 15.37
N LEU B 105 3.20 -41.49 14.62
CA LEU B 105 2.18 -41.34 13.58
C LEU B 105 2.37 -42.22 12.33
N ASN B 106 3.51 -42.89 12.20
CA ASN B 106 3.72 -43.95 11.20
C ASN B 106 3.64 -43.46 9.75
N GLY B 107 4.02 -42.21 9.53
CA GLY B 107 3.93 -41.58 8.21
C GLY B 107 2.58 -40.97 7.84
N ARG B 108 1.67 -40.87 8.81
CA ARG B 108 0.46 -40.05 8.67
C ARG B 108 0.83 -38.57 8.59
N PHE B 109 1.75 -38.14 9.46
CA PHE B 109 2.24 -36.76 9.51
C PHE B 109 3.72 -36.68 9.18
N ILE B 110 4.02 -36.06 8.03
CA ILE B 110 5.38 -35.84 7.58
C ILE B 110 5.76 -34.38 7.80
N THR B 111 6.82 -34.13 8.56
CA THR B 111 7.19 -32.76 8.92
C THR B 111 8.39 -32.22 8.15
N GLY B 112 8.63 -30.93 8.36
CA GLY B 112 9.67 -30.15 7.69
C GLY B 112 10.13 -29.04 8.61
N GLN B 113 10.93 -28.11 8.07
CA GLN B 113 11.51 -27.01 8.86
C GLN B 113 10.68 -25.73 8.84
N ASP B 114 10.66 -25.04 9.98
CA ASP B 114 10.04 -23.72 10.10
C ASP B 114 10.85 -22.92 11.12
N VAL B 115 10.38 -21.72 11.47
CA VAL B 115 11.12 -20.79 12.33
C VAL B 115 11.61 -21.51 13.59
N ASN B 116 12.89 -21.28 13.92
CA ASN B 116 13.59 -21.92 15.04
C ASN B 116 14.01 -23.39 14.87
N ILE B 117 13.65 -24.00 13.75
CA ILE B 117 14.10 -25.36 13.41
C ILE B 117 15.08 -25.23 12.23
N THR B 118 16.36 -25.31 12.54
CA THR B 118 17.43 -25.22 11.54
C THR B 118 17.58 -26.58 10.80
N PRO B 119 18.17 -26.58 9.58
CA PRO B 119 18.45 -27.84 8.85
C PRO B 119 19.28 -28.89 9.62
N ASP B 120 20.17 -28.44 10.50
CA ASP B 120 20.95 -29.35 11.36
C ASP B 120 20.06 -29.96 12.46
N ASP B 121 19.12 -29.16 12.97
CA ASP B 121 18.05 -29.65 13.84
C ASP B 121 17.20 -30.73 13.16
N VAL B 122 16.83 -30.48 11.89
CA VAL B 122 16.06 -31.44 11.11
C VAL B 122 16.77 -32.80 11.04
N ARG B 123 18.09 -32.76 10.85
CA ARG B 123 18.91 -33.98 10.90
C ARG B 123 18.83 -34.67 12.26
N THR B 124 18.99 -33.90 13.34
CA THR B 124 18.89 -34.42 14.72
C THR B 124 17.58 -35.16 14.95
N ILE B 125 16.49 -34.55 14.51
CA ILE B 125 15.16 -35.16 14.59
C ILE B 125 15.16 -36.45 13.76
N SER B 126 15.65 -36.37 12.53
CA SER B 126 15.52 -37.41 11.49
C SER B 126 15.85 -38.85 11.88
N GLN B 127 16.92 -39.04 12.64
CA GLN B 127 17.40 -40.38 12.98
C GLN B 127 16.33 -41.24 13.66
N GLU B 128 15.67 -40.67 14.66
CA GLU B 128 14.63 -41.36 15.43
C GLU B 128 13.39 -41.61 14.59
N THR B 129 13.04 -40.64 13.73
CA THR B 129 11.74 -40.61 13.03
C THR B 129 11.74 -41.09 11.57
N LYS B 130 12.66 -40.57 10.77
CA LYS B 130 12.72 -40.80 9.30
C LYS B 130 11.60 -40.13 8.44
N TYR B 131 10.73 -39.34 9.06
CA TYR B 131 9.65 -38.64 8.35
C TYR B 131 9.90 -37.14 8.22
N VAL B 132 11.16 -36.73 8.21
CA VAL B 132 11.53 -35.34 7.98
C VAL B 132 12.02 -35.18 6.54
N VAL B 133 12.30 -33.94 6.15
CA VAL B 133 12.69 -33.64 4.77
C VAL B 133 13.34 -32.24 4.65
N GLY B 134 14.23 -32.09 3.67
CA GLY B 134 14.89 -30.81 3.40
C GLY B 134 15.97 -30.93 2.34
N PRO B 142 15.39 -25.33 -4.49
CA PRO B 142 14.17 -24.69 -3.99
C PRO B 142 13.90 -23.34 -4.66
N ALA B 143 14.91 -22.48 -4.68
CA ALA B 143 14.82 -21.16 -5.32
C ALA B 143 14.48 -21.18 -6.82
N PRO B 144 15.19 -22.00 -7.64
CA PRO B 144 14.88 -22.01 -9.08
C PRO B 144 13.48 -22.51 -9.44
N ILE B 145 12.97 -23.49 -8.68
CA ILE B 145 11.63 -24.06 -8.91
C ILE B 145 10.55 -23.06 -8.50
N THR B 146 10.74 -22.41 -7.35
CA THR B 146 9.87 -21.32 -6.92
C THR B 146 9.81 -20.23 -7.98
N SER B 147 10.99 -19.87 -8.52
CA SER B 147 11.10 -18.84 -9.55
C SER B 147 10.38 -19.23 -10.85
N LEU B 148 10.58 -20.47 -11.29
CA LEU B 148 9.89 -21.02 -12.46
C LEU B 148 8.38 -21.12 -12.23
N GLY B 149 7.98 -21.46 -10.99
CA GLY B 149 6.57 -21.52 -10.60
C GLY B 149 5.80 -20.23 -10.80
N VAL B 150 6.49 -19.10 -10.59
CA VAL B 150 5.92 -17.76 -10.83
C VAL B 150 5.87 -17.49 -12.33
N PHE B 151 7.00 -17.71 -13.00
CA PHE B 151 7.13 -17.56 -14.45
C PHE B 151 6.01 -18.29 -15.20
N LEU B 152 5.61 -19.45 -14.70
CA LEU B 152 4.44 -20.16 -15.19
C LEU B 152 3.15 -19.43 -14.78
N GLY B 153 3.07 -19.08 -13.50
CA GLY B 153 1.96 -18.29 -12.95
C GLY B 153 1.72 -16.95 -13.63
N ILE B 154 2.79 -16.31 -14.10
CA ILE B 154 2.72 -15.05 -14.85
C ILE B 154 2.06 -15.30 -16.21
N LYS B 155 2.60 -16.23 -16.98
CA LYS B 155 2.02 -16.66 -18.26
C LYS B 155 0.54 -17.03 -18.12
N ALA B 156 0.26 -17.89 -17.14
CA ALA B 156 -1.11 -18.32 -16.83
C ALA B 156 -2.07 -17.14 -16.64
N ALA B 157 -1.59 -16.12 -15.94
CA ALA B 157 -2.38 -14.92 -15.67
C ALA B 157 -2.60 -14.03 -16.90
N VAL B 158 -1.59 -13.97 -17.78
CA VAL B 158 -1.69 -13.27 -19.06
C VAL B 158 -2.82 -13.84 -19.93
N GLU B 159 -2.99 -15.15 -19.89
CA GLU B 159 -4.00 -15.84 -20.71
C GLU B 159 -5.42 -15.41 -20.33
N SER B 160 -5.66 -15.18 -19.04
CA SER B 160 -6.99 -14.85 -18.52
C SER B 160 -7.58 -13.58 -19.13
N ARG B 161 -6.80 -12.50 -19.12
CA ARG B 161 -7.27 -11.19 -19.62
C ARG B 161 -6.84 -10.94 -21.07
N TRP B 162 -5.54 -11.03 -21.32
CA TRP B 162 -4.95 -10.61 -22.60
C TRP B 162 -5.13 -11.57 -23.77
N GLN B 163 -5.27 -12.86 -23.48
CA GLN B 163 -5.57 -13.91 -24.50
C GLN B 163 -4.37 -14.43 -25.33
N SER B 164 -3.16 -13.95 -25.04
CA SER B 164 -1.95 -14.38 -25.77
C SER B 164 -0.94 -15.07 -24.85
N LYS B 165 0.02 -15.77 -25.46
CA LYS B 165 1.13 -16.41 -24.74
C LYS B 165 2.49 -15.71 -24.95
N ARG B 166 2.49 -14.68 -25.81
CA ARG B 166 3.69 -13.90 -26.10
C ARG B 166 3.85 -12.81 -25.03
N LEU B 167 4.94 -12.88 -24.28
CA LEU B 167 5.27 -11.88 -23.25
C LEU B 167 6.12 -10.73 -23.80
N ASP B 168 6.28 -10.65 -25.12
CA ASP B 168 7.16 -9.67 -25.74
C ASP B 168 6.55 -8.28 -25.65
N GLY B 169 7.34 -7.35 -25.13
CA GLY B 169 6.91 -5.96 -24.98
C GLY B 169 5.90 -5.77 -23.87
N MET B 170 6.07 -6.54 -22.79
CA MET B 170 5.23 -6.41 -21.60
C MET B 170 6.08 -5.82 -20.49
N LYS B 171 5.46 -4.97 -19.68
CA LYS B 171 6.16 -4.26 -18.61
C LYS B 171 5.86 -4.92 -17.27
N VAL B 172 6.91 -5.17 -16.50
CA VAL B 172 6.78 -5.86 -15.21
C VAL B 172 7.70 -5.19 -14.19
N ALA B 173 7.31 -5.30 -12.92
CA ALA B 173 8.03 -4.74 -11.78
C ALA B 173 8.29 -5.86 -10.77
N VAL B 174 9.48 -5.85 -10.17
CA VAL B 174 9.88 -6.87 -9.17
C VAL B 174 10.44 -6.24 -7.88
N GLN B 175 9.81 -6.59 -6.75
CA GLN B 175 10.42 -6.39 -5.43
C GLN B 175 11.24 -7.62 -5.07
N GLY B 176 12.47 -7.38 -4.62
CA GLY B 176 13.34 -8.45 -4.14
C GLY B 176 14.13 -9.11 -5.24
N LEU B 177 15.45 -8.90 -5.20
CA LEU B 177 16.40 -9.52 -6.13
C LEU B 177 17.19 -10.63 -5.41
N GLY B 178 16.52 -11.28 -4.45
CA GLY B 178 17.03 -12.49 -3.82
C GLY B 178 17.06 -13.61 -4.84
N ASN B 179 17.75 -14.68 -4.51
CA ASN B 179 17.95 -15.79 -5.45
C ASN B 179 16.64 -16.20 -6.12
N VAL B 180 15.61 -16.33 -5.28
CA VAL B 180 14.25 -16.72 -5.72
C VAL B 180 13.69 -15.69 -6.71
N GLY B 181 13.79 -14.41 -6.35
CA GLY B 181 13.27 -13.30 -7.16
C GLY B 181 14.07 -12.92 -8.40
N LYS B 182 15.39 -12.95 -8.30
CA LYS B 182 16.27 -12.58 -9.43
C LYS B 182 16.22 -13.57 -10.58
N ASN B 183 16.15 -14.86 -10.28
CA ASN B 183 15.92 -15.90 -11.30
C ASN B 183 14.68 -15.62 -12.14
N LEU B 184 13.66 -15.01 -11.53
CA LEU B 184 12.50 -14.54 -12.26
C LEU B 184 12.86 -13.46 -13.29
N CYS B 185 13.66 -12.48 -12.88
CA CYS B 185 14.18 -11.46 -13.81
C CYS B 185 14.88 -12.12 -15.00
N ARG B 186 15.78 -13.05 -14.69
CA ARG B 186 16.47 -13.88 -15.69
C ARG B 186 15.47 -14.48 -16.68
N HIS B 187 14.53 -15.27 -16.17
CA HIS B 187 13.48 -15.90 -16.98
C HIS B 187 12.71 -14.90 -17.84
N LEU B 188 12.39 -13.75 -17.25
CA LEU B 188 11.63 -12.71 -17.93
C LEU B 188 12.47 -12.02 -19.01
N HIS B 189 13.67 -11.60 -18.65
CA HIS B 189 14.60 -10.99 -19.61
C HIS B 189 14.83 -11.87 -20.84
N GLU B 190 14.99 -13.17 -20.62
CA GLU B 190 15.26 -14.12 -21.72
C GLU B 190 14.07 -14.35 -22.67
N HIS B 191 12.88 -13.90 -22.28
CA HIS B 191 11.70 -13.84 -23.16
C HIS B 191 11.35 -12.40 -23.62
N ASP B 192 12.35 -11.51 -23.64
CA ASP B 192 12.20 -10.12 -24.10
C ASP B 192 11.13 -9.32 -23.34
N VAL B 193 11.30 -9.29 -22.03
CA VAL B 193 10.43 -8.54 -21.11
C VAL B 193 11.21 -7.34 -20.58
N GLN B 194 10.52 -6.21 -20.41
CA GLN B 194 11.13 -5.00 -19.86
C GLN B 194 10.88 -4.96 -18.37
N LEU B 195 11.96 -4.76 -17.60
CA LEU B 195 11.93 -4.90 -16.14
C LEU B 195 12.19 -3.61 -15.38
N PHE B 196 11.46 -3.45 -14.28
CA PHE B 196 11.73 -2.48 -13.23
C PHE B 196 12.07 -3.29 -11.99
N VAL B 197 13.10 -2.87 -11.25
CA VAL B 197 13.64 -3.69 -10.16
C VAL B 197 13.88 -2.91 -8.86
N SER B 198 13.60 -3.57 -7.75
CA SER B 198 13.60 -2.97 -6.43
C SER B 198 14.23 -3.93 -5.43
N ASP B 199 15.25 -3.48 -4.71
CA ASP B 199 15.83 -4.25 -3.60
C ASP B 199 16.16 -3.35 -2.41
N VAL B 200 16.00 -3.91 -1.21
CA VAL B 200 16.11 -3.15 0.05
C VAL B 200 17.53 -2.68 0.35
N ASP B 201 18.53 -3.37 -0.23
CA ASP B 201 19.95 -2.97 -0.15
C ASP B 201 20.49 -2.62 -1.55
N PRO B 202 21.51 -1.74 -1.62
CA PRO B 202 22.00 -1.21 -2.91
C PRO B 202 22.78 -2.15 -3.85
N ILE B 203 23.50 -3.13 -3.29
CA ILE B 203 24.49 -3.93 -4.05
C ILE B 203 23.84 -4.90 -5.05
N LYS B 204 22.82 -5.62 -4.61
CA LYS B 204 22.14 -6.62 -5.46
C LYS B 204 21.40 -5.99 -6.64
N ALA B 205 20.74 -4.86 -6.39
CA ALA B 205 20.00 -4.12 -7.42
C ALA B 205 20.85 -3.68 -8.61
N GLU B 206 22.12 -3.34 -8.34
CA GLU B 206 23.07 -2.95 -9.38
C GLU B 206 23.47 -4.10 -10.31
N GLU B 207 23.56 -5.31 -9.77
CA GLU B 207 23.95 -6.49 -10.56
C GLU B 207 22.93 -6.75 -11.67
N VAL B 208 21.66 -6.84 -11.29
CA VAL B 208 20.56 -7.08 -12.23
C VAL B 208 20.52 -6.05 -13.36
N LYS B 209 20.74 -4.78 -13.02
CA LYS B 209 20.83 -3.69 -14.01
C LYS B 209 21.80 -4.08 -15.12
N ARG B 210 23.03 -4.42 -14.70
CA ARG B 210 24.10 -4.88 -15.60
C ARG B 210 23.74 -6.12 -16.43
N LEU B 211 23.16 -7.12 -15.77
CA LEU B 211 22.86 -8.41 -16.41
C LEU B 211 21.75 -8.36 -17.47
N PHE B 212 20.69 -7.59 -17.18
CA PHE B 212 19.47 -7.62 -18.00
C PHE B 212 18.97 -6.27 -18.52
N GLY B 213 19.68 -5.18 -18.23
CA GLY B 213 19.25 -3.84 -18.62
C GLY B 213 17.90 -3.44 -18.03
N ALA B 214 17.64 -3.85 -16.79
CA ALA B 214 16.46 -3.43 -16.06
C ALA B 214 16.76 -2.08 -15.43
N THR B 215 15.73 -1.26 -15.32
CA THR B 215 15.87 0.10 -14.79
C THR B 215 15.59 0.03 -13.29
N VAL B 216 16.62 0.31 -12.49
CA VAL B 216 16.54 0.24 -11.03
C VAL B 216 15.70 1.40 -10.49
N VAL B 217 14.82 1.09 -9.55
CA VAL B 217 14.00 2.09 -8.85
C VAL B 217 14.24 1.96 -7.35
N GLU B 218 13.81 2.97 -6.60
CA GLU B 218 13.83 2.90 -5.14
C GLU B 218 12.68 2.00 -4.65
N PRO B 219 12.83 1.37 -3.46
CA PRO B 219 11.78 0.53 -2.83
C PRO B 219 10.36 1.11 -2.83
N THR B 220 10.24 2.42 -2.61
CA THR B 220 8.95 3.10 -2.49
C THR B 220 8.25 3.41 -3.83
N GLU B 221 9.03 3.56 -4.90
CA GLU B 221 8.48 3.96 -6.20
C GLU B 221 7.70 2.86 -6.93
N ILE B 222 8.15 1.61 -6.76
CA ILE B 222 7.73 0.46 -7.60
C ILE B 222 6.22 0.14 -7.67
N TYR B 223 5.49 0.51 -6.63
CA TYR B 223 4.06 0.19 -6.53
C TYR B 223 3.24 0.91 -7.62
N SER B 224 3.64 2.14 -7.94
CA SER B 224 2.84 3.02 -8.81
C SER B 224 3.13 2.96 -10.32
N LEU B 225 4.21 2.28 -10.71
CA LEU B 225 4.71 2.31 -12.09
C LEU B 225 3.65 1.91 -13.12
N ASP B 226 3.73 2.54 -14.29
CA ASP B 226 2.76 2.33 -15.37
C ASP B 226 3.11 1.05 -16.13
N VAL B 227 2.83 -0.08 -15.50
CA VAL B 227 3.24 -1.41 -15.99
C VAL B 227 2.05 -2.38 -16.14
N ASP B 228 2.31 -3.47 -16.84
CA ASP B 228 1.33 -4.54 -17.04
C ASP B 228 1.24 -5.44 -15.80
N ILE B 229 2.40 -5.78 -15.24
CA ILE B 229 2.52 -6.79 -14.17
C ILE B 229 3.30 -6.23 -12.97
N PHE B 230 2.97 -6.73 -11.77
CA PHE B 230 3.72 -6.45 -10.54
C PHE B 230 4.06 -7.79 -9.87
N ALA B 231 5.32 -7.98 -9.50
CA ALA B 231 5.83 -9.27 -9.03
C ALA B 231 6.70 -9.18 -7.77
N PRO B 232 6.05 -9.09 -6.59
CA PRO B 232 6.80 -8.99 -5.35
C PRO B 232 7.36 -10.33 -4.89
N CYS B 233 8.64 -10.35 -4.58
CA CYS B 233 9.36 -11.59 -4.20
C CYS B 233 10.20 -11.52 -2.91
N ALA B 234 10.07 -10.46 -2.12
CA ALA B 234 10.82 -10.32 -0.86
C ALA B 234 10.01 -10.12 0.42
N LEU B 235 8.80 -9.58 0.32
CA LEU B 235 8.06 -9.13 1.51
C LEU B 235 6.60 -9.59 1.54
N GLY B 236 6.08 -9.71 2.75
CA GLY B 236 4.68 -10.02 3.01
C GLY B 236 4.01 -8.85 3.72
N GLY B 237 2.76 -8.57 3.36
CA GLY B 237 2.00 -7.45 3.90
C GLY B 237 2.23 -6.16 3.13
N ILE B 238 2.26 -6.28 1.80
CA ILE B 238 2.52 -5.16 0.89
C ILE B 238 1.25 -4.66 0.19
N LEU B 239 0.32 -5.57 -0.10
CA LEU B 239 -0.98 -5.22 -0.68
C LEU B 239 -1.91 -4.76 0.45
N ASN B 240 -1.78 -3.48 0.83
CA ASN B 240 -2.53 -2.92 1.96
C ASN B 240 -3.03 -1.50 1.68
N SER B 241 -4.11 -1.12 2.37
CA SER B 241 -4.84 0.13 2.11
C SER B 241 -4.00 1.40 1.95
N HIS B 242 -2.82 1.41 2.57
CA HIS B 242 -1.83 2.47 2.35
C HIS B 242 -1.30 2.44 0.90
N THR B 243 -0.66 1.34 0.52
CA THR B 243 0.04 1.22 -0.78
C THR B 243 -0.77 0.62 -1.95
N ILE B 244 -1.79 -0.17 -1.63
CA ILE B 244 -2.63 -0.81 -2.64
C ILE B 244 -3.37 0.15 -3.61
N PRO B 245 -3.76 1.36 -3.15
CA PRO B 245 -4.38 2.28 -4.12
C PRO B 245 -3.51 2.68 -5.34
N PHE B 246 -2.19 2.70 -5.18
CA PHE B 246 -1.28 3.15 -6.25
C PHE B 246 -1.02 2.14 -7.36
N LEU B 247 -1.50 0.91 -7.19
CA LEU B 247 -1.26 -0.15 -8.18
C LEU B 247 -1.91 0.16 -9.53
N GLN B 248 -1.06 0.30 -10.55
CA GLN B 248 -1.49 0.38 -11.95
C GLN B 248 -1.31 -0.94 -12.70
N ALA B 249 -0.73 -1.93 -12.04
CA ALA B 249 -0.52 -3.25 -12.63
C ALA B 249 -1.86 -3.95 -12.89
N SER B 250 -2.01 -4.48 -14.11
CA SER B 250 -3.18 -5.26 -14.48
C SER B 250 -3.22 -6.64 -13.81
N ILE B 251 -2.02 -7.21 -13.61
CA ILE B 251 -1.84 -8.54 -13.01
C ILE B 251 -0.86 -8.47 -11.82
N ILE B 252 -1.11 -9.31 -10.81
CA ILE B 252 -0.26 -9.39 -9.61
C ILE B 252 0.17 -10.86 -9.37
N ALA B 253 1.29 -11.22 -10.00
CA ALA B 253 1.92 -12.53 -9.81
C ALA B 253 3.32 -12.36 -9.25
N GLY B 254 3.54 -12.86 -8.03
CA GLY B 254 4.85 -12.83 -7.37
C GLY B 254 5.14 -14.02 -6.47
N ALA B 255 6.43 -14.23 -6.19
CA ALA B 255 6.94 -15.38 -5.39
C ALA B 255 6.90 -15.21 -3.88
N ALA B 256 6.67 -14.00 -3.40
CA ALA B 256 6.67 -13.74 -1.95
C ALA B 256 5.47 -14.38 -1.30
N ASN B 257 5.59 -14.68 0.00
CA ASN B 257 4.51 -15.28 0.78
C ASN B 257 3.81 -14.26 1.67
N ASN B 258 2.54 -14.55 1.99
CA ASN B 258 1.68 -13.70 2.83
C ASN B 258 1.37 -12.33 2.23
N GLN B 259 1.24 -12.28 0.91
CA GLN B 259 1.25 -11.03 0.13
C GLN B 259 0.21 -10.02 0.58
N LEU B 260 -1.05 -10.48 0.63
CA LEU B 260 -2.14 -9.66 1.15
C LEU B 260 -2.01 -9.47 2.66
N GLU B 261 -2.06 -8.21 3.10
CA GLU B 261 -2.15 -7.88 4.53
C GLU B 261 -3.43 -8.45 5.15
N ASN B 262 -4.52 -8.46 4.39
CA ASN B 262 -5.82 -8.87 4.87
C ASN B 262 -6.59 -9.51 3.71
N GLU B 263 -6.57 -10.84 3.67
CA GLU B 263 -7.06 -11.61 2.53
C GLU B 263 -8.45 -11.19 2.09
N GLN B 264 -9.38 -11.14 3.03
CA GLN B 264 -10.78 -10.83 2.73
C GLN B 264 -10.98 -9.40 2.25
N LEU B 265 -10.37 -8.44 2.96
CA LEU B 265 -10.53 -7.02 2.61
C LEU B 265 -9.83 -6.70 1.30
N HIS B 266 -8.51 -6.86 1.30
CA HIS B 266 -7.66 -6.34 0.22
C HIS B 266 -7.72 -7.11 -1.10
N SER B 267 -8.35 -8.29 -1.11
CA SER B 267 -8.65 -8.98 -2.37
C SER B 267 -9.78 -8.28 -3.13
N GLN B 268 -10.82 -7.87 -2.40
CA GLN B 268 -11.95 -7.13 -2.98
C GLN B 268 -11.52 -5.77 -3.52
N MET B 269 -10.61 -5.11 -2.82
CA MET B 269 -10.00 -3.86 -3.30
C MET B 269 -9.43 -4.02 -4.70
N LEU B 270 -8.70 -5.11 -4.91
CA LEU B 270 -8.14 -5.44 -6.23
C LEU B 270 -9.22 -5.88 -7.23
N ALA B 271 -10.17 -6.66 -6.76
CA ALA B 271 -11.26 -7.16 -7.61
C ALA B 271 -12.09 -5.99 -8.13
N LYS B 272 -12.59 -5.17 -7.20
CA LYS B 272 -13.45 -4.03 -7.54
C LYS B 272 -12.78 -2.99 -8.44
N LYS B 273 -11.44 -2.94 -8.40
CA LYS B 273 -10.66 -2.05 -9.27
C LYS B 273 -9.98 -2.80 -10.44
N GLY B 274 -10.55 -3.93 -10.84
CA GLY B 274 -10.20 -4.62 -12.08
C GLY B 274 -8.83 -5.25 -12.20
N ILE B 275 -8.16 -5.44 -11.07
CA ILE B 275 -6.80 -5.98 -11.03
C ILE B 275 -6.89 -7.48 -10.72
N LEU B 276 -6.10 -8.29 -11.44
CA LEU B 276 -6.07 -9.75 -11.23
C LEU B 276 -4.97 -10.13 -10.24
N TYR B 277 -5.38 -10.78 -9.14
CA TYR B 277 -4.45 -11.31 -8.13
C TYR B 277 -4.37 -12.84 -8.21
N SER B 278 -3.23 -13.34 -8.67
CA SER B 278 -2.91 -14.76 -8.59
C SER B 278 -2.61 -15.07 -7.13
N PRO B 279 -3.34 -16.03 -6.51
CA PRO B 279 -3.11 -16.33 -5.09
C PRO B 279 -1.66 -16.66 -4.75
N ASP B 280 -1.14 -16.04 -3.70
CA ASP B 280 0.27 -16.16 -3.31
C ASP B 280 0.69 -17.63 -3.10
N TYR B 281 -0.11 -18.36 -2.33
CA TYR B 281 0.22 -19.73 -1.91
C TYR B 281 0.09 -20.81 -3.01
N VAL B 282 -0.57 -20.48 -4.11
CA VAL B 282 -0.59 -21.36 -5.29
C VAL B 282 0.69 -21.21 -6.10
N ILE B 283 1.18 -19.99 -6.26
CA ILE B 283 2.45 -19.73 -6.98
C ILE B 283 3.69 -20.14 -6.18
N ASN B 284 3.66 -19.89 -4.87
CA ASN B 284 4.71 -20.34 -3.94
C ASN B 284 4.88 -21.85 -3.83
N ALA B 285 3.84 -22.59 -4.25
CA ALA B 285 3.81 -24.05 -4.24
C ALA B 285 5.02 -24.77 -4.86
N GLY B 286 5.70 -24.12 -5.79
CA GLY B 286 6.96 -24.66 -6.34
C GLY B 286 7.94 -25.09 -5.25
N GLY B 287 8.01 -24.30 -4.18
CA GLY B 287 8.79 -24.65 -2.99
C GLY B 287 8.31 -25.89 -2.25
N LEU B 288 6.99 -26.07 -2.17
CA LEU B 288 6.38 -27.26 -1.57
C LEU B 288 6.55 -28.51 -2.44
N ILE B 289 6.32 -28.38 -3.75
CA ILE B 289 6.50 -29.52 -4.68
C ILE B 289 7.94 -30.03 -4.66
N ASN B 290 8.90 -29.13 -4.45
CA ASN B 290 10.31 -29.49 -4.20
C ASN B 290 10.45 -30.44 -3.00
N VAL B 291 9.93 -30.03 -1.86
CA VAL B 291 10.01 -30.82 -0.62
C VAL B 291 9.27 -32.16 -0.78
N TYR B 292 8.16 -32.14 -1.50
CA TYR B 292 7.37 -33.36 -1.71
C TYR B 292 8.21 -34.48 -2.34
N ASN B 293 8.92 -34.17 -3.41
CA ASN B 293 9.70 -35.18 -4.12
C ASN B 293 10.78 -35.82 -3.26
N GLU B 294 11.39 -35.02 -2.39
CA GLU B 294 12.41 -35.54 -1.45
C GLU B 294 11.81 -36.59 -0.52
N MET B 295 10.57 -36.40 -0.08
CA MET B 295 9.85 -37.40 0.71
C MET B 295 9.78 -38.74 0.00
N ILE B 296 9.30 -38.71 -1.25
CA ILE B 296 9.14 -39.91 -2.08
C ILE B 296 10.45 -40.31 -2.79
N GLY B 297 11.56 -39.65 -2.44
CA GLY B 297 12.86 -39.90 -3.09
C GLY B 297 12.97 -39.01 -4.31
N TYR B 298 13.98 -38.16 -4.33
CA TYR B 298 14.02 -37.06 -5.32
C TYR B 298 14.27 -37.54 -6.75
N ASP B 299 13.42 -37.03 -7.65
CA ASP B 299 13.45 -37.34 -9.06
C ASP B 299 13.20 -36.03 -9.82
N GLU B 300 14.29 -35.43 -10.30
CA GLU B 300 14.24 -34.16 -11.03
C GLU B 300 13.32 -34.17 -12.24
N GLU B 301 13.31 -35.30 -12.96
CA GLU B 301 12.47 -35.48 -14.15
C GLU B 301 10.99 -35.25 -13.84
N LYS B 302 10.51 -35.79 -12.72
CA LYS B 302 9.10 -35.70 -12.34
C LYS B 302 8.80 -34.33 -11.73
N ALA B 303 9.60 -33.93 -10.74
CA ALA B 303 9.44 -32.64 -10.05
C ALA B 303 9.28 -31.44 -11.00
N PHE B 304 10.08 -31.43 -12.06
CA PHE B 304 10.03 -30.38 -13.09
C PHE B 304 8.74 -30.43 -13.93
N LYS B 305 8.07 -31.58 -13.96
CA LYS B 305 6.68 -31.71 -14.50
C LYS B 305 5.62 -31.26 -13.50
N GLN B 306 5.76 -31.70 -12.26
CA GLN B 306 4.76 -31.47 -11.22
C GLN B 306 4.45 -29.98 -10.96
N VAL B 307 5.45 -29.13 -11.15
CA VAL B 307 5.28 -27.67 -11.03
C VAL B 307 4.37 -27.03 -12.12
N HIS B 308 4.16 -27.72 -13.24
CA HIS B 308 3.22 -27.25 -14.26
C HIS B 308 1.75 -27.24 -13.81
N ASN B 309 1.46 -27.84 -12.66
CA ASN B 309 0.15 -27.72 -12.01
C ASN B 309 -0.27 -26.29 -11.69
N ILE B 310 0.69 -25.43 -11.33
CA ILE B 310 0.42 -24.01 -11.06
C ILE B 310 -0.24 -23.34 -12.27
N TYR B 311 0.25 -23.67 -13.46
CA TYR B 311 -0.28 -23.12 -14.73
C TYR B 311 -1.73 -23.58 -14.96
N ASP B 312 -1.95 -24.88 -14.87
CA ASP B 312 -3.30 -25.47 -14.98
C ASP B 312 -4.23 -24.96 -13.89
N THR B 313 -3.77 -25.04 -12.64
CA THR B 313 -4.52 -24.57 -11.45
C THR B 313 -5.04 -23.14 -11.60
N LEU B 314 -4.16 -22.22 -12.01
CA LEU B 314 -4.47 -20.79 -12.01
C LEU B 314 -5.52 -20.39 -13.06
N LEU B 315 -5.38 -20.92 -14.28
CA LEU B 315 -6.35 -20.69 -15.36
C LEU B 315 -7.76 -21.00 -14.87
N ALA B 316 -7.89 -22.15 -14.20
CA ALA B 316 -9.15 -22.57 -13.57
C ALA B 316 -9.63 -21.58 -12.51
N ILE B 317 -8.73 -21.16 -11.61
CA ILE B 317 -9.05 -20.17 -10.54
C ILE B 317 -9.58 -18.85 -11.13
N PHE B 318 -8.96 -18.39 -12.22
CA PHE B 318 -9.42 -17.19 -12.93
C PHE B 318 -10.74 -17.43 -13.69
N GLU B 319 -10.87 -18.62 -14.29
CA GLU B 319 -12.13 -19.07 -14.91
C GLU B 319 -13.27 -19.17 -13.88
N ILE B 320 -12.96 -19.77 -12.73
CA ILE B 320 -13.92 -19.93 -11.63
C ILE B 320 -14.29 -18.59 -11.01
N ALA B 321 -13.32 -17.69 -10.91
CA ALA B 321 -13.57 -16.32 -10.43
C ALA B 321 -14.66 -15.62 -11.27
N LYS B 322 -14.58 -15.80 -12.59
CA LYS B 322 -15.49 -15.12 -13.55
C LYS B 322 -16.91 -15.70 -13.57
N GLU B 323 -17.01 -16.99 -13.83
CA GLU B 323 -18.31 -17.69 -13.92
C GLU B 323 -19.16 -17.54 -12.66
N GLN B 324 -18.52 -17.63 -11.50
CA GLN B 324 -19.20 -17.58 -10.19
C GLN B 324 -19.37 -16.14 -9.68
N GLY B 325 -18.58 -15.21 -10.21
CA GLY B 325 -18.65 -13.80 -9.80
C GLY B 325 -18.07 -13.59 -8.42
N VAL B 326 -16.79 -13.95 -8.28
CA VAL B 326 -16.15 -14.02 -6.97
C VAL B 326 -14.62 -13.90 -7.11
N THR B 327 -13.97 -13.48 -6.03
CA THR B 327 -12.50 -13.32 -5.97
C THR B 327 -11.72 -14.60 -6.29
N THR B 328 -10.44 -14.44 -6.61
CA THR B 328 -9.53 -15.58 -6.82
C THR B 328 -9.29 -16.37 -5.54
N ASN B 329 -9.29 -15.68 -4.41
CA ASN B 329 -9.08 -16.35 -3.12
C ASN B 329 -10.24 -17.26 -2.75
N ASP B 330 -11.47 -16.76 -2.90
CA ASP B 330 -12.68 -17.60 -2.78
C ASP B 330 -12.73 -18.70 -3.83
N ALA B 331 -12.30 -18.38 -5.05
CA ALA B 331 -12.20 -19.36 -6.14
C ALA B 331 -11.19 -20.47 -5.84
N ALA B 332 -10.04 -20.07 -5.29
CA ALA B 332 -9.00 -21.00 -4.85
C ALA B 332 -9.45 -21.96 -3.76
N ARG B 333 -10.34 -21.49 -2.87
CA ARG B 333 -10.91 -22.33 -1.81
C ARG B 333 -11.80 -23.41 -2.42
N ARG B 334 -12.76 -22.99 -3.24
CA ARG B 334 -13.71 -23.90 -3.90
C ARG B 334 -13.02 -24.92 -4.80
N LEU B 335 -11.98 -24.47 -5.49
CA LEU B 335 -11.14 -25.35 -6.31
C LEU B 335 -10.32 -26.36 -5.45
N ALA B 336 -9.83 -25.88 -4.30
CA ALA B 336 -9.15 -26.76 -3.34
C ALA B 336 -10.11 -27.75 -2.70
N GLU B 337 -11.23 -27.20 -2.22
CA GLU B 337 -12.27 -27.98 -1.56
C GLU B 337 -12.84 -29.08 -2.46
N ASP B 338 -13.32 -28.69 -3.65
CA ASP B 338 -13.91 -29.65 -4.60
C ASP B 338 -12.93 -30.74 -5.04
N ARG B 339 -11.65 -30.40 -5.13
CA ARG B 339 -10.60 -31.38 -5.44
C ARG B 339 -10.51 -32.47 -4.36
N ILE B 340 -10.61 -32.07 -3.10
CA ILE B 340 -10.64 -33.00 -1.95
C ILE B 340 -11.92 -33.84 -1.92
N ASN B 341 -13.06 -33.16 -2.11
CA ASN B 341 -14.37 -33.79 -2.13
C ASN B 341 -14.48 -34.86 -3.23
N ASN B 342 -14.10 -34.47 -4.45
CA ASN B 342 -14.07 -35.38 -5.59
C ASN B 342 -13.08 -36.54 -5.45
N SER B 343 -11.98 -36.32 -4.72
CA SER B 343 -10.92 -37.32 -4.53
C SER B 343 -11.31 -38.58 -3.75
N LYS B 344 -12.47 -38.56 -3.09
CA LYS B 344 -12.96 -39.70 -2.28
C LYS B 344 -13.20 -41.03 -3.04
N ARG B 345 -13.35 -40.97 -4.36
CA ARG B 345 -13.54 -42.17 -5.18
C ARG B 345 -12.24 -42.96 -5.33
N SER B 346 -11.15 -42.25 -5.61
CA SER B 346 -9.79 -42.82 -5.66
C SER B 346 -9.06 -42.62 -4.34
N LEU C 2 20.96 38.91 28.08
CA LEU C 2 20.31 37.60 28.41
C LEU C 2 19.93 36.84 27.13
N LEU C 3 19.11 37.49 26.32
CA LEU C 3 18.59 36.92 25.06
C LEU C 3 19.73 36.47 24.14
N PHE C 4 20.64 37.40 23.84
CA PHE C 4 21.77 37.13 22.94
C PHE C 4 22.73 36.03 23.45
N GLU C 5 22.82 35.87 24.77
CA GLU C 5 23.61 34.80 25.38
C GLU C 5 22.98 33.43 25.15
N THR C 6 21.65 33.34 25.32
CA THR C 6 20.94 32.06 25.18
C THR C 6 20.91 31.56 23.72
N VAL C 7 20.78 32.48 22.77
CA VAL C 7 20.79 32.10 21.34
C VAL C 7 22.14 31.57 20.85
N ARG C 8 23.21 31.89 21.57
CA ARG C 8 24.52 31.27 21.34
C ARG C 8 24.47 29.78 21.68
N GLU C 9 24.00 29.47 22.88
CA GLU C 9 23.86 28.10 23.38
C GLU C 9 22.90 27.28 22.52
N MET C 10 21.74 27.85 22.26
CA MET C 10 20.68 27.20 21.50
C MET C 10 20.98 27.15 19.99
N GLY C 11 21.56 28.23 19.48
CA GLY C 11 21.95 28.36 18.07
C GLY C 11 20.87 28.93 17.16
N HIS C 12 19.92 29.66 17.75
CA HIS C 12 18.83 30.26 16.98
C HIS C 12 19.39 31.30 16.01
N GLU C 13 18.81 31.32 14.82
CA GLU C 13 19.14 32.31 13.80
C GLU C 13 18.55 33.67 14.13
N GLN C 14 17.28 33.67 14.54
CA GLN C 14 16.52 34.91 14.66
C GLN C 14 15.23 34.73 15.49
N VAL C 15 14.81 35.84 16.09
CA VAL C 15 13.59 35.94 16.90
C VAL C 15 12.81 37.17 16.47
N LEU C 16 11.48 37.10 16.59
CA LEU C 16 10.57 38.21 16.27
C LEU C 16 9.55 38.50 17.37
N PHE C 17 9.74 39.60 18.08
CA PHE C 17 8.79 40.07 19.08
C PHE C 17 7.73 40.93 18.41
N CYS C 18 6.65 40.28 18.01
CA CYS C 18 5.55 40.92 17.31
C CYS C 18 4.63 41.62 18.32
N HIS C 19 4.01 42.74 17.89
CA HIS C 19 3.17 43.54 18.78
C HIS C 19 2.16 44.39 18.03
N SER C 20 0.99 44.55 18.64
CA SER C 20 -0.04 45.49 18.18
C SER C 20 -0.94 45.89 19.36
N LYS C 21 -1.63 47.02 19.21
CA LYS C 21 -2.51 47.55 20.25
C LYS C 21 -4.01 47.57 19.88
N ASN C 22 -4.34 47.65 18.59
CA ASN C 22 -5.73 47.49 18.13
C ASN C 22 -6.33 46.13 18.56
N PRO C 23 -5.62 45.01 18.27
CA PRO C 23 -6.10 43.73 18.77
C PRO C 23 -5.46 43.33 20.12
N GLU C 24 -4.59 44.20 20.65
CA GLU C 24 -3.82 43.94 21.86
C GLU C 24 -3.16 42.56 21.78
N ILE C 25 -2.37 42.37 20.73
CA ILE C 25 -1.65 41.09 20.54
C ILE C 25 -0.20 41.18 21.03
N LYS C 26 0.17 40.24 21.91
CA LYS C 26 1.55 39.99 22.30
C LYS C 26 1.94 38.61 21.78
N ALA C 27 3.03 38.54 21.03
CA ALA C 27 3.45 37.29 20.40
C ALA C 27 4.95 37.22 20.19
N ILE C 28 5.48 36.00 20.11
CA ILE C 28 6.88 35.74 19.77
C ILE C 28 6.97 34.56 18.80
N ILE C 29 7.39 34.86 17.58
CA ILE C 29 7.88 33.86 16.63
C ILE C 29 9.37 33.73 16.91
N ALA C 30 9.91 32.52 16.73
CA ALA C 30 11.31 32.25 17.02
C ALA C 30 11.85 31.16 16.09
N ILE C 31 12.76 31.55 15.19
CA ILE C 31 13.26 30.67 14.13
C ILE C 31 14.67 30.16 14.45
N HIS C 32 14.79 28.85 14.69
CA HIS C 32 16.06 28.22 15.06
C HIS C 32 16.99 28.04 13.88
N ASP C 33 16.48 27.45 12.81
CA ASP C 33 17.23 27.28 11.55
C ASP C 33 16.29 27.41 10.35
N THR C 34 16.85 27.74 9.19
CA THR C 34 16.14 27.71 7.91
C THR C 34 16.95 26.97 6.82
N THR C 35 17.87 26.11 7.28
CA THR C 35 18.90 25.52 6.43
C THR C 35 18.37 24.59 5.34
N LEU C 36 17.51 23.65 5.71
CA LEU C 36 17.04 22.60 4.80
C LEU C 36 15.79 23.02 4.05
N GLY C 37 15.18 24.12 4.49
CA GLY C 37 13.92 24.63 3.93
C GLY C 37 13.35 25.70 4.86
N PRO C 38 12.16 26.21 4.54
CA PRO C 38 11.57 27.24 5.40
C PRO C 38 11.14 26.66 6.73
N ALA C 39 11.25 27.45 7.79
CA ALA C 39 10.96 27.01 9.15
C ALA C 39 9.48 26.64 9.33
N MET C 40 9.24 25.44 9.86
CA MET C 40 7.90 25.01 10.27
C MET C 40 7.78 25.12 11.79
N GLY C 41 6.59 25.45 12.26
CA GLY C 41 6.38 25.63 13.70
C GLY C 41 4.96 26.01 14.07
N ALA C 42 4.28 25.14 14.81
CA ALA C 42 2.87 25.34 15.14
C ALA C 42 2.65 26.42 16.20
N THR C 43 1.68 27.29 15.95
CA THR C 43 1.34 28.38 16.86
C THR C 43 0.69 27.86 18.16
N ARG C 44 1.07 28.49 19.27
CA ARG C 44 0.71 28.09 20.62
C ARG C 44 0.27 29.35 21.36
N ILE C 45 -0.66 29.22 22.30
CA ILE C 45 -1.17 30.38 23.05
C ILE C 45 -1.43 30.01 24.52
N LEU C 46 -0.50 30.41 25.39
CA LEU C 46 -0.58 30.14 26.83
C LEU C 46 -0.52 31.46 27.60
N PRO C 47 -1.03 31.47 28.85
CA PRO C 47 -0.83 32.62 29.71
C PRO C 47 0.47 32.43 30.47
N TYR C 48 1.56 32.88 29.86
CA TYR C 48 2.87 32.70 30.45
C TYR C 48 3.02 33.61 31.67
N ILE C 49 3.73 33.11 32.68
CA ILE C 49 4.02 33.87 33.90
C ILE C 49 4.72 35.16 33.49
N ASN C 50 5.89 34.98 32.88
CA ASN C 50 6.83 36.04 32.60
C ASN C 50 7.18 36.10 31.11
N GLU C 51 7.86 37.18 30.75
CA GLU C 51 8.29 37.42 29.36
C GLU C 51 9.40 36.43 29.01
N GLU C 52 10.36 36.31 29.92
CA GLU C 52 11.36 35.24 29.89
C GLU C 52 10.76 33.87 29.62
N ALA C 53 9.68 33.55 30.33
CA ALA C 53 9.00 32.26 30.19
C ALA C 53 8.40 32.07 28.80
N ALA C 54 7.69 33.10 28.33
CA ALA C 54 7.16 33.09 26.96
C ALA C 54 8.25 32.77 25.98
N LEU C 55 9.36 33.49 26.11
CA LEU C 55 10.54 33.30 25.26
C LEU C 55 11.10 31.88 25.35
N LYS C 56 11.39 31.44 26.58
CA LYS C 56 12.05 30.15 26.81
C LYS C 56 11.35 28.96 26.15
N ASP C 57 10.02 28.98 26.15
CA ASP C 57 9.23 27.95 25.48
C ASP C 57 9.43 28.03 23.95
N ALA C 58 9.36 29.24 23.40
CA ALA C 58 9.52 29.47 21.96
C ALA C 58 10.87 28.98 21.41
N LEU C 59 11.94 29.28 22.14
CA LEU C 59 13.28 28.80 21.78
C LEU C 59 13.37 27.27 21.83
N ARG C 60 12.98 26.70 22.97
CA ARG C 60 13.18 25.27 23.25
C ARG C 60 12.42 24.34 22.30
N LEU C 61 11.25 24.77 21.85
CA LEU C 61 10.43 24.01 20.89
C LEU C 61 10.88 24.22 19.44
N SER C 62 11.35 25.43 19.15
CA SER C 62 11.89 25.75 17.82
C SER C 62 13.14 24.92 17.54
N ARG C 63 14.00 24.78 18.54
CA ARG C 63 15.13 23.87 18.45
C ARG C 63 14.68 22.42 18.21
N GLY C 64 13.58 22.03 18.84
CA GLY C 64 12.98 20.70 18.63
C GLY C 64 12.61 20.42 17.17
N MET C 65 11.91 21.37 16.56
CA MET C 65 11.43 21.20 15.19
C MET C 65 12.55 21.20 14.15
N THR C 66 13.67 21.84 14.47
CA THR C 66 14.87 21.83 13.61
C THR C 66 15.35 20.40 13.44
N TYR C 67 15.46 19.71 14.57
CA TYR C 67 15.89 18.32 14.62
C TYR C 67 14.81 17.38 14.09
N LYS C 68 13.58 17.56 14.56
CA LYS C 68 12.46 16.68 14.17
C LYS C 68 12.28 16.65 12.66
N ALA C 69 12.55 17.78 12.02
CA ALA C 69 12.61 17.85 10.56
C ALA C 69 13.83 17.08 10.04
N ALA C 70 15.01 17.43 10.53
CA ALA C 70 16.27 16.84 10.05
C ALA C 70 16.24 15.31 9.99
N CYS C 71 15.83 14.70 11.10
CA CYS C 71 15.72 13.23 11.20
C CYS C 71 14.63 12.61 10.30
N ALA C 72 13.61 13.40 9.98
CA ALA C 72 12.59 13.03 8.97
C ALA C 72 13.03 13.18 7.51
N ASN C 73 14.24 13.70 7.27
CA ASN C 73 14.80 13.92 5.92
C ASN C 73 13.79 14.68 5.05
N ILE C 74 13.42 15.83 5.60
CA ILE C 74 12.40 16.71 5.07
C ILE C 74 13.11 18.04 4.79
N PRO C 75 12.82 18.71 3.65
CA PRO C 75 13.52 19.98 3.47
C PRO C 75 12.80 21.08 4.25
N ALA C 76 13.12 21.18 5.54
CA ALA C 76 12.50 22.18 6.40
C ALA C 76 13.32 22.48 7.63
N GLY C 77 13.40 23.77 7.97
CA GLY C 77 14.02 24.22 9.21
C GLY C 77 13.03 24.17 10.35
N GLY C 78 13.45 24.65 11.52
CA GLY C 78 12.64 24.58 12.74
C GLY C 78 12.32 25.93 13.34
N GLY C 79 11.04 26.18 13.56
CA GLY C 79 10.56 27.40 14.23
C GLY C 79 9.42 27.09 15.20
N LYS C 80 8.97 28.12 15.89
CA LYS C 80 7.80 28.04 16.77
C LYS C 80 7.30 29.42 17.12
N ALA C 81 6.00 29.52 17.34
CA ALA C 81 5.35 30.77 17.70
C ALA C 81 4.53 30.61 18.98
N VAL C 82 4.75 31.51 19.94
CA VAL C 82 4.00 31.51 21.20
C VAL C 82 3.30 32.86 21.36
N ILE C 83 2.05 32.82 21.83
CA ILE C 83 1.26 34.03 22.05
C ILE C 83 1.00 34.19 23.54
N ILE C 84 1.26 35.40 24.06
CA ILE C 84 1.02 35.74 25.45
C ILE C 84 -0.41 36.23 25.56
N ALA C 85 -1.28 35.37 26.10
CA ALA C 85 -2.70 35.69 26.24
C ALA C 85 -3.42 34.70 27.15
N ASN C 86 -4.60 35.11 27.61
CA ASN C 86 -5.54 34.22 28.29
C ASN C 86 -6.49 33.62 27.24
N PRO C 87 -6.62 32.27 27.21
CA PRO C 87 -7.37 31.59 26.14
C PRO C 87 -8.83 32.02 26.04
N GLU C 88 -9.42 32.42 27.17
CA GLU C 88 -10.75 33.02 27.20
C GLU C 88 -10.84 34.27 26.32
N ASN C 89 -9.84 35.15 26.42
CA ASN C 89 -9.77 36.38 25.62
C ASN C 89 -9.14 36.15 24.24
N LYS C 90 -9.83 35.36 23.44
CA LYS C 90 -9.48 35.17 22.04
C LYS C 90 -10.51 35.90 21.21
N THR C 91 -10.04 36.53 20.15
CA THR C 91 -10.85 37.30 19.23
C THR C 91 -10.35 36.97 17.84
N ASP C 92 -11.23 37.04 16.86
CA ASP C 92 -10.85 36.75 15.47
C ASP C 92 -9.91 37.82 14.91
N ASP C 93 -10.14 39.07 15.32
CA ASP C 93 -9.19 40.17 15.08
C ASP C 93 -7.81 39.95 15.71
N LEU C 94 -7.78 39.35 16.90
CA LEU C 94 -6.53 38.95 17.55
C LEU C 94 -5.82 37.90 16.72
N LEU C 95 -6.60 36.93 16.25
CA LEU C 95 -6.09 35.90 15.37
C LEU C 95 -5.59 36.57 14.09
N ARG C 96 -6.49 37.22 13.35
CA ARG C 96 -6.13 37.95 12.11
C ARG C 96 -4.85 38.77 12.20
N ALA C 97 -4.66 39.44 13.34
CA ALA C 97 -3.46 40.23 13.63
C ALA C 97 -2.20 39.38 13.59
N TYR C 98 -2.22 38.28 14.32
CA TYR C 98 -1.15 37.27 14.27
C TYR C 98 -0.94 36.73 12.84
N GLY C 99 -2.02 36.61 12.09
CA GLY C 99 -1.99 36.25 10.67
C GLY C 99 -1.14 37.19 9.84
N ARG C 100 -1.30 38.49 10.06
CA ARG C 100 -0.48 39.49 9.38
C ARG C 100 1.03 39.28 9.64
N PHE C 101 1.38 38.86 10.86
CA PHE C 101 2.78 38.68 11.25
C PHE C 101 3.50 37.49 10.60
N VAL C 102 2.83 36.35 10.45
CA VAL C 102 3.39 35.19 9.73
C VAL C 102 3.50 35.50 8.23
N ASP C 103 2.54 36.27 7.72
CA ASP C 103 2.51 36.73 6.33
C ASP C 103 3.75 37.54 6.01
N SER C 104 4.05 38.48 6.91
CA SER C 104 5.24 39.31 6.84
C SER C 104 6.54 38.53 6.56
N LEU C 105 6.66 37.34 7.15
CA LEU C 105 7.83 36.49 6.94
C LEU C 105 7.98 35.88 5.53
N ASN C 106 6.94 35.97 4.71
CA ASN C 106 7.02 35.63 3.27
C ASN C 106 7.40 34.16 3.01
N GLY C 107 6.62 33.26 3.61
CA GLY C 107 6.85 31.82 3.46
C GLY C 107 8.11 31.24 4.09
N ARG C 108 8.81 32.06 4.88
CA ARG C 108 10.03 31.63 5.56
C ARG C 108 9.66 30.86 6.83
N PHE C 109 8.60 31.31 7.49
CA PHE C 109 8.01 30.61 8.65
C PHE C 109 6.62 30.08 8.29
N ILE C 110 6.41 28.80 8.61
CA ILE C 110 5.14 28.11 8.38
C ILE C 110 4.63 27.60 9.72
N THR C 111 3.31 27.58 9.89
CA THR C 111 2.69 27.18 11.15
C THR C 111 1.46 26.32 10.96
N GLY C 112 1.36 25.28 11.79
CA GLY C 112 0.14 24.49 11.92
C GLY C 112 -0.67 24.92 13.13
N GLN C 113 -1.22 23.94 13.85
CA GLN C 113 -1.96 24.17 15.09
C GLN C 113 -1.28 23.50 16.29
N ASP C 114 -1.55 24.05 17.48
CA ASP C 114 -1.07 23.47 18.74
C ASP C 114 -2.02 23.87 19.90
N VAL C 115 -1.50 23.88 21.13
CA VAL C 115 -2.30 24.07 22.36
C VAL C 115 -3.09 25.38 22.27
N ASN C 116 -4.34 25.32 22.71
CA ASN C 116 -5.30 26.43 22.64
C ASN C 116 -5.63 26.95 21.23
N ILE C 117 -5.13 26.29 20.18
CA ILE C 117 -5.40 26.66 18.79
C ILE C 117 -6.14 25.50 18.13
N THR C 118 -7.39 25.76 17.76
CA THR C 118 -8.26 24.78 17.13
C THR C 118 -8.17 24.88 15.59
N PRO C 119 -8.64 23.84 14.86
CA PRO C 119 -8.70 23.88 13.38
C PRO C 119 -9.57 25.00 12.76
N ASP C 120 -10.52 25.54 13.53
CA ASP C 120 -11.31 26.69 13.11
C ASP C 120 -10.52 28.00 13.21
N ASP C 121 -9.70 28.11 14.26
CA ASP C 121 -8.79 29.27 14.43
C ASP C 121 -7.79 29.38 13.30
N VAL C 122 -7.21 28.24 12.92
CA VAL C 122 -6.32 28.12 11.77
C VAL C 122 -6.92 28.76 10.51
N ARG C 123 -8.20 28.47 10.25
CA ARG C 123 -8.89 29.08 9.12
C ARG C 123 -9.03 30.60 9.26
N THR C 124 -9.29 31.08 10.47
CA THR C 124 -9.42 32.51 10.74
C THR C 124 -8.17 33.31 10.36
N ILE C 125 -7.01 32.85 10.81
CA ILE C 125 -5.73 33.50 10.43
C ILE C 125 -5.39 33.31 8.95
N SER C 126 -5.74 32.15 8.40
CA SER C 126 -5.40 31.78 7.02
C SER C 126 -5.76 32.82 5.95
N GLN C 127 -6.88 33.50 6.15
CA GLN C 127 -7.32 34.57 5.22
C GLN C 127 -6.36 35.77 5.11
N GLU C 128 -5.73 36.16 6.22
CA GLU C 128 -4.76 37.27 6.23
C GLU C 128 -3.35 36.86 5.81
N THR C 129 -2.93 35.64 6.16
CA THR C 129 -1.56 35.16 5.84
C THR C 129 -1.48 34.23 4.62
N LYS C 130 -2.31 33.20 4.61
CA LYS C 130 -2.28 32.12 3.60
C LYS C 130 -1.04 31.18 3.68
N TYR C 131 -0.31 31.25 4.78
CA TYR C 131 0.86 30.39 5.06
C TYR C 131 0.65 29.42 6.24
N VAL C 132 -0.57 29.31 6.74
CA VAL C 132 -0.89 28.35 7.81
C VAL C 132 -1.36 27.06 7.16
N VAL C 133 -1.21 25.94 7.88
CA VAL C 133 -1.67 24.62 7.42
C VAL C 133 -2.61 23.97 8.43
N PRO C 142 -4.63 11.38 8.95
CA PRO C 142 -3.59 11.86 9.86
C PRO C 142 -3.03 10.75 10.75
N ALA C 143 -3.92 10.06 11.46
CA ALA C 143 -3.54 8.96 12.36
C ALA C 143 -3.04 7.68 11.65
N PRO C 144 -3.64 7.31 10.49
CA PRO C 144 -3.15 6.13 9.77
C PRO C 144 -1.70 6.22 9.29
N ILE C 145 -1.29 7.37 8.78
CA ILE C 145 0.06 7.58 8.24
C ILE C 145 1.13 7.62 9.34
N THR C 146 0.77 8.18 10.50
CA THR C 146 1.64 8.16 11.69
C THR C 146 1.88 6.71 12.14
N SER C 147 0.78 5.98 12.34
CA SER C 147 0.81 4.59 12.82
C SER C 147 1.54 3.61 11.90
N LEU C 148 1.65 3.95 10.61
CA LEU C 148 2.51 3.21 9.67
C LEU C 148 3.98 3.55 9.89
N GLY C 149 4.26 4.81 10.21
CA GLY C 149 5.61 5.26 10.61
C GLY C 149 6.16 4.54 11.83
N VAL C 150 5.27 4.17 12.75
CA VAL C 150 5.63 3.36 13.93
C VAL C 150 5.97 1.94 13.50
N PHE C 151 5.09 1.38 12.68
CA PHE C 151 5.23 0.03 12.14
C PHE C 151 6.56 -0.17 11.38
N LEU C 152 7.00 0.87 10.67
CA LEU C 152 8.32 0.88 10.03
C LEU C 152 9.46 1.00 11.05
N GLY C 153 9.24 1.84 12.08
CA GLY C 153 10.18 1.99 13.20
C GLY C 153 10.44 0.71 13.97
N ILE C 154 9.39 -0.08 14.18
CA ILE C 154 9.52 -1.42 14.76
C ILE C 154 10.37 -2.28 13.83
N LYS C 155 9.91 -2.42 12.60
CA LYS C 155 10.59 -3.21 11.54
C LYS C 155 12.08 -2.87 11.41
N ALA C 156 12.39 -1.58 11.44
CA ALA C 156 13.77 -1.09 11.42
C ALA C 156 14.52 -1.48 12.69
N ALA C 157 13.85 -1.35 13.83
CA ALA C 157 14.45 -1.66 15.14
C ALA C 157 14.81 -3.13 15.37
N VAL C 158 14.10 -4.04 14.70
CA VAL C 158 14.38 -5.48 14.80
C VAL C 158 15.68 -5.86 14.09
N GLU C 159 15.89 -5.32 12.89
CA GLU C 159 17.08 -5.61 12.07
C GLU C 159 18.39 -5.19 12.74
N SER C 160 18.33 -4.15 13.56
CA SER C 160 19.50 -3.72 14.35
C SER C 160 19.85 -4.77 15.37
N ARG C 161 18.87 -5.12 16.21
CA ARG C 161 19.09 -6.03 17.33
C ARG C 161 19.23 -7.50 16.92
N TRP C 162 18.23 -8.04 16.23
CA TRP C 162 18.14 -9.48 15.91
C TRP C 162 18.48 -9.91 14.47
N GLN C 163 18.75 -8.94 13.59
CA GLN C 163 19.24 -9.21 12.21
C GLN C 163 18.38 -10.12 11.32
N SER C 164 17.07 -10.03 11.46
CA SER C 164 16.12 -10.76 10.60
C SER C 164 14.87 -9.90 10.43
N LYS C 165 14.24 -9.99 9.26
CA LYS C 165 13.16 -9.05 8.88
C LYS C 165 11.74 -9.49 9.29
N ARG C 166 11.51 -10.80 9.43
CA ARG C 166 10.19 -11.33 9.80
C ARG C 166 9.83 -11.02 11.26
N LEU C 167 8.52 -10.95 11.52
CA LEU C 167 7.97 -10.66 12.85
C LEU C 167 7.00 -11.75 13.33
N ASP C 168 7.12 -12.95 12.76
CA ASP C 168 6.13 -14.02 12.97
C ASP C 168 6.11 -14.51 14.41
N GLY C 169 4.96 -14.40 15.06
CA GLY C 169 4.78 -14.86 16.43
C GLY C 169 5.53 -14.10 17.51
N MET C 170 6.12 -12.96 17.16
CA MET C 170 6.80 -12.11 18.14
C MET C 170 5.73 -11.43 19.00
N LYS C 171 6.16 -10.95 20.16
CA LYS C 171 5.25 -10.30 21.10
C LYS C 171 5.42 -8.79 21.02
N VAL C 172 4.31 -8.07 21.13
CA VAL C 172 4.31 -6.60 21.23
C VAL C 172 3.27 -6.15 22.26
N ALA C 173 3.67 -5.22 23.13
CA ALA C 173 2.77 -4.60 24.10
C ALA C 173 2.47 -3.16 23.68
N VAL C 174 1.18 -2.81 23.64
CA VAL C 174 0.72 -1.50 23.15
C VAL C 174 -0.06 -0.76 24.23
N GLN C 175 0.50 0.36 24.68
CA GLN C 175 -0.17 1.25 25.66
C GLN C 175 -1.08 2.25 24.94
N GLY C 176 -2.35 2.26 25.30
CA GLY C 176 -3.33 3.19 24.74
C GLY C 176 -3.79 2.78 23.35
N LEU C 177 -5.10 2.89 23.13
CA LEU C 177 -5.72 2.47 21.86
C LEU C 177 -6.52 3.62 21.27
N GLY C 178 -5.79 4.67 20.93
CA GLY C 178 -6.30 5.73 20.06
C GLY C 178 -6.39 5.21 18.64
N ASN C 179 -6.74 6.10 17.71
CA ASN C 179 -6.77 5.73 16.29
C ASN C 179 -5.39 5.22 15.86
N VAL C 180 -4.37 6.01 16.21
CA VAL C 180 -2.97 5.72 15.91
C VAL C 180 -2.58 4.36 16.48
N GLY C 181 -2.74 4.23 17.80
CA GLY C 181 -2.36 3.02 18.53
C GLY C 181 -3.02 1.72 18.10
N LYS C 182 -4.25 1.80 17.58
CA LYS C 182 -4.99 0.62 17.10
C LYS C 182 -4.56 0.20 15.69
N ASN C 183 -4.47 1.16 14.78
CA ASN C 183 -3.95 0.89 13.43
C ASN C 183 -2.64 0.13 13.49
N LEU C 184 -1.79 0.57 14.41
CA LEU C 184 -0.58 -0.16 14.74
C LEU C 184 -0.93 -1.61 15.05
N CYS C 185 -1.74 -1.82 16.09
CA CYS C 185 -2.19 -3.17 16.49
C CYS C 185 -2.71 -3.98 15.30
N ARG C 186 -3.45 -3.32 14.42
CA ARG C 186 -3.94 -3.94 13.18
C ARG C 186 -2.78 -4.44 12.32
N HIS C 187 -1.89 -3.53 11.95
CA HIS C 187 -0.70 -3.88 11.15
C HIS C 187 0.11 -5.04 11.75
N LEU C 188 0.25 -5.04 13.07
CA LEU C 188 1.01 -6.08 13.78
C LEU C 188 0.29 -7.42 13.76
N HIS C 189 -0.98 -7.40 14.15
CA HIS C 189 -1.86 -8.58 14.07
C HIS C 189 -1.79 -9.23 12.69
N GLU C 190 -1.95 -8.41 11.66
CA GLU C 190 -1.94 -8.86 10.25
C GLU C 190 -0.60 -9.49 9.85
N HIS C 191 0.47 -9.11 10.55
CA HIS C 191 1.79 -9.73 10.44
C HIS C 191 2.03 -10.90 11.43
N ASP C 192 0.97 -11.47 11.98
CA ASP C 192 1.05 -12.61 12.92
C ASP C 192 1.85 -12.31 14.20
N VAL C 193 1.71 -11.09 14.71
CA VAL C 193 2.30 -10.68 15.98
C VAL C 193 1.28 -10.93 17.07
N GLN C 194 1.77 -11.35 18.25
CA GLN C 194 0.93 -11.58 19.41
C GLN C 194 0.93 -10.31 20.25
N LEU C 195 -0.25 -9.78 20.55
CA LEU C 195 -0.35 -8.45 21.16
C LEU C 195 -0.98 -8.43 22.55
N PHE C 196 -0.34 -7.69 23.45
CA PHE C 196 -0.91 -7.30 24.73
C PHE C 196 -1.33 -5.85 24.61
N VAL C 197 -2.52 -5.51 25.09
CA VAL C 197 -3.08 -4.16 24.90
C VAL C 197 -3.63 -3.51 26.17
N SER C 198 -3.70 -2.19 26.17
CA SER C 198 -4.06 -1.39 27.34
C SER C 198 -5.07 -0.31 26.97
N PRO C 202 -11.79 0.93 29.44
CA PRO C 202 -12.18 -0.48 29.29
C PRO C 202 -13.00 -0.80 28.03
N ILE C 203 -13.67 0.20 27.45
CA ILE C 203 -14.50 0.02 26.25
C ILE C 203 -13.62 -0.24 25.03
N LYS C 204 -12.67 0.64 24.79
CA LYS C 204 -11.79 0.58 23.61
C LYS C 204 -10.90 -0.67 23.58
N ALA C 205 -10.53 -1.16 24.75
CA ALA C 205 -9.69 -2.36 24.90
C ALA C 205 -10.41 -3.65 24.49
N GLU C 206 -11.69 -3.75 24.86
CA GLU C 206 -12.54 -4.91 24.52
C GLU C 206 -12.74 -5.10 23.01
N GLU C 207 -12.75 -4.00 22.25
CA GLU C 207 -12.90 -4.06 20.79
C GLU C 207 -11.70 -4.72 20.11
N VAL C 208 -10.50 -4.36 20.55
CA VAL C 208 -9.25 -4.90 20.01
C VAL C 208 -9.02 -6.37 20.41
N LYS C 209 -9.52 -6.77 21.57
CA LYS C 209 -9.53 -8.18 21.97
C LYS C 209 -10.33 -9.00 20.97
N ARG C 210 -11.52 -8.52 20.63
CA ARG C 210 -12.43 -9.16 19.68
C ARG C 210 -11.86 -9.20 18.26
N LEU C 211 -11.42 -8.04 17.77
CA LEU C 211 -10.96 -7.90 16.38
C LEU C 211 -9.66 -8.66 16.07
N PHE C 212 -8.67 -8.52 16.94
CA PHE C 212 -7.32 -9.03 16.68
C PHE C 212 -6.84 -10.12 17.65
N GLY C 213 -7.75 -10.68 18.44
CA GLY C 213 -7.41 -11.74 19.39
C GLY C 213 -6.27 -11.36 20.32
N ALA C 214 -6.30 -10.12 20.78
CA ALA C 214 -5.26 -9.58 21.66
C ALA C 214 -5.63 -9.84 23.12
N THR C 215 -4.63 -10.20 23.93
CA THR C 215 -4.83 -10.47 25.35
C THR C 215 -4.78 -9.17 26.15
N VAL C 216 -5.91 -8.74 26.69
CA VAL C 216 -6.02 -7.48 27.42
C VAL C 216 -5.29 -7.56 28.78
N VAL C 217 -4.66 -6.44 29.13
CA VAL C 217 -3.99 -6.24 30.41
C VAL C 217 -4.42 -4.88 30.96
N GLU C 218 -4.29 -4.70 32.27
CA GLU C 218 -4.59 -3.42 32.90
C GLU C 218 -3.56 -2.33 32.53
N PRO C 219 -3.87 -1.04 32.77
CA PRO C 219 -2.91 0.05 32.59
C PRO C 219 -1.56 -0.18 33.28
N THR C 220 -1.62 -0.63 34.53
CA THR C 220 -0.43 -0.84 35.37
C THR C 220 0.43 -2.04 35.00
N GLU C 221 -0.18 -3.05 34.36
CA GLU C 221 0.50 -4.31 34.09
C GLU C 221 1.44 -4.30 32.87
N ILE C 222 1.19 -3.40 31.92
CA ILE C 222 1.79 -3.46 30.56
C ILE C 222 3.30 -3.15 30.43
N TYR C 223 3.88 -2.56 31.48
CA TYR C 223 5.33 -2.27 31.52
C TYR C 223 6.14 -3.53 31.90
N SER C 224 5.51 -4.44 32.64
CA SER C 224 6.17 -5.62 33.21
C SER C 224 6.10 -6.91 32.37
N LEU C 225 5.30 -6.89 31.31
CA LEU C 225 5.12 -8.07 30.45
C LEU C 225 6.42 -8.49 29.78
N ASP C 226 6.64 -9.79 29.68
CA ASP C 226 7.81 -10.34 28.98
C ASP C 226 7.50 -10.37 27.50
N VAL C 227 7.66 -9.22 26.87
CA VAL C 227 7.38 -9.06 25.44
C VAL C 227 8.62 -8.54 24.74
N ASP C 228 8.80 -8.96 23.48
CA ASP C 228 9.97 -8.58 22.70
C ASP C 228 10.06 -7.06 22.49
N ILE C 229 8.93 -6.43 22.14
CA ILE C 229 8.90 -4.99 21.84
C ILE C 229 7.81 -4.26 22.61
N PHE C 230 8.14 -3.08 23.14
CA PHE C 230 7.20 -2.20 23.81
C PHE C 230 6.92 -0.98 22.89
N ALA C 231 5.65 -0.62 22.75
CA ALA C 231 5.23 0.47 21.86
C ALA C 231 4.23 1.41 22.53
N PRO C 232 4.73 2.34 23.39
CA PRO C 232 3.77 3.21 24.04
C PRO C 232 3.11 4.14 23.05
N CYS C 233 1.78 4.19 23.08
CA CYS C 233 0.99 5.03 22.17
C CYS C 233 -0.04 5.92 22.87
N ALA C 234 0.13 6.14 24.18
CA ALA C 234 -0.83 6.91 24.97
C ALA C 234 -0.28 8.29 25.32
N LEU C 235 0.77 8.34 26.14
CA LEU C 235 1.23 9.61 26.74
C LEU C 235 2.71 9.65 27.08
N GLY C 236 3.19 10.87 27.26
CA GLY C 236 4.59 11.16 27.62
C GLY C 236 4.84 11.02 29.10
N GLY C 237 6.13 10.97 29.45
CA GLY C 237 6.55 10.83 30.85
C GLY C 237 6.28 9.47 31.49
N ILE C 238 6.15 8.45 30.64
CA ILE C 238 5.95 7.07 31.12
C ILE C 238 7.27 6.37 31.41
N LEU C 239 8.29 6.69 30.60
CA LEU C 239 9.63 6.16 30.80
C LEU C 239 10.34 6.96 31.91
N ASN C 240 10.37 6.36 33.11
CA ASN C 240 10.95 6.99 34.32
C ASN C 240 11.49 5.96 35.30
N SER C 241 12.23 6.44 36.31
CA SER C 241 12.96 5.57 37.27
C SER C 241 12.10 4.56 38.06
N HIS C 242 10.81 4.88 38.22
CA HIS C 242 9.82 3.93 38.74
C HIS C 242 9.61 2.75 37.78
N THR C 243 9.41 3.07 36.50
CA THR C 243 8.94 2.14 35.47
C THR C 243 10.03 1.44 34.66
N ILE C 244 11.10 2.17 34.35
CA ILE C 244 12.14 1.68 33.45
C ILE C 244 12.74 0.33 33.88
N PRO C 245 13.08 0.15 35.18
CA PRO C 245 13.60 -1.15 35.65
C PRO C 245 12.72 -2.38 35.36
N PHE C 246 11.40 -2.19 35.36
CA PHE C 246 10.43 -3.29 35.20
C PHE C 246 10.41 -3.98 33.82
N LEU C 247 10.97 -3.34 32.80
CA LEU C 247 10.90 -3.84 31.43
C LEU C 247 11.77 -5.07 31.14
N GLN C 248 11.17 -6.07 30.48
CA GLN C 248 11.90 -7.19 29.84
C GLN C 248 11.94 -7.05 28.32
N ALA C 249 11.41 -5.93 27.80
CA ALA C 249 11.41 -5.64 26.36
C ALA C 249 12.74 -5.02 25.93
N SER C 250 13.38 -5.62 24.93
CA SER C 250 14.66 -5.15 24.40
C SER C 250 14.56 -4.15 23.23
N ILE C 251 13.32 -3.80 22.83
CA ILE C 251 13.06 -2.69 21.90
C ILE C 251 11.88 -1.87 22.40
N ILE C 252 12.07 -0.56 22.51
CA ILE C 252 10.97 0.39 22.72
C ILE C 252 10.76 1.22 21.45
N ALA C 253 9.96 0.67 20.54
CA ALA C 253 9.56 1.33 19.31
C ALA C 253 8.05 1.57 19.35
N GLY C 254 7.67 2.80 19.70
CA GLY C 254 6.26 3.24 19.73
C GLY C 254 6.06 4.69 19.31
N ALA C 255 4.85 5.20 19.53
CA ALA C 255 4.42 6.53 19.02
C ALA C 255 4.20 7.61 20.07
N ALA C 256 4.44 7.30 21.34
CA ALA C 256 4.19 8.26 22.40
C ALA C 256 5.20 9.41 22.31
N ASN C 257 4.75 10.62 22.66
CA ASN C 257 5.58 11.82 22.52
C ASN C 257 6.14 12.26 23.86
N ASN C 258 7.42 12.63 23.87
CA ASN C 258 8.15 12.98 25.10
C ASN C 258 7.99 11.89 26.16
N GLN C 259 8.27 10.66 25.71
CA GLN C 259 8.09 9.43 26.48
C GLN C 259 8.96 9.43 27.71
N LEU C 260 10.19 9.88 27.51
CA LEU C 260 11.17 9.97 28.58
C LEU C 260 10.82 11.17 29.45
N GLU C 261 10.70 10.93 30.76
CA GLU C 261 10.38 12.00 31.70
C GLU C 261 11.54 13.00 31.82
N ASN C 262 12.77 12.52 31.62
CA ASN C 262 13.99 13.35 31.64
C ASN C 262 14.98 12.88 30.57
N GLU C 263 15.37 13.80 29.68
CA GLU C 263 16.13 13.47 28.48
C GLU C 263 17.33 12.56 28.76
N GLN C 264 18.22 13.04 29.63
CA GLN C 264 19.51 12.41 29.89
C GLN C 264 19.33 11.21 30.81
N LEU C 265 18.72 11.46 31.98
CA LEU C 265 18.66 10.48 33.06
C LEU C 265 17.96 9.19 32.67
N HIS C 266 16.82 9.31 32.00
CA HIS C 266 15.97 8.16 31.69
C HIS C 266 16.27 7.47 30.36
N SER C 267 17.03 8.12 29.48
CA SER C 267 17.55 7.49 28.26
C SER C 267 18.80 6.65 28.53
N GLN C 268 19.64 7.07 29.48
CA GLN C 268 20.86 6.34 29.84
C GLN C 268 20.61 5.01 30.55
N MET C 269 19.55 4.94 31.35
CA MET C 269 19.18 3.70 32.07
C MET C 269 18.89 2.56 31.09
N LEU C 270 18.22 2.90 30.00
CA LEU C 270 17.80 1.93 28.98
C LEU C 270 18.99 1.31 28.27
N ALA C 271 19.90 2.16 27.81
CA ALA C 271 21.12 1.73 27.13
C ALA C 271 21.97 0.81 28.00
N LYS C 272 22.21 1.24 29.24
CA LYS C 272 22.95 0.45 30.22
C LYS C 272 22.29 -0.89 30.51
N LYS C 273 20.97 -0.88 30.53
CA LYS C 273 20.19 -2.09 30.75
C LYS C 273 19.93 -2.92 29.50
N GLY C 274 20.42 -2.44 28.35
CA GLY C 274 20.35 -3.18 27.10
C GLY C 274 19.08 -2.95 26.31
N ILE C 275 18.17 -2.13 26.84
CA ILE C 275 16.95 -1.78 26.12
C ILE C 275 17.33 -0.80 25.00
N LEU C 276 16.74 -1.01 23.83
CA LEU C 276 16.98 -0.17 22.66
C LEU C 276 15.82 0.80 22.49
N TYR C 277 16.10 2.08 22.64
CA TYR C 277 15.08 3.14 22.55
C TYR C 277 15.07 3.79 21.16
N SER C 278 13.88 3.88 20.58
CA SER C 278 13.67 4.60 19.32
C SER C 278 13.13 5.99 19.67
N PRO C 279 13.81 7.06 19.22
CA PRO C 279 13.39 8.41 19.60
C PRO C 279 11.92 8.71 19.34
N ASP C 280 11.28 9.32 20.33
CA ASP C 280 9.88 9.76 20.23
C ASP C 280 9.62 10.59 18.96
N TYR C 281 10.49 11.57 18.71
CA TYR C 281 10.31 12.53 17.60
C TYR C 281 10.70 11.97 16.22
N VAL C 282 11.45 10.88 16.19
CA VAL C 282 11.80 10.21 14.92
C VAL C 282 10.69 9.27 14.45
N ILE C 283 10.01 8.58 15.36
CA ILE C 283 8.87 7.72 15.00
C ILE C 283 7.57 8.51 14.69
N ASN C 284 7.31 9.54 15.47
CA ASN C 284 6.17 10.46 15.24
C ASN C 284 6.24 11.25 13.92
N ALA C 285 7.45 11.38 13.38
CA ALA C 285 7.73 12.07 12.11
C ALA C 285 6.70 11.84 10.99
N GLY C 286 6.18 10.62 10.89
CA GLY C 286 5.10 10.30 9.95
C GLY C 286 3.94 11.28 10.03
N GLY C 287 3.59 11.66 11.27
CA GLY C 287 2.60 12.69 11.54
C GLY C 287 2.99 14.07 11.04
N LEU C 288 4.23 14.47 11.30
CA LEU C 288 4.77 15.72 10.77
C LEU C 288 4.77 15.74 9.25
N ILE C 289 5.21 14.65 8.64
CA ILE C 289 5.32 14.53 7.18
C ILE C 289 3.96 14.77 6.49
N ASN C 290 2.91 14.21 7.08
CA ASN C 290 1.52 14.48 6.63
C ASN C 290 1.25 15.98 6.47
N VAL C 291 1.67 16.74 7.49
CA VAL C 291 1.44 18.19 7.54
C VAL C 291 2.25 18.89 6.46
N TYR C 292 3.50 18.48 6.31
CA TYR C 292 4.40 19.05 5.30
C TYR C 292 3.81 18.91 3.90
N ASN C 293 3.28 17.74 3.58
CA ASN C 293 2.71 17.50 2.26
C ASN C 293 1.53 18.42 1.94
N GLU C 294 0.79 18.82 2.96
CA GLU C 294 -0.28 19.82 2.80
C GLU C 294 0.26 21.18 2.36
N MET C 295 1.40 21.61 2.92
CA MET C 295 2.06 22.85 2.48
C MET C 295 2.33 22.86 0.99
N ILE C 296 2.97 21.79 0.53
CA ILE C 296 3.37 21.67 -0.89
C ILE C 296 2.22 21.19 -1.80
N GLY C 297 1.00 21.15 -1.27
CA GLY C 297 -0.14 20.56 -1.98
C GLY C 297 -0.11 19.07 -1.75
N TYR C 298 -1.11 18.56 -1.04
CA TYR C 298 -1.08 17.17 -0.59
C TYR C 298 -1.22 16.18 -1.74
N ASP C 299 -0.14 15.42 -1.95
CA ASP C 299 -0.17 14.24 -2.80
C ASP C 299 -0.03 13.01 -1.91
N GLU C 300 -1.00 12.10 -1.99
CA GLU C 300 -1.00 10.88 -1.18
C GLU C 300 0.23 10.03 -1.44
N GLU C 301 0.52 9.77 -2.71
CA GLU C 301 1.60 8.86 -3.10
C GLU C 301 2.96 9.31 -2.60
N LYS C 302 3.32 10.56 -2.90
CA LYS C 302 4.63 11.12 -2.51
C LYS C 302 4.80 11.11 -0.99
N ALA C 303 3.73 11.44 -0.28
CA ALA C 303 3.69 11.38 1.18
C ALA C 303 4.00 9.98 1.72
N PHE C 304 3.35 8.98 1.13
CA PHE C 304 3.51 7.58 1.58
C PHE C 304 4.92 7.01 1.31
N LYS C 305 5.63 7.57 0.34
CA LYS C 305 7.06 7.26 0.11
C LYS C 305 7.95 8.00 1.12
N GLN C 306 7.57 9.22 1.43
CA GLN C 306 8.34 10.09 2.32
C GLN C 306 8.42 9.62 3.78
N VAL C 307 7.45 8.81 4.21
CA VAL C 307 7.47 8.22 5.56
C VAL C 307 8.59 7.17 5.72
N HIS C 308 8.90 6.46 4.63
CA HIS C 308 9.88 5.36 4.65
C HIS C 308 11.35 5.77 4.88
N ASN C 309 11.63 7.06 4.93
CA ASN C 309 12.93 7.53 5.45
C ASN C 309 13.06 7.44 6.98
N ILE C 310 11.95 7.22 7.69
CA ILE C 310 12.01 6.83 9.10
C ILE C 310 12.77 5.50 9.23
N TYR C 311 12.38 4.54 8.40
CA TYR C 311 13.05 3.23 8.31
C TYR C 311 14.55 3.39 8.08
N ASP C 312 14.89 4.14 7.03
CA ASP C 312 16.29 4.44 6.69
C ASP C 312 17.04 5.23 7.77
N THR C 313 16.38 6.20 8.38
CA THR C 313 16.98 7.04 9.43
C THR C 313 17.32 6.23 10.67
N LEU C 314 16.31 5.52 11.18
CA LEU C 314 16.44 4.77 12.43
C LEU C 314 17.59 3.75 12.40
N LEU C 315 17.71 3.03 11.29
CA LEU C 315 18.82 2.08 11.10
C LEU C 315 20.16 2.77 11.32
N ALA C 316 20.31 3.94 10.70
CA ALA C 316 21.51 4.76 10.86
C ALA C 316 21.75 5.21 12.30
N ILE C 317 20.69 5.66 12.97
CA ILE C 317 20.75 6.07 14.40
C ILE C 317 21.27 4.92 15.26
N PHE C 318 20.75 3.72 15.04
CA PHE C 318 21.21 2.53 15.74
C PHE C 318 22.65 2.21 15.39
N GLU C 319 22.96 2.22 14.08
CA GLU C 319 24.33 1.99 13.58
C GLU C 319 25.36 2.96 14.16
N ILE C 320 24.95 4.21 14.32
CA ILE C 320 25.80 5.23 14.93
C ILE C 320 25.98 4.96 16.42
N ALA C 321 24.86 4.72 17.12
CA ALA C 321 24.85 4.46 18.57
C ALA C 321 25.81 3.35 19.00
N LYS C 322 25.75 2.22 18.30
CA LYS C 322 26.64 1.08 18.54
C LYS C 322 28.09 1.36 18.18
N GLU C 323 28.31 2.07 17.07
CA GLU C 323 29.65 2.45 16.62
C GLU C 323 30.33 3.44 17.56
N GLN C 324 29.60 4.48 17.93
CA GLN C 324 30.11 5.54 18.82
C GLN C 324 29.71 5.35 20.29
N GLY C 325 29.28 4.14 20.66
CA GLY C 325 29.04 3.75 22.05
C GLY C 325 28.25 4.72 22.92
N VAL C 326 27.23 5.35 22.32
CA VAL C 326 26.45 6.41 22.95
C VAL C 326 24.97 6.26 22.53
N THR C 327 24.08 6.96 23.22
CA THR C 327 22.62 6.74 23.12
C THR C 327 22.00 7.05 21.75
N THR C 328 20.78 6.54 21.54
CA THR C 328 20.01 6.78 20.30
C THR C 328 19.41 8.20 20.20
N ASN C 329 19.52 8.99 21.28
CA ASN C 329 19.21 10.41 21.25
C ASN C 329 20.43 11.24 20.91
N ASP C 330 21.56 10.91 21.54
CA ASP C 330 22.87 11.49 21.16
C ASP C 330 23.25 11.12 19.71
N ALA C 331 22.85 9.93 19.27
CA ALA C 331 23.05 9.48 17.88
C ALA C 331 22.12 10.22 16.91
N ALA C 332 20.88 10.46 17.34
CA ALA C 332 19.91 11.22 16.55
C ALA C 332 20.38 12.65 16.26
N ARG C 333 20.66 13.40 17.31
CA ARG C 333 21.08 14.81 17.19
C ARG C 333 22.29 14.98 16.28
N ARG C 334 23.28 14.10 16.44
CA ARG C 334 24.46 14.08 15.57
C ARG C 334 24.04 13.92 14.11
N LEU C 335 23.21 12.90 13.87
CA LEU C 335 22.66 12.61 12.53
C LEU C 335 21.91 13.79 11.93
N ALA C 336 21.10 14.46 12.75
CA ALA C 336 20.38 15.66 12.34
C ALA C 336 21.34 16.80 12.00
N GLU C 337 22.29 17.03 12.91
CA GLU C 337 23.34 18.04 12.74
C GLU C 337 24.19 17.81 11.48
N ASP C 338 24.51 16.54 11.21
CA ASP C 338 25.23 16.15 9.99
C ASP C 338 24.41 16.48 8.73
N ARG C 339 23.10 16.25 8.79
CA ARG C 339 22.18 16.60 7.70
C ARG C 339 22.04 18.11 7.47
N ILE C 340 22.08 18.87 8.55
CA ILE C 340 22.08 20.34 8.49
C ILE C 340 23.41 20.85 7.91
N ASN C 341 24.53 20.32 8.41
CA ASN C 341 25.88 20.74 7.99
C ASN C 341 26.16 20.52 6.50
N ASN C 342 25.91 19.29 6.04
CA ASN C 342 26.13 18.93 4.62
C ASN C 342 25.26 19.71 3.62
N SER C 343 24.03 20.03 4.03
CA SER C 343 23.06 20.77 3.22
C SER C 343 23.58 22.14 2.79
N LYS C 344 24.40 22.74 3.65
CA LYS C 344 25.08 23.99 3.33
C LYS C 344 26.08 23.79 2.19
N ARG C 345 26.87 22.73 2.30
CA ARG C 345 27.76 22.31 1.22
C ARG C 345 26.95 21.68 0.08
N LEU D 2 72.19 51.43 -1.75
CA LEU D 2 72.50 51.44 -3.21
C LEU D 2 71.23 51.67 -4.05
N LEU D 3 70.72 52.90 -4.00
CA LEU D 3 69.50 53.27 -4.73
C LEU D 3 69.83 53.53 -6.19
N PHE D 4 70.80 54.42 -6.42
CA PHE D 4 71.11 54.90 -7.76
C PHE D 4 71.45 53.78 -8.74
N GLU D 5 72.28 52.82 -8.32
CA GLU D 5 72.68 51.72 -9.22
C GLU D 5 71.51 50.79 -9.57
N THR D 6 70.60 50.58 -8.62
CA THR D 6 69.40 49.80 -8.90
C THR D 6 68.56 50.50 -9.96
N VAL D 7 68.45 51.83 -9.88
CA VAL D 7 67.73 52.62 -10.89
C VAL D 7 68.36 52.47 -12.28
N ARG D 8 69.70 52.42 -12.33
CA ARG D 8 70.44 52.16 -13.59
C ARG D 8 69.98 50.88 -14.30
N GLU D 9 69.68 49.85 -13.52
CA GLU D 9 69.19 48.58 -14.02
C GLU D 9 67.71 48.68 -14.41
N MET D 10 66.92 49.24 -13.50
CA MET D 10 65.47 49.36 -13.64
C MET D 10 65.04 50.37 -14.72
N GLY D 11 65.62 51.57 -14.65
CA GLY D 11 65.41 52.66 -15.63
C GLY D 11 64.52 53.83 -15.19
N HIS D 12 64.31 53.98 -13.88
CA HIS D 12 63.39 55.00 -13.35
C HIS D 12 63.86 56.44 -13.58
N GLU D 13 62.92 57.37 -13.35
CA GLU D 13 63.17 58.82 -13.45
C GLU D 13 63.30 59.52 -12.10
N GLN D 14 62.45 59.16 -11.15
CA GLN D 14 62.37 59.86 -9.86
C GLN D 14 61.70 59.00 -8.79
N VAL D 15 62.15 59.16 -7.55
CA VAL D 15 61.68 58.36 -6.41
C VAL D 15 61.53 59.24 -5.16
N LEU D 16 60.30 59.62 -4.84
CA LEU D 16 60.00 60.54 -3.71
C LEU D 16 59.72 59.83 -2.38
N PHE D 17 60.55 60.12 -1.37
CA PHE D 17 60.39 59.59 -0.03
C PHE D 17 59.61 60.57 0.84
N CYS D 18 58.30 60.41 0.83
CA CYS D 18 57.40 61.30 1.56
C CYS D 18 57.30 60.94 3.04
N HIS D 19 57.21 61.97 3.87
CA HIS D 19 57.19 61.84 5.33
C HIS D 19 56.46 63.01 5.99
N SER D 20 55.84 62.73 7.13
CA SER D 20 55.23 63.77 7.98
C SER D 20 54.98 63.22 9.40
N LYS D 21 54.65 64.14 10.30
CA LYS D 21 54.40 63.78 11.69
C LYS D 21 52.99 64.07 12.17
N ASN D 22 52.28 64.96 11.48
CA ASN D 22 50.91 65.25 11.90
C ASN D 22 50.10 63.98 11.73
N PRO D 23 50.30 63.30 10.54
CA PRO D 23 49.54 62.06 10.41
C PRO D 23 50.46 60.85 10.53
N GLU D 24 51.72 61.08 10.85
CA GLU D 24 52.69 59.99 10.98
C GLU D 24 52.74 59.10 9.74
N ILE D 25 52.82 59.72 8.57
CA ILE D 25 52.85 58.95 7.30
C ILE D 25 54.29 58.62 6.88
N LYS D 26 54.47 57.38 6.43
CA LYS D 26 55.69 56.92 5.79
C LYS D 26 55.30 56.42 4.40
N ALA D 27 55.80 57.07 3.35
CA ALA D 27 55.41 56.71 1.98
C ALA D 27 56.53 56.92 0.97
N ILE D 28 56.51 56.09 -0.09
CA ILE D 28 57.44 56.19 -1.21
C ILE D 28 56.68 56.19 -2.53
N ILE D 29 56.56 57.35 -3.17
CA ILE D 29 56.10 57.44 -4.56
C ILE D 29 57.30 57.19 -5.48
N ALA D 30 57.15 56.23 -6.40
CA ALA D 30 58.21 55.81 -7.33
C ALA D 30 57.72 55.93 -8.77
N ILE D 31 58.46 56.69 -9.56
CA ILE D 31 58.07 57.08 -10.92
C ILE D 31 59.10 56.56 -11.92
N HIS D 32 58.66 55.70 -12.84
CA HIS D 32 59.56 55.04 -13.81
C HIS D 32 59.70 55.82 -15.12
N ASP D 33 58.59 56.41 -15.59
CA ASP D 33 58.58 57.08 -16.90
C ASP D 33 57.49 58.15 -16.95
N THR D 34 57.69 59.14 -17.82
CA THR D 34 56.65 60.11 -18.17
C THR D 34 56.60 60.41 -19.69
N THR D 35 57.18 59.53 -20.50
CA THR D 35 57.46 59.79 -21.91
C THR D 35 56.18 59.97 -22.70
N LEU D 36 55.28 59.00 -22.57
CA LEU D 36 54.02 58.98 -23.31
C LEU D 36 52.94 59.84 -22.65
N GLY D 37 53.00 59.97 -21.33
CA GLY D 37 52.07 60.85 -20.60
C GLY D 37 52.39 60.89 -19.12
N PRO D 38 51.43 61.33 -18.28
CA PRO D 38 51.67 61.33 -16.83
C PRO D 38 51.65 59.92 -16.25
N ALA D 39 52.50 59.68 -15.25
CA ALA D 39 52.68 58.35 -14.67
C ALA D 39 51.48 57.89 -13.84
N MET D 40 50.83 56.83 -14.29
CA MET D 40 49.71 56.22 -13.56
C MET D 40 50.22 55.09 -12.67
N GLY D 41 49.61 54.93 -11.49
CA GLY D 41 50.10 53.94 -10.52
C GLY D 41 49.29 53.85 -9.26
N ALA D 42 49.06 52.63 -8.80
CA ALA D 42 48.22 52.42 -7.63
C ALA D 42 48.93 52.60 -6.28
N THR D 43 48.18 53.04 -5.27
CA THR D 43 48.63 53.09 -3.87
C THR D 43 48.37 51.73 -3.19
N ARG D 44 49.29 51.34 -2.32
CA ARG D 44 49.36 49.99 -1.78
C ARG D 44 49.89 50.07 -0.36
N ILE D 45 49.03 49.79 0.61
CA ILE D 45 49.43 49.78 2.03
C ILE D 45 49.83 48.35 2.43
N LEU D 46 51.06 48.20 2.90
CA LEU D 46 51.55 46.94 3.50
C LEU D 46 52.53 47.29 4.62
N PRO D 47 52.45 46.59 5.77
CA PRO D 47 53.52 46.71 6.75
C PRO D 47 54.75 45.91 6.30
N TYR D 48 55.58 46.57 5.51
CA TYR D 48 56.84 46.00 5.03
C TYR D 48 57.77 45.82 6.23
N ILE D 49 58.62 44.79 6.16
CA ILE D 49 59.57 44.48 7.23
C ILE D 49 60.73 45.49 7.29
N ASN D 50 60.99 46.12 6.15
CA ASN D 50 62.22 46.86 5.91
C ASN D 50 61.96 47.90 4.83
N GLU D 51 62.59 49.08 4.95
CA GLU D 51 62.40 50.15 3.96
C GLU D 51 62.93 49.79 2.58
N GLU D 52 63.95 48.93 2.52
CA GLU D 52 64.39 48.32 1.25
C GLU D 52 63.30 47.45 0.65
N ALA D 53 62.63 46.67 1.50
CA ALA D 53 61.50 45.83 1.08
C ALA D 53 60.29 46.63 0.58
N ALA D 54 60.05 47.78 1.20
CA ALA D 54 59.07 48.75 0.70
C ALA D 54 59.51 49.29 -0.65
N LEU D 55 60.73 49.81 -0.69
CA LEU D 55 61.27 50.45 -1.90
C LEU D 55 61.31 49.51 -3.09
N LYS D 56 61.73 48.26 -2.87
CA LYS D 56 61.87 47.31 -3.98
C LYS D 56 60.54 47.06 -4.67
N ASP D 57 59.51 46.83 -3.85
CA ASP D 57 58.14 46.72 -4.33
C ASP D 57 57.69 47.95 -5.12
N ALA D 58 58.00 49.14 -4.63
CA ALA D 58 57.69 50.41 -5.33
C ALA D 58 58.36 50.51 -6.70
N LEU D 59 59.62 50.08 -6.77
CA LEU D 59 60.38 50.03 -8.04
C LEU D 59 59.79 49.03 -9.04
N ARG D 60 59.57 47.79 -8.58
CA ARG D 60 59.15 46.68 -9.44
C ARG D 60 57.82 46.96 -10.17
N LEU D 61 56.89 47.60 -9.45
CA LEU D 61 55.52 47.83 -9.94
C LEU D 61 55.41 49.05 -10.83
N SER D 62 56.17 50.10 -10.52
CA SER D 62 56.22 51.31 -11.36
C SER D 62 56.79 51.00 -12.74
N ARG D 63 57.90 50.27 -12.76
CA ARG D 63 58.44 49.71 -14.02
C ARG D 63 57.41 48.92 -14.81
N GLY D 64 56.64 48.08 -14.13
CA GLY D 64 55.63 47.26 -14.78
C GLY D 64 54.61 48.06 -15.55
N MET D 65 54.11 49.12 -14.92
CA MET D 65 53.01 49.91 -15.47
C MET D 65 53.35 50.63 -16.78
N THR D 66 54.62 51.00 -16.97
CA THR D 66 55.10 51.53 -18.25
C THR D 66 54.85 50.53 -19.37
N TYR D 67 55.24 49.28 -19.11
CA TYR D 67 55.08 48.20 -20.08
C TYR D 67 53.61 47.80 -20.25
N LYS D 68 52.84 47.91 -19.17
CA LYS D 68 51.39 47.71 -19.24
C LYS D 68 50.70 48.82 -20.01
N ALA D 69 51.20 50.05 -19.86
CA ALA D 69 50.63 51.24 -20.51
C ALA D 69 51.09 51.39 -21.95
N ALA D 70 52.40 51.29 -22.16
CA ALA D 70 53.01 51.45 -23.49
C ALA D 70 52.41 50.48 -24.50
N CYS D 71 52.39 49.20 -24.13
CA CYS D 71 51.74 48.16 -24.95
C CYS D 71 50.27 48.49 -25.20
N ALA D 72 49.60 48.99 -24.16
CA ALA D 72 48.21 49.45 -24.25
C ALA D 72 47.98 50.62 -25.20
N ASN D 73 49.06 51.30 -25.63
CA ASN D 73 48.97 52.40 -26.59
C ASN D 73 48.16 53.54 -25.99
N ILE D 74 48.51 53.89 -24.76
CA ILE D 74 47.88 54.98 -24.03
C ILE D 74 48.99 55.96 -23.64
N PRO D 75 48.66 57.27 -23.56
CA PRO D 75 49.67 58.22 -23.10
C PRO D 75 49.74 58.18 -21.58
N ALA D 76 50.50 57.22 -21.08
CA ALA D 76 50.64 57.01 -19.64
C ALA D 76 52.03 56.56 -19.30
N GLY D 77 52.66 57.30 -18.41
CA GLY D 77 53.90 56.87 -17.78
C GLY D 77 53.63 55.76 -16.79
N GLY D 78 54.70 55.14 -16.33
CA GLY D 78 54.61 54.05 -15.37
C GLY D 78 55.06 54.56 -14.03
N GLY D 79 54.27 54.23 -13.00
CA GLY D 79 54.53 54.68 -11.65
C GLY D 79 53.83 53.80 -10.65
N LYS D 80 54.13 54.05 -9.38
CA LYS D 80 53.51 53.35 -8.27
C LYS D 80 53.83 54.11 -7.00
N ALA D 81 52.93 54.05 -6.03
CA ALA D 81 53.19 54.52 -4.68
C ALA D 81 52.94 53.39 -3.69
N VAL D 82 53.69 53.38 -2.59
CA VAL D 82 53.47 52.45 -1.47
C VAL D 82 53.49 53.20 -0.14
N ILE D 83 52.91 52.59 0.89
CA ILE D 83 52.86 53.17 2.25
C ILE D 83 53.22 52.07 3.25
N ILE D 84 54.17 52.38 4.14
CA ILE D 84 54.56 51.48 5.23
C ILE D 84 53.59 51.73 6.38
N ALA D 85 52.86 50.69 6.77
CA ALA D 85 51.86 50.78 7.85
C ALA D 85 51.49 49.39 8.35
N LYS D 90 45.17 53.08 10.11
CA LYS D 90 44.43 53.84 9.09
C LYS D 90 43.43 54.83 9.69
N THR D 91 43.89 56.07 9.87
CA THR D 91 43.00 57.22 10.17
C THR D 91 42.71 57.97 8.86
N ASP D 92 41.73 58.88 8.90
CA ASP D 92 41.39 59.72 7.74
C ASP D 92 42.47 60.77 7.46
N ASP D 93 43.05 61.32 8.53
CA ASP D 93 44.15 62.29 8.45
C ASP D 93 45.40 61.76 7.73
N LEU D 94 45.60 60.45 7.75
CA LEU D 94 46.72 59.78 7.07
C LEU D 94 46.54 59.84 5.56
N LEU D 95 45.34 59.46 5.10
CA LEU D 95 45.02 59.44 3.67
C LEU D 95 45.00 60.84 3.06
N ARG D 96 44.42 61.78 3.79
CA ARG D 96 44.43 63.20 3.41
C ARG D 96 45.86 63.76 3.36
N ALA D 97 46.72 63.29 4.26
CA ALA D 97 48.13 63.61 4.22
C ALA D 97 48.75 63.04 2.96
N TYR D 98 48.58 61.74 2.73
CA TYR D 98 49.02 61.11 1.47
C TYR D 98 48.49 61.85 0.24
N GLY D 99 47.26 62.35 0.35
CA GLY D 99 46.63 63.17 -0.68
C GLY D 99 47.39 64.43 -1.02
N ARG D 100 47.85 65.14 0.00
CA ARG D 100 48.60 66.38 -0.20
C ARG D 100 49.97 66.13 -0.86
N PHE D 101 50.46 64.88 -0.80
CA PHE D 101 51.68 64.49 -1.52
C PHE D 101 51.46 64.21 -3.01
N VAL D 102 50.43 63.46 -3.35
CA VAL D 102 50.10 63.18 -4.76
C VAL D 102 49.76 64.50 -5.49
N ASP D 103 49.18 65.44 -4.77
CA ASP D 103 48.80 66.75 -5.32
C ASP D 103 50.02 67.64 -5.60
N SER D 104 51.05 67.55 -4.76
CA SER D 104 52.32 68.22 -5.01
C SER D 104 52.88 67.92 -6.40
N LEU D 105 52.80 66.65 -6.79
CA LEU D 105 53.27 66.19 -8.10
C LEU D 105 52.48 66.73 -9.32
N ASN D 106 51.41 67.48 -9.05
CA ASN D 106 50.75 68.37 -10.04
C ASN D 106 50.35 67.67 -11.35
N GLY D 107 49.71 66.52 -11.20
CA GLY D 107 49.20 65.75 -12.34
C GLY D 107 50.24 65.00 -13.17
N ARG D 108 51.45 64.85 -12.63
CA ARG D 108 52.47 63.99 -13.23
C ARG D 108 52.20 62.56 -12.79
N PHE D 109 52.03 62.40 -11.48
CA PHE D 109 51.57 61.15 -10.91
C PHE D 109 50.06 61.21 -10.70
N ILE D 110 49.38 60.15 -11.15
CA ILE D 110 47.96 59.91 -10.88
C ILE D 110 47.86 58.54 -10.20
N THR D 111 47.35 58.52 -8.97
CA THR D 111 47.29 57.27 -8.21
C THR D 111 45.98 56.49 -8.46
N GLY D 112 45.95 55.28 -7.94
CA GLY D 112 44.84 54.35 -8.11
C GLY D 112 44.72 53.47 -6.87
N GLN D 113 43.73 52.56 -6.87
CA GLN D 113 43.53 51.65 -5.73
C GLN D 113 44.32 50.33 -5.89
N ASP D 114 44.69 49.75 -4.75
CA ASP D 114 45.35 48.44 -4.69
C ASP D 114 45.16 47.84 -3.29
N VAL D 115 46.05 46.93 -2.89
CA VAL D 115 46.01 46.27 -1.56
C VAL D 115 45.85 47.29 -0.44
N ASN D 116 44.84 47.06 0.42
CA ASN D 116 44.56 47.87 1.61
C ASN D 116 44.02 49.30 1.39
N ILE D 117 43.79 49.69 0.14
CA ILE D 117 43.18 50.98 -0.20
C ILE D 117 41.81 50.68 -0.81
N THR D 118 40.77 50.86 0.00
CA THR D 118 39.39 50.66 -0.46
C THR D 118 38.94 51.83 -1.36
N PRO D 119 37.86 51.65 -2.14
CA PRO D 119 37.28 52.77 -2.90
C PRO D 119 36.78 53.94 -2.03
N ASP D 120 36.44 53.67 -0.78
CA ASP D 120 36.06 54.69 0.21
C ASP D 120 37.30 55.49 0.64
N ASP D 121 38.41 54.79 0.82
CA ASP D 121 39.71 55.39 1.09
C ASP D 121 40.13 56.35 -0.03
N VAL D 122 39.94 55.92 -1.28
CA VAL D 122 40.22 56.75 -2.47
C VAL D 122 39.47 58.09 -2.40
N ARG D 123 38.17 58.03 -2.13
CA ARG D 123 37.33 59.22 -1.99
C ARG D 123 37.90 60.21 -0.98
N THR D 124 38.36 59.70 0.15
CA THR D 124 38.92 60.53 1.22
C THR D 124 40.10 61.38 0.71
N ILE D 125 40.98 60.73 -0.04
CA ILE D 125 42.17 61.37 -0.65
C ILE D 125 41.76 62.57 -1.50
N SER D 126 40.85 62.33 -2.44
CA SER D 126 40.31 63.37 -3.32
C SER D 126 39.80 64.58 -2.52
N GLY D 140 31.23 53.57 -16.49
CA GLY D 140 31.39 52.32 -15.76
C GLY D 140 31.89 51.17 -16.62
N GLY D 141 31.31 49.99 -16.40
CA GLY D 141 31.68 48.76 -17.11
C GLY D 141 33.14 48.36 -17.03
N PRO D 142 33.66 48.13 -15.80
CA PRO D 142 35.04 47.63 -15.66
C PRO D 142 35.21 46.18 -16.09
N ALA D 143 34.32 45.30 -15.64
CA ALA D 143 34.37 43.87 -15.98
C ALA D 143 33.99 43.55 -17.44
N PRO D 144 32.92 44.18 -17.98
CA PRO D 144 32.58 43.98 -19.41
C PRO D 144 33.69 44.33 -20.41
N ILE D 145 34.31 45.49 -20.24
CA ILE D 145 35.38 45.94 -21.15
C ILE D 145 36.65 45.09 -21.08
N THR D 146 36.98 44.60 -19.87
CA THR D 146 38.12 43.70 -19.67
C THR D 146 37.90 42.37 -20.41
N SER D 147 36.72 41.80 -20.19
CA SER D 147 36.30 40.54 -20.81
C SER D 147 36.17 40.61 -22.34
N LEU D 148 35.93 41.81 -22.86
CA LEU D 148 35.99 42.06 -24.30
C LEU D 148 37.44 42.04 -24.76
N GLY D 149 38.29 42.79 -24.06
CA GLY D 149 39.72 42.89 -24.35
C GLY D 149 40.38 41.55 -24.62
N VAL D 150 40.10 40.58 -23.74
CA VAL D 150 40.55 39.20 -23.93
C VAL D 150 39.87 38.51 -25.11
N PHE D 151 38.57 38.75 -25.29
CA PHE D 151 37.84 38.24 -26.48
C PHE D 151 38.48 38.70 -27.79
N LEU D 152 38.99 39.93 -27.79
CA LEU D 152 39.77 40.45 -28.92
C LEU D 152 41.11 39.73 -29.02
N GLY D 153 41.80 39.62 -27.89
CA GLY D 153 43.08 38.91 -27.79
C GLY D 153 43.07 37.47 -28.30
N ILE D 154 41.95 36.78 -28.06
CA ILE D 154 41.73 35.43 -28.59
C ILE D 154 41.87 35.45 -30.11
N LYS D 155 40.96 36.15 -30.78
CA LYS D 155 40.94 36.20 -32.25
C LYS D 155 42.15 36.93 -32.87
N ALA D 156 42.89 37.65 -32.04
CA ALA D 156 44.22 38.14 -32.40
C ALA D 156 45.18 36.96 -32.46
N ALA D 157 45.20 36.18 -31.39
CA ALA D 157 46.09 35.03 -31.26
C ALA D 157 45.78 33.90 -32.25
N VAL D 158 44.50 33.70 -32.56
CA VAL D 158 44.10 32.68 -33.56
C VAL D 158 44.44 33.09 -34.99
N GLU D 159 44.48 34.40 -35.25
CA GLU D 159 44.89 34.93 -36.55
C GLU D 159 46.37 34.61 -36.83
N SER D 160 47.20 34.77 -35.80
CA SER D 160 48.63 34.49 -35.91
C SER D 160 48.91 33.02 -36.20
N ARG D 161 48.39 32.14 -35.34
CA ARG D 161 48.63 30.71 -35.46
C ARG D 161 47.87 30.07 -36.64
N TRP D 162 46.55 30.31 -36.72
CA TRP D 162 45.68 29.60 -37.67
C TRP D 162 45.23 30.32 -38.96
N GLN D 163 45.55 31.62 -39.07
CA GLN D 163 45.31 32.40 -40.31
C GLN D 163 43.84 32.50 -40.71
N SER D 164 42.96 32.49 -39.71
CA SER D 164 41.52 32.50 -39.90
C SER D 164 40.80 33.45 -38.93
N LYS D 165 39.87 34.24 -39.47
CA LYS D 165 39.09 35.20 -38.69
C LYS D 165 38.10 34.50 -37.76
N ARG D 166 37.24 33.68 -38.37
CA ARG D 166 36.11 33.05 -37.67
C ARG D 166 36.53 32.02 -36.61
N LEU D 167 35.58 31.73 -35.72
CA LEU D 167 35.81 30.93 -34.52
C LEU D 167 34.86 29.71 -34.42
N ASP D 168 34.24 29.34 -35.54
CA ASP D 168 33.14 28.37 -35.53
C ASP D 168 33.63 26.96 -35.23
N GLY D 169 32.99 26.31 -34.25
CA GLY D 169 33.34 24.96 -33.83
C GLY D 169 34.59 24.79 -32.99
N MET D 170 35.27 25.90 -32.69
CA MET D 170 36.53 25.85 -31.97
C MET D 170 36.32 25.48 -30.52
N LYS D 171 37.36 24.92 -29.92
CA LYS D 171 37.31 24.44 -28.54
C LYS D 171 38.10 25.37 -27.63
N VAL D 172 37.50 25.73 -26.50
CA VAL D 172 38.13 26.64 -25.53
C VAL D 172 37.78 26.17 -24.12
N ALA D 173 38.69 26.44 -23.20
CA ALA D 173 38.54 26.13 -21.79
C ALA D 173 38.66 27.44 -21.00
N VAL D 174 37.78 27.66 -20.03
CA VAL D 174 37.84 28.85 -19.16
C VAL D 174 37.94 28.47 -17.67
N GLN D 175 39.02 28.95 -17.05
CA GLN D 175 39.23 28.85 -15.61
C GLN D 175 38.72 30.13 -14.95
N GLY D 176 37.76 29.99 -14.03
CA GLY D 176 37.19 31.11 -13.30
C GLY D 176 35.95 31.64 -14.00
N LEU D 177 34.87 31.82 -13.23
CA LEU D 177 33.60 32.36 -13.74
C LEU D 177 33.18 33.61 -12.96
N GLY D 178 34.15 34.49 -12.71
CA GLY D 178 33.88 35.78 -12.10
C GLY D 178 33.12 36.67 -13.05
N ASN D 179 32.84 37.89 -12.62
CA ASN D 179 32.17 38.87 -13.48
C ASN D 179 32.87 38.92 -14.83
N VAL D 180 34.20 39.02 -14.77
CA VAL D 180 35.09 39.06 -15.94
C VAL D 180 35.03 37.76 -16.76
N GLY D 181 35.04 36.62 -16.07
CA GLY D 181 34.98 35.31 -16.72
C GLY D 181 33.68 35.00 -17.43
N LYS D 182 32.57 35.48 -16.88
CA LYS D 182 31.22 35.12 -17.35
C LYS D 182 30.86 35.81 -18.67
N ASN D 183 31.14 37.10 -18.75
CA ASN D 183 31.06 37.87 -19.99
C ASN D 183 31.84 37.27 -21.15
N LEU D 184 33.01 36.70 -20.86
CA LEU D 184 33.84 36.06 -21.87
C LEU D 184 33.15 34.83 -22.44
N CYS D 185 32.76 33.92 -21.54
CA CYS D 185 32.00 32.71 -21.91
C CYS D 185 30.86 33.07 -22.85
N ARG D 186 30.07 34.06 -22.44
CA ARG D 186 29.00 34.66 -23.25
C ARG D 186 29.47 35.04 -24.66
N HIS D 187 30.51 35.87 -24.74
CA HIS D 187 31.07 36.32 -26.03
C HIS D 187 31.49 35.14 -26.93
N LEU D 188 32.04 34.09 -26.33
CA LEU D 188 32.48 32.91 -27.06
C LEU D 188 31.29 32.10 -27.55
N HIS D 189 30.38 31.77 -26.63
CA HIS D 189 29.13 31.06 -26.95
C HIS D 189 28.36 31.68 -28.11
N GLU D 190 28.17 33.00 -28.06
CA GLU D 190 27.42 33.72 -29.11
C GLU D 190 28.13 33.79 -30.47
N HIS D 191 29.41 33.43 -30.49
CA HIS D 191 30.14 33.16 -31.74
C HIS D 191 30.29 31.64 -32.02
N ASP D 192 29.35 30.83 -31.50
CA ASP D 192 29.33 29.37 -31.69
C ASP D 192 30.66 28.67 -31.40
N VAL D 193 31.13 28.88 -30.17
CA VAL D 193 32.32 28.21 -29.64
C VAL D 193 31.90 27.16 -28.61
N GLN D 194 32.66 26.07 -28.55
CA GLN D 194 32.40 24.96 -27.61
C GLN D 194 33.11 25.26 -26.31
N LEU D 195 32.37 25.19 -25.20
CA LEU D 195 32.89 25.63 -23.90
C LEU D 195 33.09 24.52 -22.85
N PHE D 196 34.29 24.51 -22.30
CA PHE D 196 34.63 23.77 -21.09
C PHE D 196 34.87 24.80 -20.00
N VAL D 197 34.23 24.62 -18.85
CA VAL D 197 34.23 25.66 -17.81
C VAL D 197 34.58 25.13 -16.43
N SER D 198 35.19 26.01 -15.63
CA SER D 198 35.67 25.69 -14.30
C SER D 198 35.44 26.87 -13.36
N ASP D 199 35.17 26.56 -12.10
CA ASP D 199 35.15 27.55 -11.02
C ASP D 199 35.45 26.86 -9.69
N VAL D 200 36.13 27.58 -8.80
CA VAL D 200 36.62 27.02 -7.53
C VAL D 200 35.51 26.78 -6.50
N ASP D 201 34.28 27.19 -6.84
CA ASP D 201 33.06 26.90 -6.09
C ASP D 201 32.00 26.33 -7.05
N PRO D 202 31.13 25.42 -6.55
CA PRO D 202 30.17 24.69 -7.42
C PRO D 202 29.01 25.50 -8.06
N ILE D 203 28.49 26.51 -7.37
CA ILE D 203 27.21 27.14 -7.73
C ILE D 203 27.25 27.92 -9.06
N LYS D 204 28.29 28.72 -9.25
CA LYS D 204 28.44 29.56 -10.46
C LYS D 204 28.68 28.72 -11.71
N ALA D 205 29.50 27.68 -11.57
CA ALA D 205 29.76 26.70 -12.63
C ALA D 205 28.50 26.13 -13.28
N GLU D 206 27.49 25.84 -12.46
CA GLU D 206 26.21 25.34 -12.96
C GLU D 206 25.45 26.40 -13.78
N GLU D 207 25.50 27.66 -13.36
CA GLU D 207 24.78 28.73 -14.08
C GLU D 207 25.20 28.81 -15.54
N VAL D 208 26.50 28.75 -15.78
CA VAL D 208 27.02 28.79 -17.15
C VAL D 208 26.63 27.56 -17.97
N LYS D 209 26.59 26.38 -17.35
CA LYS D 209 26.09 25.18 -18.03
C LYS D 209 24.73 25.49 -18.65
N ARG D 210 23.84 26.02 -17.81
CA ARG D 210 22.48 26.40 -18.20
C ARG D 210 22.45 27.42 -19.34
N LEU D 211 23.16 28.51 -19.12
CA LEU D 211 23.09 29.68 -20.01
C LEU D 211 23.79 29.48 -21.35
N PHE D 212 24.92 28.78 -21.34
CA PHE D 212 25.76 28.65 -22.54
C PHE D 212 26.13 27.21 -22.94
N GLY D 213 25.38 26.24 -22.42
CA GLY D 213 25.55 24.82 -22.79
C GLY D 213 26.97 24.29 -22.67
N ALA D 214 27.71 24.82 -21.70
CA ALA D 214 29.11 24.45 -21.49
C ALA D 214 29.17 23.16 -20.71
N THR D 215 30.17 22.34 -21.03
CA THR D 215 30.40 21.08 -20.30
C THR D 215 31.26 21.37 -19.07
N VAL D 216 30.64 21.27 -17.89
CA VAL D 216 31.36 21.52 -16.62
C VAL D 216 32.48 20.51 -16.37
N VAL D 217 33.57 21.00 -15.78
CA VAL D 217 34.73 20.17 -15.40
C VAL D 217 35.27 20.61 -14.04
N GLU D 218 36.00 19.71 -13.39
CA GLU D 218 36.59 20.01 -12.08
C GLU D 218 37.78 20.98 -12.22
N PRO D 219 38.07 21.79 -11.17
CA PRO D 219 39.18 22.77 -11.23
C PRO D 219 40.52 22.20 -11.70
N THR D 220 40.77 20.94 -11.36
CA THR D 220 42.01 20.23 -11.69
C THR D 220 42.06 19.69 -13.13
N GLU D 221 40.90 19.31 -13.66
CA GLU D 221 40.79 18.72 -15.00
C GLU D 221 41.03 19.68 -16.18
N ILE D 222 40.89 20.99 -15.96
CA ILE D 222 40.88 21.98 -17.05
C ILE D 222 42.24 22.25 -17.74
N TYR D 223 43.33 21.83 -17.11
CA TYR D 223 44.67 21.95 -17.72
C TYR D 223 44.92 20.87 -18.78
N SER D 224 44.17 19.78 -18.71
CA SER D 224 44.48 18.55 -19.45
C SER D 224 43.76 18.33 -20.78
N LEU D 225 42.79 19.17 -21.10
CA LEU D 225 41.84 18.88 -22.18
C LEU D 225 42.44 19.03 -23.58
N ASP D 226 41.91 18.27 -24.54
CA ASP D 226 42.29 18.38 -25.94
C ASP D 226 41.41 19.44 -26.61
N VAL D 227 41.79 20.69 -26.37
CA VAL D 227 41.10 21.87 -26.89
C VAL D 227 42.10 22.75 -27.64
N ASP D 228 41.58 23.76 -28.33
CA ASP D 228 42.41 24.66 -29.12
C ASP D 228 43.10 25.71 -28.26
N ILE D 229 42.36 26.31 -27.32
CA ILE D 229 42.77 27.54 -26.64
C ILE D 229 42.30 27.58 -25.19
N PHE D 230 43.16 28.11 -24.30
CA PHE D 230 42.93 28.11 -22.85
C PHE D 230 42.93 29.55 -22.30
N ALA D 231 41.88 29.89 -21.55
CA ALA D 231 41.65 31.27 -21.05
C ALA D 231 41.55 31.35 -19.52
N PRO D 232 42.71 31.45 -18.84
CA PRO D 232 42.70 31.60 -17.38
C PRO D 232 42.19 32.94 -16.87
N CYS D 233 41.17 32.90 -16.00
CA CYS D 233 40.50 34.11 -15.48
C CYS D 233 40.33 34.13 -13.96
N ALA D 234 41.02 33.25 -13.24
CA ALA D 234 40.91 33.22 -11.78
C ALA D 234 42.06 34.00 -11.18
N LEU D 235 43.26 33.41 -11.17
CA LEU D 235 44.39 33.90 -10.35
C LEU D 235 45.72 33.67 -11.04
N GLY D 236 46.78 34.35 -10.60
CA GLY D 236 48.12 34.12 -11.13
C GLY D 236 48.78 32.85 -10.59
N GLY D 237 49.88 32.46 -11.22
CA GLY D 237 50.59 31.23 -10.87
C GLY D 237 49.89 29.99 -11.42
N ILE D 238 49.24 30.16 -12.57
CA ILE D 238 48.42 29.11 -13.20
C ILE D 238 49.29 28.20 -14.05
N LEU D 239 50.27 28.81 -14.72
CA LEU D 239 51.24 28.08 -15.55
C LEU D 239 52.49 27.76 -14.71
N ASN D 240 52.56 26.52 -14.25
CA ASN D 240 53.66 26.00 -13.44
C ASN D 240 54.36 24.84 -14.14
N SER D 241 55.57 24.52 -13.69
CA SER D 241 56.30 23.37 -14.22
C SER D 241 55.53 22.05 -14.05
N HIS D 242 54.69 21.96 -13.02
CA HIS D 242 53.72 20.85 -12.84
C HIS D 242 52.64 20.85 -13.93
N THR D 243 52.10 22.04 -14.21
CA THR D 243 50.98 22.25 -15.14
C THR D 243 51.35 22.22 -16.63
N ILE D 244 52.52 22.75 -16.97
CA ILE D 244 52.89 22.93 -18.37
C ILE D 244 52.97 21.63 -19.21
N PRO D 245 53.49 20.53 -18.65
CA PRO D 245 53.53 19.31 -19.47
C PRO D 245 52.13 18.84 -19.91
N PHE D 246 51.12 19.09 -19.06
CA PHE D 246 49.75 18.64 -19.32
C PHE D 246 49.14 19.24 -20.57
N LEU D 247 49.39 20.53 -20.81
CA LEU D 247 48.63 21.30 -21.81
C LEU D 247 48.74 20.79 -23.25
N GLN D 248 47.60 20.74 -23.92
CA GLN D 248 47.50 20.38 -25.36
C GLN D 248 47.02 21.51 -26.26
N ALA D 249 46.71 22.65 -25.65
CA ALA D 249 46.20 23.81 -26.38
C ALA D 249 47.30 24.47 -27.21
N SER D 250 46.90 25.02 -28.35
CA SER D 250 47.79 25.79 -29.22
C SER D 250 47.96 27.23 -28.72
N ILE D 251 46.93 27.76 -28.06
CA ILE D 251 46.88 29.16 -27.63
C ILE D 251 46.56 29.27 -26.14
N ILE D 252 47.15 30.28 -25.49
CA ILE D 252 46.88 30.64 -24.09
C ILE D 252 46.49 32.12 -24.07
N ALA D 253 45.19 32.38 -23.92
CA ALA D 253 44.66 33.73 -23.90
C ALA D 253 43.70 33.96 -22.74
N GLY D 254 44.26 34.18 -21.56
CA GLY D 254 43.50 34.40 -20.33
C GLY D 254 43.50 35.84 -19.84
N ALA D 255 42.41 36.23 -19.18
CA ALA D 255 42.23 37.58 -18.64
C ALA D 255 42.87 37.83 -17.26
N ALA D 256 43.30 36.77 -16.58
CA ALA D 256 43.90 36.89 -15.25
C ALA D 256 45.31 37.45 -15.33
N ASN D 257 45.71 38.22 -14.31
CA ASN D 257 47.08 38.74 -14.20
C ASN D 257 48.03 37.77 -13.49
N ASN D 258 49.33 38.00 -13.70
CA ASN D 258 50.41 37.19 -13.11
C ASN D 258 50.35 35.68 -13.42
N GLN D 259 49.85 35.34 -14.61
CA GLN D 259 49.61 33.95 -15.02
C GLN D 259 50.82 33.06 -14.89
N LEU D 260 51.97 33.57 -15.32
CA LEU D 260 53.24 32.89 -15.16
C LEU D 260 53.69 32.97 -13.71
N GLU D 261 54.01 31.83 -13.12
CA GLU D 261 54.66 31.74 -11.80
C GLU D 261 56.02 32.45 -11.91
N ASN D 262 56.85 31.94 -12.81
CA ASN D 262 58.11 32.58 -13.22
C ASN D 262 58.00 32.99 -14.69
N GLU D 263 58.30 34.26 -14.98
CA GLU D 263 58.09 34.82 -16.31
C GLU D 263 59.06 34.29 -17.36
N GLN D 264 60.33 34.14 -16.98
CA GLN D 264 61.38 33.67 -17.90
C GLN D 264 61.41 32.15 -18.06
N LEU D 265 61.17 31.42 -16.96
CA LEU D 265 61.28 29.95 -16.97
C LEU D 265 60.13 29.29 -17.69
N HIS D 266 58.91 29.66 -17.33
CA HIS D 266 57.72 29.01 -17.89
C HIS D 266 57.35 29.48 -19.29
N SER D 267 57.88 30.64 -19.70
CA SER D 267 57.74 31.12 -21.07
C SER D 267 58.55 30.30 -22.07
N GLN D 268 59.79 29.97 -21.72
CA GLN D 268 60.66 29.15 -22.58
C GLN D 268 60.12 27.72 -22.73
N MET D 269 59.63 27.14 -21.64
CA MET D 269 59.03 25.81 -21.66
C MET D 269 57.82 25.82 -22.61
N LEU D 270 56.97 26.82 -22.43
CA LEU D 270 55.78 27.04 -23.27
C LEU D 270 56.19 27.25 -24.73
N ALA D 271 57.23 28.03 -24.95
CA ALA D 271 57.81 28.27 -26.26
C ALA D 271 58.34 27.00 -26.92
N LYS D 272 58.97 26.14 -26.12
CA LYS D 272 59.50 24.86 -26.60
C LYS D 272 58.42 23.90 -27.12
N LYS D 273 57.27 23.86 -26.42
CA LYS D 273 56.14 23.02 -26.84
C LYS D 273 55.31 23.61 -28.00
N GLY D 274 55.62 24.83 -28.40
CA GLY D 274 55.01 25.48 -29.57
C GLY D 274 53.71 26.18 -29.25
N ILE D 275 53.44 26.39 -27.96
CA ILE D 275 52.23 27.07 -27.50
C ILE D 275 52.39 28.59 -27.67
N LEU D 276 51.28 29.26 -28.01
CA LEU D 276 51.26 30.70 -28.24
C LEU D 276 50.68 31.43 -27.03
N TYR D 277 51.56 32.02 -26.22
CA TYR D 277 51.16 32.73 -24.99
C TYR D 277 50.98 34.23 -25.20
N SER D 278 49.85 34.73 -24.71
CA SER D 278 49.53 36.16 -24.71
C SER D 278 49.79 36.69 -23.30
N PRO D 279 50.71 37.67 -23.16
CA PRO D 279 51.05 38.22 -21.85
C PRO D 279 49.85 38.63 -20.98
N ASP D 280 49.97 38.35 -19.69
CA ASP D 280 48.95 38.70 -18.69
C ASP D 280 48.55 40.18 -18.73
N TYR D 281 49.55 41.04 -18.82
CA TYR D 281 49.40 42.51 -18.72
C TYR D 281 48.78 43.20 -19.97
N VAL D 282 49.04 42.66 -21.16
CA VAL D 282 48.50 43.25 -22.42
C VAL D 282 46.99 43.03 -22.53
N ILE D 283 46.52 41.87 -22.12
CA ILE D 283 45.09 41.53 -22.14
C ILE D 283 44.28 42.35 -21.10
N ASN D 284 44.87 42.47 -19.91
CA ASN D 284 44.32 43.29 -18.82
C ASN D 284 44.31 44.79 -19.11
N ALA D 285 45.15 45.23 -20.04
CA ALA D 285 45.18 46.62 -20.49
C ALA D 285 43.78 47.19 -20.76
N GLY D 286 42.89 46.36 -21.29
CA GLY D 286 41.47 46.71 -21.45
C GLY D 286 40.84 47.21 -20.16
N GLY D 287 41.13 46.50 -19.07
CA GLY D 287 40.77 46.92 -17.71
C GLY D 287 41.36 48.26 -17.30
N LEU D 288 42.66 48.45 -17.55
CA LEU D 288 43.35 49.72 -17.27
C LEU D 288 42.79 50.87 -18.12
N ILE D 289 42.52 50.58 -19.39
CA ILE D 289 41.91 51.55 -20.31
C ILE D 289 40.66 52.19 -19.67
N ASN D 290 39.91 51.43 -18.87
CA ASN D 290 38.80 51.98 -18.09
C ASN D 290 39.22 53.08 -17.11
N VAL D 291 40.28 52.84 -16.36
CA VAL D 291 40.78 53.82 -15.38
C VAL D 291 41.37 55.05 -16.08
N TYR D 292 42.01 54.85 -17.24
CA TYR D 292 42.51 55.96 -18.04
C TYR D 292 41.40 56.91 -18.53
N ASN D 293 40.27 56.36 -18.96
CA ASN D 293 39.16 57.16 -19.48
C ASN D 293 38.42 57.97 -18.39
N GLU D 294 38.38 57.44 -17.18
CA GLU D 294 37.84 58.17 -16.01
C GLU D 294 38.63 59.45 -15.67
N MET D 295 39.95 59.42 -15.84
CA MET D 295 40.81 60.59 -15.62
C MET D 295 40.48 61.76 -16.54
N ILE D 296 40.33 61.47 -17.84
CA ILE D 296 40.03 62.50 -18.86
C ILE D 296 38.54 62.93 -18.93
N GLY D 297 37.72 62.50 -17.97
CA GLY D 297 36.27 62.66 -18.07
C GLY D 297 35.74 61.52 -18.91
N TYR D 298 34.99 60.61 -18.27
CA TYR D 298 34.63 59.34 -18.92
C TYR D 298 33.68 59.51 -20.11
N ASP D 299 34.14 58.99 -21.24
CA ASP D 299 33.30 58.82 -22.43
C ASP D 299 33.40 57.36 -22.84
N GLU D 300 32.25 56.71 -22.93
CA GLU D 300 32.17 55.28 -23.29
C GLU D 300 32.63 55.02 -24.72
N GLU D 301 32.21 55.88 -25.65
CA GLU D 301 32.51 55.69 -27.06
C GLU D 301 34.00 55.62 -27.36
N LYS D 302 34.78 56.52 -26.76
CA LYS D 302 36.22 56.52 -26.94
C LYS D 302 36.87 55.30 -26.28
N ALA D 303 36.34 54.89 -25.13
CA ALA D 303 36.82 53.72 -24.41
C ALA D 303 36.61 52.41 -25.19
N PHE D 304 35.52 52.34 -25.93
CA PHE D 304 35.16 51.15 -26.72
C PHE D 304 35.99 51.00 -27.99
N LYS D 305 36.62 52.09 -28.44
CA LYS D 305 37.59 52.08 -29.55
C LYS D 305 39.02 51.86 -29.05
N GLN D 306 39.33 52.44 -27.90
CA GLN D 306 40.66 52.28 -27.26
C GLN D 306 41.03 50.83 -26.92
N VAL D 307 40.02 50.01 -26.63
CA VAL D 307 40.24 48.57 -26.35
C VAL D 307 40.70 47.80 -27.60
N HIS D 308 40.32 48.25 -28.79
CA HIS D 308 40.76 47.59 -30.02
C HIS D 308 42.27 47.71 -30.31
N ASN D 309 42.95 48.59 -29.58
CA ASN D 309 44.42 48.54 -29.46
C ASN D 309 44.94 47.14 -29.08
N ILE D 310 44.18 46.43 -28.23
CA ILE D 310 44.55 45.08 -27.75
C ILE D 310 44.76 44.09 -28.92
N TYR D 311 43.82 44.08 -29.85
CA TYR D 311 43.91 43.24 -31.06
C TYR D 311 45.13 43.58 -31.92
N ASP D 312 45.27 44.87 -32.23
CA ASP D 312 46.41 45.38 -33.01
C ASP D 312 47.77 45.15 -32.32
N THR D 313 47.80 45.37 -31.00
CA THR D 313 49.01 45.18 -30.18
C THR D 313 49.56 43.75 -30.28
N LEU D 314 48.68 42.79 -29.99
CA LEU D 314 49.07 41.38 -29.88
C LEU D 314 49.58 40.80 -31.19
N LEU D 315 48.91 41.11 -32.30
CA LEU D 315 49.33 40.66 -33.64
C LEU D 315 50.80 40.94 -33.89
N ALA D 316 51.20 42.17 -33.61
CA ALA D 316 52.60 42.60 -33.74
C ALA D 316 53.57 41.83 -32.84
N ILE D 317 53.17 41.59 -31.58
CA ILE D 317 53.98 40.81 -30.63
C ILE D 317 54.31 39.41 -31.19
N PHE D 318 53.33 38.78 -31.83
CA PHE D 318 53.49 37.46 -32.45
C PHE D 318 54.35 37.52 -33.72
N GLU D 319 54.12 38.53 -34.55
CA GLU D 319 54.97 38.82 -35.73
C GLU D 319 56.41 39.01 -35.29
N ILE D 320 56.62 39.97 -34.39
CA ILE D 320 57.92 40.29 -33.81
C ILE D 320 58.60 39.05 -33.23
N ALA D 321 57.84 38.28 -32.45
CA ALA D 321 58.37 37.05 -31.87
C ALA D 321 59.06 36.19 -32.94
N LYS D 322 58.28 35.86 -33.97
CA LYS D 322 58.73 34.96 -35.03
C LYS D 322 59.76 35.57 -36.00
N GLU D 323 59.78 36.90 -36.11
CA GLU D 323 60.81 37.60 -36.90
C GLU D 323 62.17 37.60 -36.21
N GLN D 324 62.19 37.91 -34.92
CA GLN D 324 63.41 37.94 -34.11
C GLN D 324 63.81 36.57 -33.54
N GLY D 325 62.87 35.63 -33.48
CA GLY D 325 63.11 34.31 -32.88
C GLY D 325 63.18 34.38 -31.36
N VAL D 326 62.16 34.98 -30.75
CA VAL D 326 62.10 35.24 -29.31
C VAL D 326 60.71 34.93 -28.76
N THR D 327 60.60 34.95 -27.43
CA THR D 327 59.33 34.70 -26.74
C THR D 327 58.39 35.92 -26.89
N THR D 328 57.10 35.69 -26.70
CA THR D 328 56.12 36.79 -26.69
C THR D 328 56.39 37.79 -25.58
N ASN D 329 56.87 37.31 -24.43
CA ASN D 329 57.20 38.17 -23.31
C ASN D 329 58.31 39.16 -23.65
N ASP D 330 59.38 38.66 -24.26
CA ASP D 330 60.45 39.50 -24.79
C ASP D 330 60.01 40.33 -26.01
N ALA D 331 59.24 39.73 -26.91
CA ALA D 331 58.66 40.44 -28.05
C ALA D 331 57.74 41.59 -27.64
N ALA D 332 57.03 41.40 -26.53
CA ALA D 332 56.20 42.45 -25.93
C ALA D 332 57.08 43.52 -25.30
N ARG D 333 58.14 43.09 -24.64
CA ARG D 333 59.08 44.01 -24.01
C ARG D 333 59.85 44.84 -25.04
N ARG D 334 60.24 44.21 -26.14
CA ARG D 334 60.91 44.92 -27.25
C ARG D 334 60.01 45.98 -27.84
N LEU D 335 58.79 45.59 -28.16
CA LEU D 335 57.78 46.49 -28.73
C LEU D 335 57.48 47.71 -27.84
N ALA D 336 57.26 47.44 -26.55
CA ALA D 336 57.00 48.49 -25.56
C ALA D 336 58.11 49.52 -25.55
N GLU D 337 59.34 49.02 -25.45
CA GLU D 337 60.56 49.84 -25.46
C GLU D 337 60.70 50.71 -26.72
N ASP D 338 60.25 50.17 -27.86
CA ASP D 338 60.22 50.92 -29.14
C ASP D 338 59.27 52.12 -29.06
N ARG D 339 58.05 51.88 -28.60
CA ARG D 339 57.01 52.91 -28.46
C ARG D 339 57.47 54.11 -27.62
N ILE D 340 58.18 53.82 -26.53
CA ILE D 340 58.74 54.83 -25.64
C ILE D 340 59.87 55.62 -26.34
N ASN D 341 60.73 54.90 -27.05
CA ASN D 341 61.83 55.53 -27.81
C ASN D 341 61.32 56.42 -28.94
N ASN D 342 60.30 55.94 -29.66
CA ASN D 342 59.67 56.70 -30.74
C ASN D 342 59.05 58.03 -30.29
N SER D 343 58.36 58.00 -29.16
CA SER D 343 57.63 59.17 -28.64
C SER D 343 58.47 60.44 -28.46
N LYS D 344 59.78 60.26 -28.28
CA LYS D 344 60.72 61.39 -28.15
C LYS D 344 61.25 61.94 -29.45
N ARG D 345 61.45 61.07 -30.44
CA ARG D 345 61.89 61.50 -31.77
C ARG D 345 60.78 62.26 -32.52
N SER D 346 59.54 61.81 -32.38
CA SER D 346 58.38 62.46 -33.00
C SER D 346 58.10 63.82 -32.36
N LEU E 2 -96.99 -10.39 14.19
CA LEU E 2 -97.24 -11.88 14.14
C LEU E 2 -95.95 -12.67 14.06
N LEU E 3 -95.27 -12.78 15.20
CA LEU E 3 -94.01 -13.54 15.31
C LEU E 3 -94.14 -14.95 14.73
N PHE E 4 -95.16 -15.68 15.20
CA PHE E 4 -95.34 -17.08 14.79
C PHE E 4 -95.70 -17.27 13.31
N GLU E 5 -96.35 -16.27 12.71
CA GLU E 5 -96.65 -16.28 11.28
C GLU E 5 -95.36 -16.13 10.49
N THR E 6 -94.57 -15.13 10.84
CA THR E 6 -93.29 -14.86 10.16
C THR E 6 -92.24 -15.95 10.45
N VAL E 7 -92.30 -16.55 11.65
CA VAL E 7 -91.45 -17.71 12.00
C VAL E 7 -91.76 -18.94 11.13
N ARG E 8 -93.01 -19.06 10.67
CA ARG E 8 -93.42 -20.13 9.74
C ARG E 8 -92.66 -20.08 8.40
N GLU E 9 -92.39 -18.87 7.91
CA GLU E 9 -91.61 -18.67 6.68
C GLU E 9 -90.10 -18.79 6.92
N MET E 10 -89.68 -18.45 8.13
CA MET E 10 -88.27 -18.44 8.53
C MET E 10 -87.77 -19.78 9.09
N GLY E 11 -88.65 -20.50 9.79
CA GLY E 11 -88.34 -21.84 10.33
C GLY E 11 -87.59 -21.91 11.65
N HIS E 12 -87.76 -20.89 12.49
CA HIS E 12 -87.06 -20.83 13.78
C HIS E 12 -87.61 -21.82 14.78
N GLU E 13 -86.72 -22.27 15.68
CA GLU E 13 -87.07 -23.14 16.79
C GLU E 13 -87.43 -22.31 18.01
N GLN E 14 -86.48 -21.47 18.43
CA GLN E 14 -86.60 -20.69 19.67
C GLN E 14 -86.16 -19.22 19.49
N VAL E 15 -86.91 -18.30 20.12
CA VAL E 15 -86.63 -16.86 20.06
C VAL E 15 -86.79 -16.26 21.46
N LEU E 16 -85.67 -15.87 22.06
CA LEU E 16 -85.63 -15.38 23.45
C LEU E 16 -85.57 -13.86 23.55
N PHE E 17 -86.38 -13.30 24.44
CA PHE E 17 -86.40 -11.86 24.71
C PHE E 17 -85.87 -11.60 26.11
N CYS E 18 -84.56 -11.41 26.18
CA CYS E 18 -83.86 -11.15 27.43
C CYS E 18 -83.98 -9.68 27.83
N HIS E 19 -84.21 -9.45 29.13
CA HIS E 19 -84.44 -8.11 29.66
C HIS E 19 -83.99 -8.01 31.11
N SER E 20 -83.59 -6.80 31.50
CA SER E 20 -83.24 -6.46 32.88
C SER E 20 -83.37 -4.96 33.11
N LYS E 21 -83.32 -4.56 34.38
CA LYS E 21 -83.48 -3.15 34.79
C LYS E 21 -82.19 -2.52 35.31
N ASN E 22 -81.44 -3.25 36.14
CA ASN E 22 -80.14 -2.76 36.64
C ASN E 22 -79.08 -2.50 35.54
N PRO E 23 -79.03 -3.36 34.50
CA PRO E 23 -78.17 -3.09 33.34
C PRO E 23 -78.93 -2.38 32.20
N GLU E 24 -80.26 -2.34 32.30
CA GLU E 24 -81.16 -1.79 31.28
C GLU E 24 -81.03 -2.45 29.89
N ILE E 25 -80.81 -3.77 29.85
CA ILE E 25 -80.67 -4.48 28.57
C ILE E 25 -82.03 -4.71 27.93
N LYS E 26 -82.07 -4.49 26.62
CA LYS E 26 -83.13 -4.98 25.73
C LYS E 26 -82.45 -5.82 24.65
N ALA E 27 -82.42 -7.13 24.84
CA ALA E 27 -81.76 -8.04 23.90
C ALA E 27 -82.72 -9.06 23.31
N ILE E 28 -82.40 -9.54 22.12
CA ILE E 28 -83.15 -10.61 21.46
C ILE E 28 -82.19 -11.64 20.90
N ILE E 29 -82.29 -12.88 21.39
CA ILE E 29 -81.61 -14.01 20.77
C ILE E 29 -82.65 -14.76 19.91
N ALA E 30 -82.18 -15.26 18.77
CA ALA E 30 -82.99 -16.08 17.87
C ALA E 30 -82.22 -17.34 17.54
N ILE E 31 -82.89 -18.48 17.63
CA ILE E 31 -82.27 -19.80 17.41
C ILE E 31 -83.02 -20.46 16.27
N HIS E 32 -82.39 -20.48 15.09
CA HIS E 32 -83.03 -21.02 13.88
C HIS E 32 -83.18 -22.52 13.96
N ASP E 33 -82.05 -23.21 14.15
CA ASP E 33 -82.02 -24.69 14.26
C ASP E 33 -80.94 -25.16 15.23
N THR E 34 -81.02 -26.43 15.62
CA THR E 34 -79.99 -27.12 16.41
C THR E 34 -79.66 -28.55 15.92
N THR E 35 -80.17 -28.91 14.75
CA THR E 35 -80.18 -30.31 14.29
C THR E 35 -78.79 -30.93 14.32
N LEU E 36 -77.88 -30.34 13.55
CA LEU E 36 -76.52 -30.87 13.45
C LEU E 36 -75.70 -30.58 14.70
N GLY E 37 -75.90 -29.42 15.31
CA GLY E 37 -75.21 -29.06 16.55
C GLY E 37 -75.76 -27.82 17.22
N PRO E 38 -75.08 -27.34 18.28
CA PRO E 38 -75.57 -26.18 19.03
C PRO E 38 -75.52 -24.90 18.20
N ALA E 39 -76.46 -24.00 18.49
CA ALA E 39 -76.69 -22.81 17.69
C ALA E 39 -75.55 -21.80 17.74
N MET E 40 -74.72 -21.78 16.71
CA MET E 40 -73.65 -20.78 16.60
C MET E 40 -74.17 -19.47 16.03
N GLY E 41 -73.49 -18.38 16.37
CA GLY E 41 -73.86 -17.08 15.83
C GLY E 41 -73.33 -15.90 16.61
N ALA E 42 -73.07 -14.80 15.91
CA ALA E 42 -72.43 -13.65 16.54
C ALA E 42 -73.40 -12.72 17.27
N THR E 43 -72.91 -12.07 18.33
CA THR E 43 -73.61 -10.96 18.98
C THR E 43 -73.34 -9.67 18.21
N ARG E 44 -74.42 -9.03 17.78
CA ARG E 44 -74.39 -7.68 17.22
C ARG E 44 -75.02 -6.76 18.25
N ILE E 45 -74.74 -5.46 18.15
CA ILE E 45 -75.42 -4.44 18.96
C ILE E 45 -75.54 -3.14 18.16
N LEU E 46 -76.77 -2.69 17.96
CA LEU E 46 -77.10 -1.49 17.18
C LEU E 46 -78.33 -0.82 17.80
N PRO E 47 -78.48 0.50 17.61
CA PRO E 47 -79.74 1.18 17.94
C PRO E 47 -80.75 0.98 16.83
N TYR E 48 -81.57 -0.07 16.96
CA TYR E 48 -82.66 -0.32 16.03
C TYR E 48 -83.76 0.70 16.29
N ILE E 49 -84.36 1.20 15.23
CA ILE E 49 -85.47 2.17 15.34
C ILE E 49 -86.68 1.58 16.07
N ASN E 50 -86.83 0.26 16.00
CA ASN E 50 -88.01 -0.43 16.52
C ASN E 50 -87.68 -1.86 16.98
N GLU E 51 -88.49 -2.36 17.92
CA GLU E 51 -88.40 -3.76 18.37
C GLU E 51 -88.69 -4.80 17.26
N GLU E 52 -89.56 -4.43 16.32
CA GLU E 52 -89.86 -5.27 15.16
C GLU E 52 -88.66 -5.35 14.21
N ALA E 53 -87.97 -4.22 14.04
CA ALA E 53 -86.75 -4.16 13.23
C ALA E 53 -85.64 -5.01 13.86
N ALA E 54 -85.41 -4.79 15.15
CA ALA E 54 -84.48 -5.58 15.96
C ALA E 54 -84.72 -7.07 15.72
N LEU E 55 -85.97 -7.49 15.87
CA LEU E 55 -86.37 -8.88 15.68
C LEU E 55 -86.06 -9.39 14.27
N LYS E 56 -86.51 -8.64 13.27
CA LYS E 56 -86.35 -9.04 11.85
C LYS E 56 -84.88 -9.24 11.45
N ASP E 57 -83.98 -8.48 12.08
CA ASP E 57 -82.55 -8.72 11.93
C ASP E 57 -82.19 -10.07 12.57
N ALA E 58 -82.56 -10.24 13.84
CA ALA E 58 -82.32 -11.51 14.58
C ALA E 58 -82.87 -12.74 13.85
N LEU E 59 -84.01 -12.57 13.17
CA LEU E 59 -84.59 -13.63 12.35
C LEU E 59 -83.82 -13.91 11.06
N ARG E 60 -83.41 -12.86 10.35
CA ARG E 60 -82.76 -13.00 9.04
C ARG E 60 -81.35 -13.62 9.11
N LEU E 61 -80.55 -13.12 10.04
CA LEU E 61 -79.15 -13.50 10.15
C LEU E 61 -78.99 -14.95 10.64
N SER E 62 -79.77 -15.30 11.65
CA SER E 62 -79.83 -16.65 12.23
C SER E 62 -80.13 -17.74 11.18
N ARG E 63 -81.06 -17.45 10.27
CA ARG E 63 -81.33 -18.33 9.13
C ARG E 63 -80.08 -18.55 8.28
N GLY E 64 -79.44 -17.46 7.88
CA GLY E 64 -78.18 -17.52 7.11
C GLY E 64 -77.15 -18.46 7.73
N MET E 65 -76.98 -18.35 9.04
CA MET E 65 -76.00 -19.14 9.79
C MET E 65 -76.29 -20.65 9.76
N THR E 66 -77.56 -21.02 9.64
CA THR E 66 -77.96 -22.43 9.38
C THR E 66 -77.33 -22.89 8.07
N TYR E 67 -77.58 -22.11 7.02
CA TYR E 67 -77.16 -22.45 5.66
C TYR E 67 -75.64 -22.34 5.51
N LYS E 68 -75.06 -21.34 6.16
CA LYS E 68 -73.60 -21.17 6.19
C LYS E 68 -72.89 -22.34 6.84
N ALA E 69 -73.47 -22.84 7.93
CA ALA E 69 -72.91 -23.98 8.66
C ALA E 69 -73.15 -25.28 7.91
N ALA E 70 -74.40 -25.50 7.52
CA ALA E 70 -74.84 -26.74 6.86
C ALA E 70 -73.95 -27.11 5.66
N CYS E 71 -73.76 -26.14 4.78
CA CYS E 71 -72.92 -26.34 3.59
C CYS E 71 -71.44 -26.60 3.91
N ALA E 72 -70.94 -25.92 4.95
CA ALA E 72 -69.57 -26.11 5.44
C ALA E 72 -69.31 -27.47 6.14
N ASN E 73 -70.39 -28.18 6.50
CA ASN E 73 -70.34 -29.53 7.07
C ASN E 73 -69.73 -29.53 8.48
N ILE E 74 -70.30 -28.68 9.33
CA ILE E 74 -69.90 -28.56 10.73
C ILE E 74 -71.12 -28.82 11.62
N PRO E 75 -70.96 -29.64 12.69
CA PRO E 75 -72.07 -29.80 13.64
C PRO E 75 -72.40 -28.48 14.34
N ALA E 76 -73.27 -27.69 13.69
CA ALA E 76 -73.64 -26.38 14.17
C ALA E 76 -75.03 -25.98 13.69
N GLY E 77 -75.67 -25.14 14.50
CA GLY E 77 -77.01 -24.61 14.19
C GLY E 77 -76.94 -23.11 13.99
N GLY E 78 -77.83 -22.59 13.15
CA GLY E 78 -77.89 -21.17 12.88
C GLY E 78 -78.50 -20.40 14.03
N GLY E 79 -77.72 -19.51 14.63
CA GLY E 79 -78.18 -18.65 15.72
C GLY E 79 -77.67 -17.23 15.53
N LYS E 80 -78.26 -16.30 16.26
CA LYS E 80 -77.82 -14.90 16.26
C LYS E 80 -78.45 -14.14 17.41
N ALA E 81 -77.68 -13.23 18.00
CA ALA E 81 -78.14 -12.39 19.10
C ALA E 81 -77.96 -10.92 18.74
N VAL E 82 -78.98 -10.12 19.06
CA VAL E 82 -78.98 -8.68 18.79
C VAL E 82 -79.36 -7.93 20.06
N ILE E 83 -78.68 -6.81 20.31
CA ILE E 83 -78.98 -5.94 21.45
C ILE E 83 -79.42 -4.57 20.92
N ILE E 84 -80.50 -4.05 21.51
CA ILE E 84 -80.97 -2.69 21.21
C ILE E 84 -80.26 -1.75 22.17
N ALA E 85 -79.27 -1.04 21.64
CA ALA E 85 -78.49 -0.06 22.42
C ALA E 85 -77.65 0.83 21.52
N ASN E 86 -77.30 2.00 22.03
CA ASN E 86 -76.31 2.87 21.40
C ASN E 86 -74.90 2.39 21.77
N PRO E 87 -73.99 2.24 20.78
CA PRO E 87 -72.61 1.84 21.10
C PRO E 87 -71.89 2.76 22.09
N GLU E 88 -72.25 4.04 22.08
CA GLU E 88 -71.79 5.02 23.08
C GLU E 88 -72.33 4.66 24.48
N ASN E 89 -73.57 4.20 24.53
CA ASN E 89 -74.17 3.70 25.77
C ASN E 89 -73.82 2.23 26.02
N LYS E 90 -72.62 2.01 26.54
CA LYS E 90 -72.20 0.67 27.00
C LYS E 90 -71.49 0.76 28.34
N THR E 91 -71.48 -0.37 29.02
CA THR E 91 -70.73 -0.55 30.26
C THR E 91 -70.47 -2.04 30.44
N ASP E 92 -69.47 -2.38 31.24
CA ASP E 92 -69.10 -3.78 31.49
C ASP E 92 -70.22 -4.60 32.16
N ASP E 93 -71.08 -3.92 32.93
CA ASP E 93 -72.26 -4.55 33.52
C ASP E 93 -73.29 -4.99 32.47
N LEU E 94 -73.41 -4.21 31.39
CA LEU E 94 -74.28 -4.53 30.26
C LEU E 94 -73.75 -5.76 29.52
N LEU E 95 -72.44 -5.80 29.29
CA LEU E 95 -71.80 -6.94 28.66
C LEU E 95 -71.84 -8.19 29.55
N ARG E 96 -71.66 -8.01 30.86
CA ARG E 96 -71.71 -9.12 31.83
C ARG E 96 -73.11 -9.68 32.03
N ALA E 97 -74.11 -8.80 32.07
CA ALA E 97 -75.52 -9.20 32.19
C ALA E 97 -75.97 -10.02 30.98
N TYR E 98 -75.63 -9.55 29.78
CA TYR E 98 -75.80 -10.33 28.54
C TYR E 98 -75.15 -11.72 28.62
N GLY E 99 -73.98 -11.75 29.23
CA GLY E 99 -73.23 -12.99 29.48
C GLY E 99 -73.99 -14.00 30.30
N ARG E 100 -74.75 -13.52 31.29
CA ARG E 100 -75.63 -14.40 32.07
C ARG E 100 -76.72 -15.05 31.21
N PHE E 101 -77.22 -14.31 30.22
CA PHE E 101 -78.31 -14.78 29.36
C PHE E 101 -77.92 -15.78 28.29
N VAL E 102 -76.75 -15.58 27.67
CA VAL E 102 -76.19 -16.57 26.73
C VAL E 102 -75.77 -17.86 27.48
N ASP E 103 -75.39 -17.70 28.74
CA ASP E 103 -75.05 -18.80 29.66
C ASP E 103 -76.27 -19.61 30.06
N SER E 104 -77.38 -18.93 30.30
CA SER E 104 -78.68 -19.56 30.60
C SER E 104 -79.09 -20.64 29.58
N LEU E 105 -78.71 -20.46 28.32
CA LEU E 105 -79.01 -21.45 27.27
C LEU E 105 -78.18 -22.73 27.35
N ASN E 106 -77.13 -22.74 28.17
CA ASN E 106 -76.41 -23.97 28.58
C ASN E 106 -75.66 -24.67 27.44
N GLY E 107 -74.93 -23.87 26.66
CA GLY E 107 -74.21 -24.36 25.48
C GLY E 107 -75.05 -24.72 24.26
N ARG E 108 -76.34 -24.38 24.30
CA ARG E 108 -77.25 -24.61 23.17
C ARG E 108 -77.05 -23.50 22.14
N PHE E 109 -76.77 -22.30 22.65
CA PHE E 109 -76.43 -21.14 21.84
C PHE E 109 -74.99 -20.71 22.14
N ILE E 110 -74.26 -20.38 21.07
CA ILE E 110 -72.86 -19.95 21.13
C ILE E 110 -72.75 -18.58 20.44
N THR E 111 -72.04 -17.64 21.08
CA THR E 111 -71.87 -16.28 20.54
C THR E 111 -70.47 -15.94 20.07
N GLY E 112 -70.44 -15.19 18.98
CA GLY E 112 -69.23 -14.63 18.39
C GLY E 112 -69.30 -13.12 18.33
N GLN E 113 -68.19 -12.49 17.97
CA GLN E 113 -68.16 -11.05 17.76
C GLN E 113 -68.84 -10.65 16.43
N ASP E 114 -69.47 -9.49 16.44
CA ASP E 114 -69.99 -8.87 15.22
C ASP E 114 -69.93 -7.34 15.41
N VAL E 115 -70.70 -6.60 14.60
CA VAL E 115 -70.72 -5.14 14.65
C VAL E 115 -70.91 -4.68 16.10
N ASN E 116 -69.94 -3.90 16.57
CA ASN E 116 -69.92 -3.25 17.90
C ASN E 116 -69.55 -4.14 19.11
N ILE E 117 -69.25 -5.42 18.88
CA ILE E 117 -68.68 -6.32 19.91
C ILE E 117 -67.22 -6.60 19.55
N THR E 118 -66.32 -5.86 20.19
CA THR E 118 -64.88 -5.98 19.94
C THR E 118 -64.30 -7.22 20.66
N PRO E 119 -63.09 -7.67 20.27
CA PRO E 119 -62.40 -8.79 20.95
C PRO E 119 -62.15 -8.65 22.47
N ASP E 120 -62.14 -7.43 23.01
CA ASP E 120 -62.14 -7.22 24.47
C ASP E 120 -63.55 -7.29 25.09
N ASP E 121 -64.56 -6.84 24.34
CA ASP E 121 -65.97 -6.99 24.73
C ASP E 121 -66.36 -8.46 24.85
N VAL E 122 -65.87 -9.28 23.94
CA VAL E 122 -66.02 -10.74 24.00
C VAL E 122 -65.43 -11.29 25.30
N ARG E 123 -64.25 -10.80 25.67
CA ARG E 123 -63.60 -11.18 26.92
C ARG E 123 -64.35 -10.67 28.15
N THR E 124 -64.95 -9.48 28.06
CA THR E 124 -65.83 -8.97 29.12
C THR E 124 -67.03 -9.89 29.35
N ILE E 125 -67.61 -10.38 28.25
CA ILE E 125 -68.73 -11.33 28.29
C ILE E 125 -68.24 -12.68 28.86
N SER E 126 -67.10 -13.16 28.34
CA SER E 126 -66.57 -14.50 28.66
C SER E 126 -66.60 -14.91 30.12
N GLN E 127 -66.24 -13.98 31.01
CA GLN E 127 -66.16 -14.29 32.45
C GLN E 127 -67.45 -14.83 33.04
N GLU E 128 -68.58 -14.26 32.60
CA GLU E 128 -69.91 -14.66 33.07
C GLU E 128 -70.50 -15.87 32.37
N THR E 129 -70.11 -16.10 31.11
CA THR E 129 -70.73 -17.17 30.32
C THR E 129 -69.85 -18.35 29.96
N LYS E 130 -68.63 -18.08 29.50
CA LYS E 130 -67.70 -19.12 29.02
C LYS E 130 -68.19 -19.86 27.74
N TYR E 131 -69.16 -19.26 27.04
CA TYR E 131 -69.72 -19.79 25.78
C TYR E 131 -69.43 -18.91 24.56
N VAL E 132 -68.42 -18.06 24.65
CA VAL E 132 -68.03 -17.19 23.53
C VAL E 132 -66.74 -17.69 22.90
N VAL E 133 -66.45 -17.18 21.71
CA VAL E 133 -65.26 -17.57 20.94
C VAL E 133 -64.51 -16.35 20.35
N GLY E 134 -63.19 -16.39 20.44
CA GLY E 134 -62.33 -15.33 19.91
C GLY E 134 -60.88 -15.50 20.31
N PRO E 142 -56.54 -16.73 11.01
CA PRO E 142 -57.85 -16.58 10.38
C PRO E 142 -57.75 -16.29 8.89
N ALA E 143 -57.00 -15.25 8.54
CA ALA E 143 -56.81 -14.86 7.13
C ALA E 143 -56.07 -15.91 6.28
N PRO E 144 -55.11 -16.64 6.88
CA PRO E 144 -54.49 -17.76 6.14
C PRO E 144 -55.47 -18.86 5.77
N ILE E 145 -56.28 -19.28 6.74
CA ILE E 145 -57.26 -20.35 6.52
C ILE E 145 -58.41 -19.91 5.60
N THR E 146 -58.88 -18.67 5.76
CA THR E 146 -59.95 -18.11 4.91
C THR E 146 -59.53 -18.12 3.44
N SER E 147 -58.35 -17.56 3.18
CA SER E 147 -57.74 -17.49 1.85
C SER E 147 -57.51 -18.86 1.18
N LEU E 148 -57.26 -19.89 1.98
CA LEU E 148 -57.11 -21.23 1.47
C LEU E 148 -58.44 -21.81 0.97
N GLY E 149 -59.52 -21.49 1.67
CA GLY E 149 -60.87 -21.96 1.32
C GLY E 149 -61.32 -21.49 -0.03
N VAL E 150 -61.10 -20.20 -0.32
CA VAL E 150 -61.37 -19.64 -1.65
C VAL E 150 -60.49 -20.26 -2.75
N PHE E 151 -59.22 -20.51 -2.43
CA PHE E 151 -58.30 -21.18 -3.36
C PHE E 151 -58.79 -22.58 -3.75
N LEU E 152 -59.35 -23.31 -2.78
CA LEU E 152 -60.01 -24.60 -3.03
C LEU E 152 -61.28 -24.40 -3.86
N GLY E 153 -62.08 -23.42 -3.45
CA GLY E 153 -63.29 -23.02 -4.18
C GLY E 153 -63.04 -22.71 -5.65
N ILE E 154 -61.94 -22.02 -5.92
CA ILE E 154 -61.46 -21.82 -7.30
C ILE E 154 -61.28 -23.19 -7.96
N LYS E 155 -60.33 -23.98 -7.43
CA LYS E 155 -59.99 -25.32 -7.98
C LYS E 155 -61.21 -26.22 -8.18
N ALA E 156 -62.14 -26.14 -7.24
CA ALA E 156 -63.43 -26.83 -7.32
C ALA E 156 -64.21 -26.32 -8.51
N ALA E 157 -64.37 -25.00 -8.57
CA ALA E 157 -65.10 -24.34 -9.65
C ALA E 157 -64.51 -24.58 -11.04
N VAL E 158 -63.19 -24.81 -11.11
CA VAL E 158 -62.54 -25.15 -12.37
C VAL E 158 -63.01 -26.53 -12.85
N GLU E 159 -63.04 -27.50 -11.94
CA GLU E 159 -63.42 -28.88 -12.28
C GLU E 159 -64.85 -29.02 -12.80
N SER E 160 -65.76 -28.19 -12.31
CA SER E 160 -67.18 -28.29 -12.64
C SER E 160 -67.44 -28.21 -14.15
N ARG E 161 -66.94 -27.15 -14.80
CA ARG E 161 -67.08 -27.01 -16.26
C ARG E 161 -65.79 -27.30 -17.04
N TRP E 162 -64.68 -26.70 -16.62
CA TRP E 162 -63.42 -26.86 -17.36
C TRP E 162 -62.89 -28.29 -17.34
N GLN E 163 -63.15 -29.00 -16.23
CA GLN E 163 -62.83 -30.43 -16.07
C GLN E 163 -61.33 -30.71 -15.94
N SER E 164 -60.55 -29.68 -15.58
CA SER E 164 -59.12 -29.82 -15.32
C SER E 164 -58.82 -29.26 -13.93
N LYS E 165 -57.90 -29.90 -13.23
CA LYS E 165 -57.42 -29.41 -11.93
C LYS E 165 -56.12 -28.60 -12.08
N ARG E 166 -55.64 -28.45 -13.32
CA ARG E 166 -54.43 -27.67 -13.64
C ARG E 166 -54.81 -26.21 -13.86
N LEU E 167 -54.14 -25.30 -13.14
CA LEU E 167 -54.38 -23.85 -13.23
C LEU E 167 -53.32 -23.09 -14.04
N ASP E 168 -52.39 -23.82 -14.68
CA ASP E 168 -51.19 -23.20 -15.26
C ASP E 168 -51.48 -22.34 -16.50
N GLY E 169 -51.20 -21.04 -16.38
CA GLY E 169 -51.45 -20.08 -17.45
C GLY E 169 -52.79 -19.39 -17.43
N MET E 170 -53.73 -19.90 -16.62
CA MET E 170 -55.06 -19.32 -16.51
C MET E 170 -54.98 -17.92 -15.91
N LYS E 171 -56.00 -17.11 -16.21
CA LYS E 171 -56.04 -15.71 -15.80
C LYS E 171 -57.03 -15.54 -14.67
N VAL E 172 -56.75 -14.57 -13.80
CA VAL E 172 -57.61 -14.30 -12.65
C VAL E 172 -57.45 -12.83 -12.25
N ALA E 173 -58.51 -12.27 -11.68
CA ALA E 173 -58.57 -10.86 -11.29
C ALA E 173 -59.07 -10.71 -9.85
N VAL E 174 -58.31 -9.97 -9.05
CA VAL E 174 -58.58 -9.85 -7.60
C VAL E 174 -59.01 -8.44 -7.22
N GLN E 175 -60.10 -8.36 -6.47
CA GLN E 175 -60.60 -7.10 -5.90
C GLN E 175 -60.23 -7.04 -4.43
N GLY E 176 -59.50 -6.01 -4.03
CA GLY E 176 -59.02 -5.87 -2.66
C GLY E 176 -57.77 -6.69 -2.39
N LEU E 177 -56.86 -6.12 -1.59
CA LEU E 177 -55.60 -6.77 -1.24
C LEU E 177 -55.34 -6.61 0.26
N GLY E 178 -56.28 -7.12 1.04
CA GLY E 178 -56.10 -7.29 2.49
C GLY E 178 -55.25 -8.53 2.73
N ASN E 179 -55.06 -8.88 3.99
CA ASN E 179 -54.33 -10.12 4.33
C ASN E 179 -54.98 -11.30 3.62
N VAL E 180 -56.31 -11.33 3.69
CA VAL E 180 -57.13 -12.40 3.12
C VAL E 180 -56.95 -12.45 1.61
N GLY E 181 -57.13 -11.30 0.96
CA GLY E 181 -56.97 -11.18 -0.49
C GLY E 181 -55.54 -11.35 -1.00
N LYS E 182 -54.55 -11.00 -0.17
CA LYS E 182 -53.13 -11.10 -0.56
C LYS E 182 -52.63 -12.55 -0.46
N ASN E 183 -52.99 -13.23 0.62
CA ASN E 183 -52.69 -14.67 0.76
C ASN E 183 -53.15 -15.46 -0.46
N LEU E 184 -54.37 -15.20 -0.89
CA LEU E 184 -54.91 -15.80 -2.11
C LEU E 184 -53.96 -15.60 -3.29
N CYS E 185 -53.63 -14.34 -3.58
CA CYS E 185 -52.72 -13.98 -4.69
C CYS E 185 -51.44 -14.82 -4.66
N ARG E 186 -50.84 -14.96 -3.48
CA ARG E 186 -49.66 -15.82 -3.30
C ARG E 186 -49.91 -17.24 -3.81
N HIS E 187 -50.96 -17.87 -3.29
CA HIS E 187 -51.34 -19.23 -3.70
C HIS E 187 -51.47 -19.35 -5.22
N LEU E 188 -52.15 -18.37 -5.83
CA LEU E 188 -52.42 -18.38 -7.27
C LEU E 188 -51.12 -18.20 -8.06
N HIS E 189 -50.38 -17.13 -7.77
CA HIS E 189 -49.06 -16.91 -8.36
C HIS E 189 -48.22 -18.18 -8.34
N GLU E 190 -48.08 -18.77 -7.15
CA GLU E 190 -47.21 -19.94 -6.92
C GLU E 190 -47.64 -21.20 -7.67
N HIS E 191 -48.90 -21.25 -8.09
CA HIS E 191 -49.37 -22.23 -9.09
C HIS E 191 -49.40 -21.64 -10.52
N ASP E 192 -48.46 -20.74 -10.81
CA ASP E 192 -48.25 -20.15 -12.15
C ASP E 192 -49.53 -19.63 -12.82
N VAL E 193 -50.28 -18.84 -12.05
CA VAL E 193 -51.51 -18.19 -12.52
C VAL E 193 -51.19 -16.72 -12.83
N GLN E 194 -51.84 -16.19 -13.86
CA GLN E 194 -51.65 -14.79 -14.27
C GLN E 194 -52.63 -13.89 -13.54
N LEU E 195 -52.10 -12.96 -12.74
CA LEU E 195 -52.90 -12.10 -11.86
C LEU E 195 -53.10 -10.67 -12.38
N PHE E 196 -54.27 -10.13 -12.04
CA PHE E 196 -54.59 -8.70 -12.13
C PHE E 196 -55.11 -8.32 -10.76
N VAL E 197 -54.85 -7.08 -10.34
CA VAL E 197 -55.09 -6.70 -8.94
C VAL E 197 -55.67 -5.32 -8.76
N SER E 198 -56.26 -5.13 -7.59
CA SER E 198 -57.01 -3.92 -7.24
C SER E 198 -57.17 -3.87 -5.73
N ASP E 199 -57.22 -2.68 -5.17
CA ASP E 199 -57.43 -2.51 -3.73
C ASP E 199 -58.81 -1.88 -3.46
N PRO E 202 -53.53 0.74 -1.67
CA PRO E 202 -53.07 1.48 -2.84
C PRO E 202 -51.54 1.40 -2.96
N ILE E 203 -50.84 1.90 -1.95
CA ILE E 203 -49.47 1.44 -1.65
C ILE E 203 -49.40 -0.09 -1.52
N LYS E 204 -50.47 -0.68 -0.98
CA LYS E 204 -50.61 -2.13 -0.82
C LYS E 204 -50.68 -2.86 -2.17
N ALA E 205 -51.31 -2.22 -3.15
CA ALA E 205 -51.44 -2.80 -4.50
C ALA E 205 -50.15 -2.87 -5.30
N GLU E 206 -49.35 -1.81 -5.26
CA GLU E 206 -48.07 -1.77 -5.98
C GLU E 206 -47.04 -2.76 -5.42
N GLU E 207 -47.11 -3.05 -4.12
CA GLU E 207 -46.20 -4.03 -3.49
C GLU E 207 -46.58 -5.47 -3.84
N VAL E 208 -47.88 -5.73 -4.01
CA VAL E 208 -48.35 -7.00 -4.56
C VAL E 208 -47.72 -7.20 -5.94
N LYS E 209 -47.90 -6.20 -6.80
CA LYS E 209 -47.31 -6.19 -8.14
C LYS E 209 -45.80 -6.42 -8.10
N ARG E 210 -45.13 -5.75 -7.17
CA ARG E 210 -43.68 -5.92 -6.97
C ARG E 210 -43.33 -7.32 -6.49
N LEU E 211 -44.09 -7.84 -5.54
CA LEU E 211 -43.84 -9.16 -4.96
C LEU E 211 -44.10 -10.29 -5.96
N PHE E 212 -45.26 -10.24 -6.63
CA PHE E 212 -45.71 -11.34 -7.50
C PHE E 212 -45.70 -11.07 -9.01
N GLY E 213 -45.30 -9.87 -9.43
CA GLY E 213 -45.22 -9.52 -10.86
C GLY E 213 -46.58 -9.43 -11.55
N ALA E 214 -47.62 -9.09 -10.79
CA ALA E 214 -48.98 -8.94 -11.32
C ALA E 214 -49.20 -7.54 -11.91
N THR E 215 -49.91 -7.46 -13.02
CA THR E 215 -50.25 -6.16 -13.65
C THR E 215 -51.37 -5.47 -12.86
N VAL E 216 -51.09 -4.28 -12.34
CA VAL E 216 -52.07 -3.50 -11.58
C VAL E 216 -53.08 -2.88 -12.53
N VAL E 217 -54.32 -2.82 -12.05
CA VAL E 217 -55.42 -2.12 -12.72
C VAL E 217 -56.16 -1.33 -11.65
N GLU E 218 -56.94 -0.35 -12.09
CA GLU E 218 -57.70 0.50 -11.17
C GLU E 218 -58.88 -0.26 -10.54
N PRO E 219 -59.48 0.28 -9.46
CA PRO E 219 -60.69 -0.32 -8.86
C PRO E 219 -61.86 -0.51 -9.84
N THR E 220 -61.92 0.32 -10.89
CA THR E 220 -62.99 0.31 -11.87
C THR E 220 -62.75 -0.61 -13.08
N GLU E 221 -61.49 -0.79 -13.47
CA GLU E 221 -61.13 -1.57 -14.67
C GLU E 221 -61.29 -3.10 -14.50
N ILE E 222 -61.15 -3.58 -13.27
CA ILE E 222 -61.21 -5.03 -12.90
C ILE E 222 -62.30 -5.92 -13.53
N TYR E 223 -63.48 -5.36 -13.75
CA TYR E 223 -64.63 -6.13 -14.25
C TYR E 223 -64.50 -6.46 -15.74
N SER E 224 -63.80 -5.61 -16.47
CA SER E 224 -63.60 -5.77 -17.92
C SER E 224 -62.65 -6.91 -18.33
N LEU E 225 -61.72 -7.26 -17.45
CA LEU E 225 -60.54 -8.05 -17.82
C LEU E 225 -60.86 -9.50 -18.22
N ASP E 226 -59.99 -10.08 -19.05
CA ASP E 226 -60.15 -11.48 -19.48
C ASP E 226 -59.76 -12.45 -18.38
N ILE E 229 -60.94 -16.21 -14.50
CA ILE E 229 -61.76 -16.32 -13.28
C ILE E 229 -61.76 -14.98 -12.55
N PHE E 230 -62.94 -14.53 -12.08
CA PHE E 230 -63.02 -13.30 -11.28
C PHE E 230 -63.28 -13.56 -9.79
N ALA E 231 -62.26 -13.34 -8.96
CA ALA E 231 -62.35 -13.50 -7.50
C ALA E 231 -62.32 -12.15 -6.77
N PRO E 232 -63.48 -11.66 -6.30
CA PRO E 232 -63.48 -10.41 -5.55
C PRO E 232 -63.31 -10.63 -4.05
N CYS E 233 -62.40 -9.87 -3.42
CA CYS E 233 -62.00 -10.07 -2.02
C CYS E 233 -61.98 -8.81 -1.13
N ALA E 234 -62.67 -7.75 -1.53
CA ALA E 234 -62.71 -6.50 -0.75
C ALA E 234 -64.04 -6.27 -0.03
N LEU E 235 -65.09 -6.06 -0.82
CA LEU E 235 -66.37 -5.52 -0.32
C LEU E 235 -67.53 -6.19 -1.02
N GLY E 236 -68.68 -6.16 -0.34
CA GLY E 236 -69.92 -6.71 -0.87
C GLY E 236 -70.67 -5.70 -1.72
N GLY E 237 -71.84 -6.13 -2.22
CA GLY E 237 -72.71 -5.28 -3.04
C GLY E 237 -72.14 -4.95 -4.42
N ILE E 238 -71.30 -5.85 -4.94
CA ILE E 238 -70.51 -5.58 -6.15
C ILE E 238 -71.09 -6.20 -7.42
N LEU E 239 -71.67 -7.39 -7.30
CA LEU E 239 -72.40 -8.00 -8.42
C LEU E 239 -73.81 -7.42 -8.51
N ASN E 240 -73.92 -6.38 -9.33
CA ASN E 240 -75.16 -5.59 -9.50
C ASN E 240 -75.42 -5.37 -10.98
N SER E 241 -76.59 -4.80 -11.31
CA SER E 241 -77.00 -4.56 -12.72
C SER E 241 -76.05 -3.69 -13.57
N HIS E 242 -75.30 -2.81 -12.91
CA HIS E 242 -74.35 -1.93 -13.58
C HIS E 242 -73.14 -2.69 -14.15
N THR E 243 -72.56 -3.56 -13.32
CA THR E 243 -71.29 -4.25 -13.64
C THR E 243 -71.41 -5.69 -14.14
N ILE E 244 -72.49 -6.37 -13.76
CA ILE E 244 -72.70 -7.76 -14.16
C ILE E 244 -72.71 -8.03 -15.69
N PRO E 245 -73.14 -7.05 -16.53
CA PRO E 245 -72.93 -7.28 -17.97
C PRO E 245 -71.47 -7.17 -18.43
N PHE E 246 -70.65 -6.41 -17.69
CA PHE E 246 -69.23 -6.26 -18.02
C PHE E 246 -68.40 -7.54 -17.88
N LEU E 247 -68.79 -8.41 -16.95
CA LEU E 247 -67.98 -9.60 -16.59
C LEU E 247 -67.84 -10.64 -17.72
N GLN E 248 -66.61 -10.87 -18.16
CA GLN E 248 -66.29 -11.89 -19.17
C GLN E 248 -65.92 -13.24 -18.56
N ALA E 249 -65.20 -13.20 -17.43
CA ALA E 249 -64.75 -14.40 -16.71
C ALA E 249 -65.90 -15.38 -16.48
N SER E 250 -65.70 -16.62 -16.91
CA SER E 250 -66.70 -17.69 -16.80
C SER E 250 -66.96 -18.10 -15.35
N ILE E 251 -65.89 -18.14 -14.56
CA ILE E 251 -65.96 -18.49 -13.15
C ILE E 251 -65.78 -17.23 -12.33
N ILE E 252 -66.56 -17.07 -11.27
CA ILE E 252 -66.48 -15.89 -10.41
C ILE E 252 -66.47 -16.24 -8.90
N ALA E 253 -65.46 -17.00 -8.51
CA ALA E 253 -65.28 -17.45 -7.14
C ALA E 253 -64.18 -16.65 -6.41
N GLY E 254 -64.60 -15.79 -5.47
CA GLY E 254 -63.70 -15.03 -4.60
C GLY E 254 -64.17 -15.01 -3.15
N ALA E 255 -63.53 -14.17 -2.33
CA ALA E 255 -63.74 -14.16 -0.86
C ALA E 255 -64.58 -13.01 -0.29
N ALA E 256 -65.09 -12.14 -1.15
CA ALA E 256 -65.94 -11.05 -0.68
C ALA E 256 -67.25 -11.61 -0.11
N ASN E 257 -67.71 -11.02 0.98
CA ASN E 257 -68.98 -11.40 1.62
C ASN E 257 -70.10 -10.52 1.08
N ASN E 258 -71.29 -11.08 0.94
CA ASN E 258 -72.45 -10.38 0.34
C ASN E 258 -72.14 -9.85 -1.06
N GLN E 259 -71.53 -10.70 -1.88
CA GLN E 259 -70.99 -10.32 -3.20
C GLN E 259 -72.06 -9.71 -4.11
N LEU E 260 -73.25 -10.29 -4.04
CA LEU E 260 -74.37 -9.87 -4.86
C LEU E 260 -75.18 -8.79 -4.14
N GLU E 261 -75.50 -7.72 -4.86
CA GLU E 261 -76.27 -6.60 -4.32
C GLU E 261 -77.68 -7.07 -3.99
N ASN E 262 -78.29 -7.73 -4.96
CA ASN E 262 -79.57 -8.40 -4.85
C ASN E 262 -79.28 -9.89 -4.94
N GLU E 263 -79.79 -10.64 -3.97
CA GLU E 263 -79.47 -12.06 -3.86
C GLU E 263 -79.98 -12.89 -5.04
N GLN E 264 -81.26 -12.72 -5.38
CA GLN E 264 -81.88 -13.53 -6.41
C GLN E 264 -81.56 -13.02 -7.80
N LEU E 265 -81.93 -11.76 -8.05
CA LEU E 265 -81.88 -11.19 -9.41
C LEU E 265 -80.58 -11.51 -10.13
N HIS E 266 -79.49 -11.07 -9.53
CA HIS E 266 -78.19 -11.10 -10.20
C HIS E 266 -77.58 -12.49 -10.35
N SER E 267 -78.07 -13.45 -9.57
CA SER E 267 -77.71 -14.86 -9.76
C SER E 267 -78.27 -15.42 -11.06
N GLN E 268 -79.51 -15.07 -11.37
CA GLN E 268 -80.16 -15.48 -12.62
C GLN E 268 -79.49 -14.85 -13.84
N MET E 269 -79.11 -13.58 -13.72
CA MET E 269 -78.36 -12.88 -14.76
C MET E 269 -77.09 -13.65 -15.12
N LEU E 270 -76.30 -13.97 -14.12
CA LEU E 270 -75.11 -14.82 -14.29
C LEU E 270 -75.48 -16.14 -14.94
N ALA E 271 -76.45 -16.83 -14.33
CA ALA E 271 -76.93 -18.14 -14.78
C ALA E 271 -77.37 -18.16 -16.24
N LYS E 272 -78.00 -17.07 -16.67
CA LYS E 272 -78.42 -16.90 -18.06
C LYS E 272 -77.21 -16.78 -18.98
N LYS E 273 -76.23 -15.98 -18.55
CA LYS E 273 -75.07 -15.61 -19.36
C LYS E 273 -73.85 -16.55 -19.24
N GLY E 274 -74.05 -17.72 -18.64
CA GLY E 274 -73.01 -18.76 -18.60
C GLY E 274 -71.88 -18.55 -17.61
N ILE E 275 -72.07 -17.65 -16.66
CA ILE E 275 -71.12 -17.42 -15.58
C ILE E 275 -71.56 -18.26 -14.38
N LEU E 276 -70.69 -19.13 -13.90
CA LEU E 276 -70.95 -19.92 -12.68
C LEU E 276 -70.38 -19.19 -11.46
N TYR E 277 -71.22 -19.04 -10.44
CA TYR E 277 -70.90 -18.30 -9.23
C TYR E 277 -70.94 -19.22 -8.02
N SER E 278 -69.79 -19.35 -7.34
CA SER E 278 -69.73 -20.02 -6.05
C SER E 278 -70.38 -19.13 -5.00
N PRO E 279 -71.18 -19.70 -4.08
CA PRO E 279 -71.83 -18.84 -3.10
C PRO E 279 -70.83 -18.22 -2.12
N ASP E 280 -71.07 -16.95 -1.78
CA ASP E 280 -70.22 -16.19 -0.84
C ASP E 280 -70.06 -16.87 0.53
N TYR E 281 -71.17 -17.29 1.13
CA TYR E 281 -71.15 -17.90 2.47
C TYR E 281 -70.48 -19.28 2.52
N VAL E 282 -70.42 -19.98 1.39
CA VAL E 282 -69.73 -21.27 1.28
C VAL E 282 -68.20 -21.12 1.29
N ILE E 283 -67.68 -20.06 0.68
CA ILE E 283 -66.24 -19.77 0.63
C ILE E 283 -65.69 -19.17 1.94
N ASN E 284 -66.49 -18.30 2.56
CA ASN E 284 -66.17 -17.73 3.89
C ASN E 284 -66.25 -18.74 5.04
N ALA E 285 -66.91 -19.88 4.78
CA ALA E 285 -66.96 -21.00 5.71
C ALA E 285 -65.63 -21.33 6.34
N GLY E 286 -64.55 -21.23 5.56
CA GLY E 286 -63.19 -21.40 6.07
C GLY E 286 -62.93 -20.54 7.30
N GLY E 287 -63.41 -19.29 7.24
CA GLY E 287 -63.41 -18.36 8.36
C GLY E 287 -64.23 -18.82 9.57
N LEU E 288 -65.42 -19.36 9.31
CA LEU E 288 -66.26 -19.94 10.37
C LEU E 288 -65.66 -21.21 10.99
N ILE E 289 -65.16 -22.10 10.14
CA ILE E 289 -64.52 -23.34 10.57
C ILE E 289 -63.37 -23.05 11.54
N ASN E 290 -62.63 -21.97 11.28
CA ASN E 290 -61.63 -21.46 12.22
C ASN E 290 -62.22 -21.15 13.59
N VAL E 291 -63.38 -20.49 13.57
CA VAL E 291 -64.10 -20.15 14.80
C VAL E 291 -64.66 -21.42 15.46
N TYR E 292 -65.25 -22.31 14.66
CA TYR E 292 -65.78 -23.59 15.16
C TYR E 292 -64.77 -24.35 16.01
N ASN E 293 -63.56 -24.52 15.46
CA ASN E 293 -62.52 -25.28 16.15
C ASN E 293 -62.11 -24.69 17.52
N GLU E 294 -62.19 -23.38 17.66
CA GLU E 294 -61.87 -22.71 18.94
C GLU E 294 -62.80 -23.11 20.10
N MET E 295 -64.09 -23.32 19.81
CA MET E 295 -65.05 -23.83 20.80
C MET E 295 -64.59 -25.14 21.40
N ILE E 296 -64.26 -26.08 20.50
CA ILE E 296 -63.91 -27.46 20.88
C ILE E 296 -62.44 -27.63 21.30
N GLY E 297 -61.75 -26.53 21.61
CA GLY E 297 -60.31 -26.54 21.78
C GLY E 297 -59.68 -26.49 20.41
N TYR E 298 -59.01 -25.39 20.11
CA TYR E 298 -58.44 -25.19 18.78
C TYR E 298 -57.30 -26.16 18.48
N ASP E 299 -57.53 -27.05 17.51
CA ASP E 299 -56.49 -27.91 16.96
C ASP E 299 -56.31 -27.58 15.48
N GLU E 300 -55.19 -26.95 15.15
CA GLU E 300 -54.80 -26.66 13.76
C GLU E 300 -54.81 -27.91 12.88
N GLU E 301 -54.29 -29.01 13.43
CA GLU E 301 -54.16 -30.29 12.72
C GLU E 301 -55.48 -30.71 12.08
N LYS E 302 -56.56 -30.59 12.85
CA LYS E 302 -57.90 -31.01 12.42
C LYS E 302 -58.56 -29.96 11.51
N ALA E 303 -58.49 -28.70 11.91
CA ALA E 303 -59.15 -27.57 11.21
C ALA E 303 -58.80 -27.44 9.73
N PHE E 304 -57.52 -27.62 9.42
CA PHE E 304 -57.02 -27.51 8.04
C PHE E 304 -57.55 -28.64 7.13
N LYS E 305 -58.03 -29.74 7.73
CA LYS E 305 -58.77 -30.79 7.01
C LYS E 305 -60.24 -30.40 6.82
N GLN E 306 -60.80 -29.78 7.85
CA GLN E 306 -62.21 -29.39 7.87
C GLN E 306 -62.61 -28.38 6.80
N VAL E 307 -61.67 -27.55 6.35
CA VAL E 307 -61.96 -26.58 5.28
C VAL E 307 -62.11 -27.21 3.90
N HIS E 308 -61.46 -28.35 3.67
CA HIS E 308 -61.57 -29.06 2.39
C HIS E 308 -62.98 -29.58 2.06
N ASN E 309 -63.91 -29.47 3.02
CA ASN E 309 -65.36 -29.60 2.74
C ASN E 309 -65.83 -28.61 1.69
N ILE E 310 -65.19 -27.45 1.62
CA ILE E 310 -65.52 -26.41 0.62
C ILE E 310 -65.36 -26.97 -0.81
N TYR E 311 -64.24 -27.63 -1.06
CA TYR E 311 -64.00 -28.32 -2.34
C TYR E 311 -65.10 -29.34 -2.63
N ASP E 312 -65.34 -30.24 -1.67
CA ASP E 312 -66.38 -31.26 -1.77
C ASP E 312 -67.80 -30.70 -1.93
N THR E 313 -68.13 -29.71 -1.10
CA THR E 313 -69.44 -29.06 -1.10
C THR E 313 -69.75 -28.36 -2.44
N LEU E 314 -68.77 -27.63 -2.94
CA LEU E 314 -68.98 -26.79 -4.13
C LEU E 314 -69.23 -27.62 -5.39
N LEU E 315 -68.40 -28.64 -5.61
CA LEU E 315 -68.57 -29.59 -6.72
C LEU E 315 -70.01 -30.11 -6.80
N ALA E 316 -70.53 -30.46 -5.64
CA ALA E 316 -71.91 -30.93 -5.52
C ALA E 316 -72.92 -29.84 -5.90
N ILE E 317 -72.69 -28.61 -5.44
CA ILE E 317 -73.56 -27.46 -5.77
C ILE E 317 -73.66 -27.21 -7.29
N PHE E 318 -72.54 -27.36 -7.99
CA PHE E 318 -72.50 -27.20 -9.45
C PHE E 318 -73.19 -28.38 -10.14
N GLU E 319 -72.88 -29.59 -9.67
CA GLU E 319 -73.56 -30.83 -10.07
C GLU E 319 -75.07 -30.75 -9.91
N ILE E 320 -75.50 -30.30 -8.73
CA ILE E 320 -76.91 -30.13 -8.40
C ILE E 320 -77.57 -29.05 -9.26
N ALA E 321 -76.88 -27.92 -9.41
CA ALA E 321 -77.36 -26.81 -10.27
C ALA E 321 -77.67 -27.30 -11.68
N LYS E 322 -76.73 -28.04 -12.25
CA LYS E 322 -76.86 -28.66 -13.57
C LYS E 322 -78.00 -29.67 -13.66
N GLU E 323 -78.00 -30.64 -12.75
CA GLU E 323 -79.02 -31.71 -12.73
C GLU E 323 -80.44 -31.16 -12.61
N GLN E 324 -80.64 -30.24 -11.68
CA GLN E 324 -81.96 -29.70 -11.37
C GLN E 324 -82.35 -28.48 -12.21
N GLY E 325 -81.42 -27.98 -13.03
CA GLY E 325 -81.68 -26.84 -13.93
C GLY E 325 -82.03 -25.56 -13.19
N VAL E 326 -81.17 -25.16 -12.26
CA VAL E 326 -81.43 -24.02 -11.37
C VAL E 326 -80.11 -23.50 -10.77
N THR E 327 -80.14 -22.27 -10.25
CA THR E 327 -78.94 -21.53 -9.79
C THR E 327 -78.14 -22.23 -8.67
N THR E 328 -76.90 -21.77 -8.49
CA THR E 328 -76.01 -22.26 -7.43
C THR E 328 -76.53 -21.91 -6.04
N ASN E 329 -77.23 -20.78 -5.92
CA ASN E 329 -77.85 -20.39 -4.66
C ASN E 329 -79.00 -21.30 -4.25
N ASP E 330 -79.89 -21.58 -5.20
CA ASP E 330 -80.94 -22.59 -5.01
C ASP E 330 -80.36 -23.99 -4.81
N ALA E 331 -79.25 -24.29 -5.48
CA ALA E 331 -78.54 -25.56 -5.30
C ALA E 331 -77.94 -25.68 -3.90
N ALA E 332 -77.32 -24.60 -3.43
CA ALA E 332 -76.77 -24.53 -2.07
C ALA E 332 -77.87 -24.57 -1.00
N ARG E 333 -79.04 -24.03 -1.33
CA ARG E 333 -80.21 -24.10 -0.45
C ARG E 333 -80.64 -25.53 -0.21
N ARG E 334 -80.95 -26.25 -1.30
CA ARG E 334 -81.37 -27.65 -1.23
C ARG E 334 -80.31 -28.55 -0.61
N LEU E 335 -79.05 -28.30 -0.97
CA LEU E 335 -77.89 -29.02 -0.41
C LEU E 335 -77.72 -28.82 1.10
N ALA E 336 -78.05 -27.63 1.58
CA ALA E 336 -78.08 -27.33 3.01
C ALA E 336 -79.26 -28.02 3.71
N GLU E 337 -80.45 -27.84 3.11
CA GLU E 337 -81.70 -28.41 3.61
C GLU E 337 -81.69 -29.94 3.69
N ASP E 338 -81.25 -30.57 2.59
CA ASP E 338 -81.15 -32.04 2.51
C ASP E 338 -80.05 -32.62 3.41
N ARG E 339 -79.09 -31.81 3.82
CA ARG E 339 -78.09 -32.20 4.83
C ARG E 339 -78.71 -32.35 6.22
N ILE E 340 -79.36 -31.28 6.68
CA ILE E 340 -80.07 -31.24 7.97
C ILE E 340 -81.11 -32.38 8.12
N ASN E 341 -81.89 -32.62 7.07
CA ASN E 341 -82.94 -33.65 7.07
C ASN E 341 -82.39 -35.06 7.16
N ASN E 342 -81.30 -35.31 6.44
CA ASN E 342 -80.64 -36.62 6.49
C ASN E 342 -79.88 -36.86 7.81
N SER E 343 -79.49 -35.78 8.48
CA SER E 343 -78.82 -35.85 9.79
C SER E 343 -79.76 -36.12 10.98
N LYS E 344 -81.07 -36.16 10.74
CA LYS E 344 -82.07 -36.40 11.79
C LYS E 344 -81.93 -37.78 12.44
N ARG E 345 -81.73 -38.81 11.61
CA ARG E 345 -81.54 -40.19 12.08
C ARG E 345 -80.31 -40.41 12.97
N SER E 346 -79.25 -39.65 12.71
CA SER E 346 -77.98 -39.82 13.43
C SER E 346 -78.02 -39.20 14.82
N LYS E 347 -77.21 -39.76 15.72
CA LYS E 347 -76.98 -39.20 17.05
C LYS E 347 -75.51 -38.82 17.19
N LEU F 3 46.33 -8.84 24.40
CA LEU F 3 46.26 -7.65 23.46
C LEU F 3 44.86 -7.26 22.94
N PHE F 4 43.91 -8.19 22.92
CA PHE F 4 42.53 -7.88 22.52
C PHE F 4 41.93 -6.70 23.29
N GLU F 5 42.28 -6.58 24.57
CA GLU F 5 41.83 -5.47 25.41
C GLU F 5 42.26 -4.14 24.81
N THR F 6 43.55 -4.04 24.47
CA THR F 6 44.09 -2.84 23.80
C THR F 6 43.69 -2.69 22.32
N VAL F 7 43.49 -3.81 21.61
CA VAL F 7 43.06 -3.78 20.19
C VAL F 7 41.61 -3.31 20.00
N ARG F 8 40.72 -3.74 20.90
CA ARG F 8 39.30 -3.36 20.86
C ARG F 8 39.11 -1.85 21.00
N GLU F 9 39.82 -1.26 21.95
CA GLU F 9 39.83 0.20 22.18
C GLU F 9 40.42 1.01 21.02
N MET F 10 41.46 0.49 20.39
CA MET F 10 42.08 1.14 19.22
C MET F 10 41.41 0.83 17.88
N GLY F 11 40.71 -0.31 17.80
CA GLY F 11 39.90 -0.68 16.64
C GLY F 11 40.63 -1.32 15.46
N HIS F 12 41.71 -2.06 15.74
CA HIS F 12 42.50 -2.73 14.70
C HIS F 12 41.74 -3.97 14.13
N GLU F 13 41.94 -4.24 12.85
CA GLU F 13 41.34 -5.39 12.16
C GLU F 13 42.11 -6.68 12.43
N GLN F 14 43.43 -6.63 12.22
CA GLN F 14 44.31 -7.80 12.41
C GLN F 14 45.72 -7.43 12.89
N VAL F 15 46.40 -8.43 13.44
CA VAL F 15 47.83 -8.33 13.80
C VAL F 15 48.48 -9.70 13.58
N LEU F 16 49.36 -9.79 12.57
CA LEU F 16 50.04 -11.04 12.21
C LEU F 16 51.45 -11.14 12.82
N PHE F 17 51.78 -12.30 13.39
CA PHE F 17 53.09 -12.55 14.02
C PHE F 17 53.88 -13.57 13.20
N CYS F 18 54.47 -13.08 12.12
CA CYS F 18 55.22 -13.91 11.19
C CYS F 18 56.56 -14.34 11.77
N HIS F 19 57.00 -15.55 11.39
CA HIS F 19 58.22 -16.17 11.92
C HIS F 19 58.79 -17.22 10.98
N SER F 20 60.11 -17.36 11.03
CA SER F 20 60.82 -18.43 10.32
C SER F 20 62.13 -18.74 11.05
N LYS F 21 62.73 -19.88 10.75
CA LYS F 21 63.96 -20.32 11.42
C LYS F 21 65.22 -20.25 10.55
N ASN F 22 65.10 -20.56 9.26
CA ASN F 22 66.24 -20.43 8.33
C ASN F 22 66.75 -18.98 8.16
N PRO F 23 65.84 -17.97 8.15
CA PRO F 23 66.31 -16.61 7.98
C PRO F 23 66.33 -15.78 9.27
N GLU F 24 66.04 -16.41 10.42
CA GLU F 24 66.02 -15.72 11.73
C GLU F 24 65.14 -14.46 11.64
N ILE F 25 63.87 -14.65 11.27
CA ILE F 25 62.93 -13.53 11.17
C ILE F 25 61.93 -13.53 12.32
N LYS F 26 61.79 -12.36 12.94
CA LYS F 26 60.70 -12.04 13.86
C LYS F 26 60.04 -10.78 13.33
N ALA F 27 58.82 -10.92 12.77
CA ALA F 27 58.12 -9.83 12.07
C ALA F 27 56.64 -9.71 12.46
N ILE F 28 56.18 -8.46 12.62
CA ILE F 28 54.79 -8.15 12.97
C ILE F 28 54.16 -7.18 11.96
N ILE F 29 53.35 -7.72 11.05
CA ILE F 29 52.48 -6.89 10.20
C ILE F 29 51.18 -6.61 10.97
N ALA F 30 50.89 -5.32 11.18
CA ALA F 30 49.71 -4.87 11.93
C ALA F 30 48.85 -4.01 11.03
N ILE F 31 47.59 -4.42 10.86
CA ILE F 31 46.64 -3.77 9.96
C ILE F 31 45.47 -3.19 10.78
N HIS F 32 45.22 -1.89 10.61
CA HIS F 32 44.18 -1.15 11.34
C HIS F 32 42.83 -1.17 10.64
N ASP F 33 42.82 -0.93 9.33
CA ASP F 33 41.59 -0.91 8.52
C ASP F 33 41.84 -1.28 7.06
N THR F 34 40.77 -1.71 6.40
CA THR F 34 40.76 -2.00 4.96
C THR F 34 39.52 -1.40 4.29
N THR F 35 38.94 -0.37 4.91
CA THR F 35 37.62 0.11 4.51
C THR F 35 37.63 0.79 3.14
N LEU F 36 38.64 1.61 2.88
CA LEU F 36 38.70 2.44 1.66
C LEU F 36 39.55 1.79 0.56
N GLY F 37 40.45 0.91 0.96
CA GLY F 37 41.20 0.08 0.03
C GLY F 37 42.13 -0.83 0.80
N PRO F 38 43.21 -1.30 0.16
CA PRO F 38 44.17 -2.13 0.88
C PRO F 38 45.03 -1.29 1.82
N ALA F 39 45.35 -1.84 2.98
CA ALA F 39 46.16 -1.14 3.98
C ALA F 39 47.55 -0.85 3.44
N MET F 40 47.95 0.42 3.55
CA MET F 40 49.28 0.87 3.16
C MET F 40 50.13 1.15 4.38
N GLY F 41 51.37 0.70 4.40
CA GLY F 41 52.18 0.82 5.62
C GLY F 41 53.64 0.46 5.52
N ALA F 42 54.50 1.35 5.99
CA ALA F 42 55.93 1.21 5.78
C ALA F 42 56.60 0.21 6.70
N THR F 43 57.65 -0.45 6.20
CA THR F 43 58.38 -1.48 6.94
C THR F 43 59.52 -0.84 7.74
N ARG F 44 59.48 -1.04 9.06
CA ARG F 44 60.53 -0.60 9.96
C ARG F 44 61.28 -1.84 10.41
N ILE F 45 62.52 -1.67 10.83
CA ILE F 45 63.30 -2.78 11.43
C ILE F 45 64.18 -2.27 12.59
N LEU F 46 63.64 -2.33 13.80
CA LEU F 46 64.31 -1.82 15.01
C LEU F 46 64.52 -2.96 16.00
N PRO F 47 65.63 -2.94 16.76
CA PRO F 47 65.85 -3.98 17.74
C PRO F 47 65.11 -3.59 19.01
N TYR F 48 63.82 -3.90 19.04
CA TYR F 48 62.96 -3.51 20.16
C TYR F 48 63.44 -4.19 21.43
N ILE F 49 63.33 -3.46 22.54
CA ILE F 49 63.73 -3.98 23.85
C ILE F 49 62.86 -5.16 24.30
N ASN F 50 61.61 -5.18 23.84
CA ASN F 50 60.62 -6.14 24.27
C ASN F 50 59.65 -6.46 23.13
N GLU F 51 58.99 -7.61 23.25
CA GLU F 51 57.97 -8.03 22.29
C GLU F 51 56.84 -7.02 22.31
N GLU F 52 56.32 -6.75 23.51
CA GLU F 52 55.29 -5.72 23.75
C GLU F 52 55.63 -4.33 23.19
N ALA F 53 56.91 -3.98 23.17
CA ALA F 53 57.38 -2.72 22.59
C ALA F 53 57.15 -2.66 21.08
N ALA F 54 57.55 -3.73 20.38
CA ALA F 54 57.33 -3.85 18.93
C ALA F 54 55.86 -3.74 18.57
N LEU F 55 55.01 -4.36 19.38
CA LEU F 55 53.56 -4.31 19.20
C LEU F 55 53.03 -2.87 19.18
N LYS F 56 53.39 -2.11 20.22
CA LYS F 56 52.93 -0.73 20.36
C LYS F 56 53.35 0.17 19.18
N ASP F 57 54.56 -0.06 18.67
CA ASP F 57 55.02 0.66 17.47
C ASP F 57 54.29 0.18 16.20
N ALA F 58 54.00 -1.12 16.13
CA ALA F 58 53.18 -1.68 15.03
C ALA F 58 51.72 -1.18 15.09
N LEU F 59 51.17 -1.11 16.29
CA LEU F 59 49.80 -0.61 16.52
C LEU F 59 49.67 0.89 16.30
N ARG F 60 50.53 1.68 16.97
CA ARG F 60 50.42 3.15 16.93
C ARG F 60 50.48 3.73 15.51
N LEU F 61 51.41 3.24 14.71
CA LEU F 61 51.70 3.80 13.39
C LEU F 61 50.68 3.36 12.35
N SER F 62 50.25 2.11 12.42
CA SER F 62 49.19 1.58 11.56
C SER F 62 47.88 2.36 11.73
N ARG F 63 47.56 2.71 12.97
CA ARG F 63 46.42 3.61 13.27
C ARG F 63 46.59 4.98 12.61
N GLY F 64 47.78 5.55 12.71
CA GLY F 64 48.09 6.86 12.10
C GLY F 64 47.83 6.90 10.61
N MET F 65 48.28 5.86 9.92
CA MET F 65 48.17 5.79 8.45
C MET F 65 46.73 5.72 7.96
N THR F 66 45.86 5.09 8.77
CA THR F 66 44.41 5.12 8.52
C THR F 66 43.89 6.56 8.45
N TYR F 67 44.38 7.39 9.37
CA TYR F 67 43.99 8.79 9.47
C TYR F 67 44.72 9.65 8.43
N LYS F 68 45.97 9.31 8.16
CA LYS F 68 46.74 9.97 7.11
C LYS F 68 46.16 9.67 5.71
N ALA F 69 45.59 8.48 5.55
CA ALA F 69 45.00 8.05 4.29
C ALA F 69 43.62 8.69 4.09
N ALA F 70 42.74 8.48 5.06
CA ALA F 70 41.36 9.00 5.00
C ALA F 70 41.30 10.51 4.78
N CYS F 71 42.13 11.24 5.52
CA CYS F 71 42.26 12.71 5.35
C CYS F 71 42.84 13.10 4.00
N ALA F 72 43.71 12.26 3.45
CA ALA F 72 44.18 12.41 2.07
C ALA F 72 43.13 12.02 1.02
N ASN F 73 42.04 11.40 1.46
CA ASN F 73 40.89 11.05 0.62
C ASN F 73 41.33 10.09 -0.48
N ILE F 74 41.84 8.95 -0.02
CA ILE F 74 42.56 7.99 -0.84
C ILE F 74 41.93 6.59 -0.68
N PRO F 75 41.83 5.80 -1.78
CA PRO F 75 41.33 4.41 -1.61
C PRO F 75 42.35 3.48 -0.93
N ALA F 76 42.46 3.62 0.39
CA ALA F 76 43.41 2.84 1.19
C ALA F 76 43.13 2.95 2.69
N GLY F 77 43.50 1.90 3.41
CA GLY F 77 43.49 1.87 4.88
C GLY F 77 44.89 1.94 5.47
N GLY F 78 44.98 1.73 6.78
CA GLY F 78 46.23 1.91 7.51
C GLY F 78 46.81 0.60 8.02
N GLY F 79 48.05 0.34 7.65
CA GLY F 79 48.83 -0.78 8.19
C GLY F 79 50.22 -0.34 8.61
N LYS F 80 50.94 -1.26 9.23
CA LYS F 80 52.35 -1.04 9.57
C LYS F 80 53.04 -2.36 9.83
N ALA F 81 54.26 -2.48 9.31
CA ALA F 81 55.08 -3.66 9.50
C ALA F 81 56.35 -3.28 10.27
N VAL F 82 56.71 -4.10 11.25
CA VAL F 82 57.96 -3.94 12.01
C VAL F 82 58.72 -5.27 12.05
N ILE F 83 60.03 -5.18 12.29
CA ILE F 83 60.92 -6.36 12.36
C ILE F 83 61.93 -6.16 13.50
N ILE F 84 62.19 -7.22 14.25
CA ILE F 84 63.12 -7.19 15.40
C ILE F 84 64.53 -7.52 14.91
N ALA F 85 65.35 -6.47 14.71
CA ALA F 85 66.77 -6.62 14.34
C ALA F 85 67.55 -5.31 14.44
N ASN F 86 68.88 -5.42 14.50
CA ASN F 86 69.78 -4.26 14.51
C ASN F 86 69.68 -3.43 13.23
N ASN F 89 72.53 -7.45 12.72
CA ASN F 89 72.77 -8.32 11.59
C ASN F 89 71.50 -8.54 10.78
N LYS F 90 71.49 -7.99 9.57
CA LYS F 90 70.43 -8.26 8.61
C LYS F 90 71.07 -8.72 7.30
N THR F 91 70.41 -9.66 6.64
CA THR F 91 70.93 -10.29 5.42
C THR F 91 69.91 -10.13 4.28
N ASP F 92 70.32 -10.49 3.07
CA ASP F 92 69.43 -10.43 1.89
C ASP F 92 68.29 -11.45 1.94
N ASP F 93 68.60 -12.65 2.43
CA ASP F 93 67.58 -13.67 2.69
C ASP F 93 66.48 -13.18 3.66
N LEU F 94 66.91 -12.41 4.67
CA LEU F 94 66.03 -11.83 5.70
C LEU F 94 64.98 -10.94 5.07
N LEU F 95 65.36 -10.28 3.98
CA LEU F 95 64.48 -9.43 3.21
C LEU F 95 63.56 -10.26 2.32
N ARG F 96 64.12 -11.27 1.65
CA ARG F 96 63.34 -12.15 0.77
C ARG F 96 62.28 -12.94 1.51
N ALA F 97 62.65 -13.46 2.68
CA ALA F 97 61.72 -14.20 3.52
C ALA F 97 60.67 -13.29 4.17
N TYR F 98 61.02 -12.05 4.50
CA TYR F 98 60.01 -11.03 4.85
C TYR F 98 59.07 -10.73 3.67
N GLY F 99 59.63 -10.67 2.47
CA GLY F 99 58.87 -10.44 1.25
C GLY F 99 57.80 -11.48 0.98
N ARG F 100 58.13 -12.74 1.22
CA ARG F 100 57.15 -13.83 1.08
C ARG F 100 56.02 -13.72 2.13
N PHE F 101 56.33 -13.16 3.30
CA PHE F 101 55.32 -12.88 4.33
C PHE F 101 54.38 -11.74 3.94
N VAL F 102 54.91 -10.74 3.24
CA VAL F 102 54.09 -9.67 2.66
C VAL F 102 53.27 -10.21 1.48
N ASP F 103 53.86 -11.13 0.71
CA ASP F 103 53.22 -11.73 -0.45
C ASP F 103 52.03 -12.63 -0.10
N SER F 104 52.04 -13.20 1.10
CA SER F 104 50.93 -14.02 1.61
C SER F 104 49.61 -13.24 1.66
N LEU F 105 49.70 -11.96 2.04
CA LEU F 105 48.51 -11.11 2.22
C LEU F 105 47.78 -10.71 0.92
N ASN F 106 48.44 -10.89 -0.22
CA ASN F 106 47.79 -10.82 -1.55
C ASN F 106 47.16 -9.46 -1.88
N GLY F 107 47.99 -8.42 -1.85
CA GLY F 107 47.56 -7.07 -2.23
C GLY F 107 46.71 -6.33 -1.23
N ARG F 108 46.60 -6.86 -0.02
CA ARG F 108 45.85 -6.22 1.06
C ARG F 108 46.76 -5.30 1.86
N PHE F 109 47.98 -5.76 2.14
CA PHE F 109 49.01 -4.92 2.73
C PHE F 109 49.97 -4.51 1.62
N ILE F 110 50.11 -3.20 1.46
CA ILE F 110 51.12 -2.63 0.59
C ILE F 110 52.09 -1.85 1.46
N THR F 111 53.40 -2.05 1.26
CA THR F 111 54.40 -1.39 2.08
C THR F 111 55.40 -0.54 1.27
N GLY F 112 56.22 0.18 2.01
CA GLY F 112 57.28 1.03 1.48
C GLY F 112 58.40 1.09 2.48
N GLN F 113 59.48 1.79 2.12
CA GLN F 113 60.64 1.92 3.00
C GLN F 113 60.32 2.74 4.25
N ASP F 114 61.09 2.50 5.29
CA ASP F 114 61.06 3.32 6.50
C ASP F 114 62.44 3.22 7.19
N VAL F 115 62.48 3.50 8.49
CA VAL F 115 63.70 3.44 9.29
C VAL F 115 64.34 2.07 9.12
N ASN F 116 65.62 2.07 8.77
CA ASN F 116 66.44 0.87 8.56
C ASN F 116 66.12 0.01 7.30
N ILE F 117 65.25 0.52 6.41
CA ILE F 117 65.01 -0.10 5.11
C ILE F 117 65.46 0.87 4.02
N THR F 118 66.50 0.50 3.28
CA THR F 118 66.98 1.30 2.15
C THR F 118 66.13 1.03 0.90
N PRO F 119 66.21 1.92 -0.12
CA PRO F 119 65.61 1.63 -1.43
C PRO F 119 66.18 0.40 -2.14
N ASP F 120 67.43 0.04 -1.85
CA ASP F 120 68.03 -1.20 -2.34
C ASP F 120 67.41 -2.43 -1.65
N ASP F 121 67.15 -2.31 -0.34
CA ASP F 121 66.43 -3.33 0.42
C ASP F 121 65.02 -3.56 -0.12
N VAL F 122 64.32 -2.48 -0.47
CA VAL F 122 63.00 -2.55 -1.08
C VAL F 122 63.01 -3.37 -2.38
N ARG F 123 64.06 -3.22 -3.18
CA ARG F 123 64.24 -3.98 -4.42
C ARG F 123 64.50 -5.47 -4.16
N THR F 124 65.22 -5.76 -3.08
CA THR F 124 65.50 -7.14 -2.65
C THR F 124 64.20 -7.90 -2.37
N ILE F 125 63.31 -7.23 -1.63
CA ILE F 125 61.98 -7.74 -1.29
C ILE F 125 61.14 -8.05 -2.54
N SER F 126 61.23 -7.18 -3.56
CA SER F 126 60.45 -7.29 -4.82
C SER F 126 60.63 -8.57 -5.64
N GLN F 127 61.65 -9.37 -5.31
CA GLN F 127 61.86 -10.68 -5.92
C GLN F 127 60.83 -11.75 -5.55
N GLU F 128 60.12 -11.56 -4.43
CA GLU F 128 59.03 -12.47 -4.00
C GLU F 128 57.69 -11.84 -3.58
N THR F 129 57.60 -10.51 -3.46
CA THR F 129 56.39 -9.86 -2.90
C THR F 129 55.47 -9.19 -3.92
N LYS F 130 56.04 -8.38 -4.80
CA LYS F 130 55.27 -7.54 -5.76
C LYS F 130 54.35 -6.43 -5.18
N TYR F 131 54.40 -6.16 -3.87
CA TYR F 131 53.53 -5.17 -3.18
C TYR F 131 54.28 -4.13 -2.35
N VAL F 132 55.50 -3.80 -2.77
CA VAL F 132 56.28 -2.75 -2.13
C VAL F 132 56.52 -1.62 -3.14
N VAL F 133 56.79 -0.43 -2.62
CA VAL F 133 57.08 0.77 -3.43
C VAL F 133 58.58 1.07 -3.51
N PRO F 142 59.70 13.48 -5.78
CA PRO F 142 58.95 13.28 -4.55
C PRO F 142 58.88 14.53 -3.66
N ALA F 143 59.97 15.29 -3.60
CA ALA F 143 60.00 16.54 -2.83
C ALA F 143 59.06 17.64 -3.39
N PRO F 144 59.05 17.85 -4.73
CA PRO F 144 58.24 18.95 -5.28
C PRO F 144 56.73 18.82 -5.05
N ILE F 145 56.19 17.64 -5.32
CA ILE F 145 54.77 17.35 -5.10
C ILE F 145 54.35 17.55 -3.63
N THR F 146 55.27 17.23 -2.70
CA THR F 146 55.07 17.48 -1.27
C THR F 146 54.92 18.97 -0.99
N SER F 147 55.90 19.74 -1.43
CA SER F 147 55.97 21.19 -1.20
C SER F 147 54.84 21.99 -1.85
N LEU F 148 54.32 21.47 -2.96
CA LEU F 148 53.13 22.03 -3.60
C LEU F 148 51.93 21.86 -2.69
N GLY F 149 51.77 20.66 -2.14
CA GLY F 149 50.70 20.35 -1.17
C GLY F 149 50.64 21.32 -0.01
N VAL F 150 51.82 21.70 0.49
CA VAL F 150 51.93 22.64 1.61
C VAL F 150 51.47 24.02 1.14
N PHE F 151 51.91 24.40 -0.05
CA PHE F 151 51.49 25.64 -0.71
C PHE F 151 49.96 25.75 -0.79
N LEU F 152 49.32 24.64 -1.16
CA LEU F 152 47.85 24.55 -1.20
C LEU F 152 47.25 24.71 0.20
N GLY F 153 47.83 23.99 1.16
CA GLY F 153 47.45 24.07 2.57
C GLY F 153 47.57 25.45 3.17
N ILE F 154 48.65 26.15 2.84
CA ILE F 154 48.83 27.55 3.23
C ILE F 154 47.66 28.37 2.70
N LYS F 155 47.46 28.31 1.39
CA LYS F 155 46.36 29.02 0.73
C LYS F 155 45.02 28.72 1.36
N ALA F 156 44.75 27.43 1.59
CA ALA F 156 43.50 26.98 2.21
C ALA F 156 43.29 27.49 3.64
N ALA F 157 44.39 27.65 4.37
CA ALA F 157 44.35 28.18 5.74
C ALA F 157 44.04 29.69 5.81
N VAL F 158 44.48 30.43 4.78
CA VAL F 158 44.20 31.87 4.67
C VAL F 158 42.70 32.14 4.45
N GLU F 159 42.04 31.21 3.77
CA GLU F 159 40.61 31.33 3.42
C GLU F 159 39.73 31.27 4.66
N SER F 160 40.10 30.39 5.60
CA SER F 160 39.36 30.20 6.85
C SER F 160 39.35 31.42 7.76
N ARG F 161 40.52 32.02 7.96
CA ARG F 161 40.64 33.18 8.85
C ARG F 161 40.45 34.49 8.08
N TRP F 162 41.29 34.70 7.07
CA TRP F 162 41.35 35.99 6.36
C TRP F 162 40.40 36.18 5.19
N GLN F 163 39.76 35.11 4.73
CA GLN F 163 38.66 35.18 3.77
C GLN F 163 39.08 35.62 2.35
N SER F 164 40.39 35.68 2.11
CA SER F 164 40.94 36.28 0.89
C SER F 164 41.91 35.32 0.19
N LYS F 165 41.85 35.33 -1.13
CA LYS F 165 42.62 34.42 -1.96
C LYS F 165 44.10 34.83 -2.09
N ARG F 166 44.35 36.13 -2.22
CA ARG F 166 45.69 36.65 -2.50
C ARG F 166 46.64 36.62 -1.30
N LEU F 167 47.84 36.11 -1.55
CA LEU F 167 48.90 36.02 -0.56
C LEU F 167 49.92 37.16 -0.66
N ASP F 168 49.72 38.04 -1.63
CA ASP F 168 50.68 39.10 -1.93
C ASP F 168 51.02 39.94 -0.71
N GLY F 169 52.31 40.22 -0.54
CA GLY F 169 52.81 41.06 0.56
C GLY F 169 52.74 40.49 1.96
N MET F 170 52.11 39.32 2.12
CA MET F 170 51.96 38.67 3.42
C MET F 170 53.31 38.09 3.85
N LYS F 171 53.47 37.93 5.15
CA LYS F 171 54.75 37.50 5.73
C LYS F 171 54.70 36.03 6.16
N VAL F 172 55.72 35.28 5.74
CA VAL F 172 55.83 33.85 6.03
C VAL F 172 57.28 33.50 6.39
N ALA F 173 57.40 32.58 7.34
CA ALA F 173 58.68 32.14 7.90
C ALA F 173 58.83 30.66 7.62
N VAL F 174 59.98 30.25 7.08
CA VAL F 174 60.24 28.85 6.70
C VAL F 174 61.48 28.31 7.41
N GLN F 175 61.25 27.44 8.38
CA GLN F 175 62.32 26.73 9.06
C GLN F 175 62.81 25.57 8.19
N GLY F 176 64.13 25.42 8.11
CA GLY F 176 64.76 24.39 7.29
C GLY F 176 64.79 24.75 5.81
N LEU F 177 65.84 24.29 5.13
CA LEU F 177 65.99 24.45 3.68
C LEU F 177 66.40 23.13 3.05
N GLY F 178 65.51 22.14 3.23
CA GLY F 178 65.52 20.91 2.45
C GLY F 178 64.92 21.17 1.07
N ASN F 179 64.99 20.16 0.21
CA ASN F 179 64.38 20.25 -1.14
C ASN F 179 62.88 20.55 -1.05
N VAL F 180 62.24 19.98 -0.03
CA VAL F 180 60.82 20.23 0.26
C VAL F 180 60.67 21.66 0.79
N GLY F 181 61.54 22.06 1.71
CA GLY F 181 61.56 23.42 2.24
C GLY F 181 61.83 24.51 1.22
N LYS F 182 62.69 24.22 0.24
CA LYS F 182 63.13 25.22 -0.76
C LYS F 182 62.12 25.41 -1.89
N ASN F 183 61.55 24.31 -2.38
CA ASN F 183 60.49 24.37 -3.41
C ASN F 183 59.30 25.22 -3.00
N LEU F 184 59.02 25.25 -1.71
CA LEU F 184 58.07 26.18 -1.13
C LEU F 184 58.56 27.63 -1.30
N CYS F 185 59.78 27.91 -0.84
CA CYS F 185 60.39 29.24 -0.90
C CYS F 185 60.36 29.85 -2.31
N ARG F 186 60.46 28.99 -3.32
CA ARG F 186 60.20 29.40 -4.71
C ARG F 186 58.72 29.79 -4.87
N HIS F 187 57.83 28.83 -4.62
CA HIS F 187 56.37 29.03 -4.79
C HIS F 187 55.81 30.28 -4.08
N LEU F 188 56.38 30.63 -2.92
CA LEU F 188 55.95 31.82 -2.18
C LEU F 188 56.56 33.11 -2.75
N HIS F 189 57.85 33.06 -3.05
CA HIS F 189 58.54 34.18 -3.71
C HIS F 189 57.88 34.54 -5.05
N GLU F 190 57.47 33.51 -5.80
CA GLU F 190 56.81 33.70 -7.09
C GLU F 190 55.40 34.28 -6.96
N HIS F 191 54.78 34.08 -5.79
CA HIS F 191 53.50 34.70 -5.43
C HIS F 191 53.65 36.00 -4.62
N ASP F 192 54.79 36.66 -4.74
CA ASP F 192 55.07 37.96 -4.09
C ASP F 192 54.87 37.95 -2.57
N VAL F 193 55.39 36.90 -1.93
CA VAL F 193 55.28 36.71 -0.48
C VAL F 193 56.66 36.94 0.15
N GLN F 194 56.68 37.70 1.23
CA GLN F 194 57.92 38.06 1.94
C GLN F 194 58.44 36.88 2.74
N LEU F 195 59.74 36.60 2.60
CA LEU F 195 60.35 35.39 3.18
C LEU F 195 61.41 35.66 4.24
N PHE F 196 61.15 35.10 5.41
CA PHE F 196 62.15 34.89 6.45
C PHE F 196 62.49 33.41 6.37
N VAL F 197 63.77 33.06 6.43
CA VAL F 197 64.18 31.66 6.32
C VAL F 197 65.24 31.29 7.34
N SER F 198 65.39 29.99 7.51
CA SER F 198 66.38 29.42 8.42
C SER F 198 66.83 28.05 7.93
N ASP F 199 68.00 27.65 8.40
CA ASP F 199 68.53 26.29 8.20
C ASP F 199 69.69 26.05 9.17
N VAL F 200 69.92 24.78 9.49
CA VAL F 200 71.09 24.39 10.29
C VAL F 200 72.37 24.73 9.53
N ASP F 201 72.35 24.55 8.21
CA ASP F 201 73.48 24.82 7.31
C ASP F 201 73.39 26.25 6.74
N PRO F 202 74.41 27.10 6.99
CA PRO F 202 74.36 28.49 6.44
C PRO F 202 74.49 28.61 4.92
N ILE F 203 75.22 27.72 4.26
CA ILE F 203 75.44 27.80 2.80
C ILE F 203 74.17 27.61 1.98
N LYS F 204 73.28 26.73 2.44
CA LYS F 204 71.96 26.57 1.81
C LYS F 204 71.10 27.81 2.05
N ALA F 205 71.24 28.42 3.23
CA ALA F 205 70.58 29.69 3.56
C ALA F 205 70.96 30.85 2.63
N GLU F 206 72.25 30.92 2.27
CA GLU F 206 72.77 31.99 1.40
C GLU F 206 72.29 31.89 -0.06
N GLU F 207 72.10 30.66 -0.57
CA GLU F 207 71.61 30.46 -1.95
C GLU F 207 70.20 31.01 -2.11
N VAL F 208 69.36 30.74 -1.10
CA VAL F 208 68.01 31.29 -1.04
C VAL F 208 68.01 32.82 -0.99
N LYS F 209 68.93 33.42 -0.24
CA LYS F 209 69.05 34.89 -0.19
C LYS F 209 69.13 35.45 -1.60
N ARG F 210 70.11 34.98 -2.36
CA ARG F 210 70.33 35.47 -3.73
C ARG F 210 69.21 35.11 -4.72
N LEU F 211 68.69 33.90 -4.61
CA LEU F 211 67.65 33.42 -5.52
C LEU F 211 66.28 34.09 -5.30
N PHE F 212 65.88 34.25 -4.04
CA PHE F 212 64.55 34.78 -3.68
C PHE F 212 64.54 36.03 -2.80
N GLY F 213 65.71 36.65 -2.60
CA GLY F 213 65.80 37.89 -1.83
C GLY F 213 65.41 37.81 -0.37
N ALA F 214 65.38 36.61 0.18
CA ALA F 214 64.90 36.40 1.55
C ALA F 214 65.88 36.96 2.56
N THR F 215 65.36 37.29 3.74
CA THR F 215 66.18 37.75 4.86
C THR F 215 66.46 36.54 5.76
N VAL F 216 67.71 36.11 5.80
CA VAL F 216 68.11 34.97 6.64
C VAL F 216 68.14 35.37 8.11
N VAL F 217 67.61 34.47 8.94
CA VAL F 217 67.64 34.60 10.40
C VAL F 217 68.35 33.37 10.97
N GLU F 218 68.81 33.50 12.22
CA GLU F 218 69.45 32.39 12.92
C GLU F 218 68.36 31.37 13.30
N PRO F 219 68.72 30.05 13.39
CA PRO F 219 67.73 29.01 13.75
C PRO F 219 66.87 29.22 15.00
N THR F 220 67.34 30.00 15.96
CA THR F 220 66.59 30.32 17.19
C THR F 220 65.68 31.56 17.05
N GLU F 221 66.05 32.48 16.15
CA GLU F 221 65.27 33.70 15.88
C GLU F 221 63.92 33.48 15.15
N ILE F 222 63.83 32.41 14.39
CA ILE F 222 62.73 32.16 13.42
C ILE F 222 61.33 31.92 14.02
N TYR F 223 61.25 31.57 15.30
CA TYR F 223 59.93 31.32 15.93
C TYR F 223 59.18 32.63 16.23
N SER F 224 59.92 33.64 16.70
CA SER F 224 59.35 34.86 17.30
C SER F 224 59.31 36.11 16.40
N LEU F 225 59.03 35.91 15.11
CA LEU F 225 58.90 37.01 14.15
C LEU F 225 57.46 37.50 14.04
N ASP F 226 57.28 38.80 13.82
CA ASP F 226 55.96 39.40 13.58
C ASP F 226 55.55 39.14 12.12
N VAL F 227 55.14 37.91 11.87
CA VAL F 227 54.76 37.44 10.53
C VAL F 227 53.40 36.78 10.61
N ASP F 228 52.80 36.53 9.45
CA ASP F 228 51.46 35.97 9.36
C ASP F 228 51.50 34.44 9.48
N ILE F 229 52.45 33.82 8.79
CA ILE F 229 52.52 32.37 8.63
C ILE F 229 53.86 31.85 9.15
N PHE F 230 53.84 30.68 9.76
CA PHE F 230 55.06 29.95 10.16
C PHE F 230 54.98 28.54 9.58
N ALA F 231 55.86 28.25 8.61
CA ALA F 231 55.79 27.03 7.78
C ALA F 231 57.02 26.15 7.95
N PRO F 232 57.14 25.48 9.11
CA PRO F 232 58.35 24.71 9.39
C PRO F 232 58.41 23.40 8.62
N CYS F 233 59.52 23.20 7.91
CA CYS F 233 59.78 21.99 7.14
C CYS F 233 60.96 21.16 7.64
N ALA F 234 61.74 21.72 8.58
CA ALA F 234 62.97 21.07 9.05
C ALA F 234 62.69 19.82 9.88
N LEU F 235 61.96 19.99 10.97
CA LEU F 235 61.81 18.92 11.98
C LEU F 235 60.57 19.05 12.84
N GLY F 236 60.29 17.93 13.52
CA GLY F 236 59.21 17.82 14.51
C GLY F 236 59.66 18.05 15.94
N GLY F 237 58.70 18.20 16.83
CA GLY F 237 58.93 18.60 18.23
C GLY F 237 59.14 20.10 18.42
N ILE F 238 58.93 20.84 17.33
CA ILE F 238 59.26 22.27 17.24
C ILE F 238 58.20 23.17 17.87
N LEU F 239 56.98 22.66 17.95
CA LEU F 239 55.92 23.26 18.73
C LEU F 239 55.90 22.61 20.11
N ASN F 240 56.26 23.38 21.12
CA ASN F 240 56.28 22.91 22.51
C ASN F 240 56.18 24.08 23.49
N SER F 241 55.94 23.75 24.75
CA SER F 241 55.70 24.75 25.81
C SER F 241 56.76 25.87 25.88
N HIS F 242 58.00 25.56 25.50
CA HIS F 242 59.06 26.55 25.39
C HIS F 242 58.82 27.57 24.26
N THR F 243 58.57 27.05 23.05
CA THR F 243 58.49 27.85 21.81
C THR F 243 57.09 28.36 21.43
N ILE F 244 56.05 27.69 21.91
CA ILE F 244 54.68 28.02 21.51
C ILE F 244 54.16 29.39 22.01
N PRO F 245 54.64 29.88 23.18
CA PRO F 245 54.24 31.24 23.58
C PRO F 245 54.89 32.33 22.73
N PHE F 246 56.08 32.07 22.19
CA PHE F 246 56.79 33.06 21.35
C PHE F 246 56.09 33.38 20.02
N LEU F 247 55.22 32.48 19.57
CA LEU F 247 54.55 32.65 18.28
C LEU F 247 53.60 33.86 18.22
N GLN F 248 53.76 34.66 17.18
CA GLN F 248 52.83 35.74 16.83
C GLN F 248 52.12 35.45 15.51
N ALA F 249 52.27 34.23 15.00
CA ALA F 249 51.79 33.87 13.68
C ALA F 249 50.28 33.63 13.67
N SER F 250 49.63 34.11 12.61
CA SER F 250 48.19 33.93 12.41
C SER F 250 47.83 32.48 12.08
N ILE F 251 48.67 31.81 11.30
CA ILE F 251 48.48 30.39 10.95
C ILE F 251 49.81 29.63 10.95
N ILE F 252 49.73 28.31 11.11
CA ILE F 252 50.89 27.40 11.07
C ILE F 252 50.61 26.28 10.07
N ALA F 253 51.33 26.31 8.94
CA ALA F 253 51.17 25.32 7.88
C ALA F 253 52.52 24.90 7.31
N GLY F 254 53.17 23.98 8.01
CA GLY F 254 54.51 23.49 7.65
C GLY F 254 54.48 22.18 6.88
N ALA F 255 55.67 21.74 6.47
CA ALA F 255 55.87 20.48 5.70
C ALA F 255 56.52 19.36 6.49
N ALA F 256 56.61 19.50 7.81
CA ALA F 256 57.34 18.55 8.64
C ALA F 256 56.35 17.74 9.46
N ASN F 257 56.59 16.43 9.55
CA ASN F 257 55.77 15.53 10.36
C ASN F 257 56.14 15.54 11.84
N ASN F 258 55.16 15.23 12.68
CA ASN F 258 55.30 15.19 14.13
C ASN F 258 55.77 16.51 14.76
N GLN F 259 55.28 17.62 14.20
CA GLN F 259 55.59 18.98 14.66
C GLN F 259 55.31 19.24 16.13
N LEU F 260 54.37 18.50 16.70
CA LEU F 260 54.03 18.62 18.10
C LEU F 260 54.85 17.65 18.96
N GLU F 261 55.41 18.15 20.06
CA GLU F 261 55.95 17.28 21.13
C GLU F 261 54.76 16.49 21.72
N ASN F 262 53.84 17.25 22.32
CA ASN F 262 52.57 16.73 22.83
C ASN F 262 51.44 17.06 21.86
N GLU F 263 50.79 16.02 21.36
CA GLU F 263 49.81 16.14 20.27
C GLU F 263 48.54 16.84 20.78
N GLN F 264 48.16 16.54 22.03
CA GLN F 264 46.91 17.04 22.64
C GLN F 264 47.08 18.34 23.43
N LEU F 265 48.20 18.49 24.15
CA LEU F 265 48.43 19.68 24.99
C LEU F 265 48.67 20.92 24.14
N HIS F 266 49.70 20.85 23.30
CA HIS F 266 50.15 22.00 22.50
C HIS F 266 49.21 22.37 21.34
N SER F 267 48.25 21.50 21.02
CA SER F 267 47.16 21.84 20.10
C SER F 267 46.20 22.86 20.71
N GLN F 268 45.83 22.67 21.98
CA GLN F 268 44.96 23.58 22.71
C GLN F 268 45.59 24.97 22.93
N MET F 269 46.88 24.97 23.29
CA MET F 269 47.65 26.21 23.49
C MET F 269 47.61 27.14 22.27
N LEU F 270 47.61 26.56 21.08
CA LEU F 270 47.42 27.32 19.83
C LEU F 270 45.98 27.83 19.69
N ALA F 271 45.02 26.92 19.84
CA ALA F 271 43.60 27.22 19.63
C ALA F 271 43.08 28.34 20.52
N LYS F 272 43.48 28.34 21.79
CA LYS F 272 43.02 29.33 22.76
C LYS F 272 43.63 30.73 22.52
N LYS F 273 44.90 30.75 22.12
CA LYS F 273 45.59 32.00 21.78
C LYS F 273 45.30 32.49 20.37
N GLY F 274 44.62 31.66 19.57
CA GLY F 274 44.08 32.10 18.28
C GLY F 274 45.01 31.84 17.11
N ILE F 275 45.91 30.88 17.26
CA ILE F 275 46.79 30.46 16.17
C ILE F 275 46.15 29.23 15.51
N LEU F 276 46.05 29.27 14.19
CA LEU F 276 45.41 28.21 13.42
C LEU F 276 46.44 27.19 12.96
N TYR F 277 46.28 25.94 13.43
CA TYR F 277 47.21 24.85 13.11
C TYR F 277 46.58 23.83 12.18
N SER F 278 47.32 23.44 11.15
CA SER F 278 46.91 22.43 10.19
C SER F 278 47.69 21.17 10.47
N PRO F 279 47.01 20.02 10.66
CA PRO F 279 47.75 18.84 11.11
C PRO F 279 48.93 18.45 10.22
N ASP F 280 50.00 17.99 10.87
CA ASP F 280 51.21 17.52 10.20
C ASP F 280 50.91 16.48 9.10
N TYR F 281 50.07 15.50 9.40
CA TYR F 281 49.82 14.36 8.50
C TYR F 281 48.97 14.69 7.25
N VAL F 282 48.03 15.63 7.37
CA VAL F 282 47.20 16.05 6.21
C VAL F 282 47.99 16.78 5.12
N ILE F 283 48.91 17.65 5.53
CA ILE F 283 49.71 18.45 4.60
C ILE F 283 50.78 17.61 3.89
N ASN F 284 51.44 16.75 4.66
CA ASN F 284 52.41 15.79 4.12
C ASN F 284 51.80 14.71 3.22
N ALA F 285 50.47 14.57 3.25
CA ALA F 285 49.74 13.66 2.37
C ALA F 285 50.16 13.75 0.91
N GLY F 286 50.49 14.97 0.46
CA GLY F 286 51.05 15.17 -0.87
C GLY F 286 52.24 14.26 -1.13
N GLY F 287 53.14 14.20 -0.15
CA GLY F 287 54.23 13.22 -0.17
C GLY F 287 53.77 11.77 -0.31
N LEU F 288 52.66 11.44 0.36
CA LEU F 288 52.05 10.11 0.28
C LEU F 288 51.38 9.82 -1.06
N ILE F 289 50.66 10.80 -1.59
CA ILE F 289 49.94 10.61 -2.87
C ILE F 289 50.90 10.19 -3.99
N ASN F 290 52.12 10.71 -3.93
CA ASN F 290 53.19 10.26 -4.82
C ASN F 290 53.36 8.73 -4.73
N VAL F 291 53.40 8.23 -3.50
CA VAL F 291 53.54 6.79 -3.24
C VAL F 291 52.33 5.99 -3.76
N TYR F 292 51.13 6.52 -3.53
CA TYR F 292 49.91 5.84 -3.96
C TYR F 292 49.84 5.61 -5.46
N ASN F 293 50.19 6.63 -6.24
CA ASN F 293 50.13 6.52 -7.70
C ASN F 293 51.11 5.49 -8.28
N GLU F 294 52.22 5.24 -7.57
CA GLU F 294 53.18 4.21 -7.97
C GLU F 294 52.68 2.76 -7.83
N MET F 295 51.82 2.50 -6.84
CA MET F 295 51.12 1.20 -6.73
C MET F 295 50.32 0.91 -8.00
N ILE F 296 49.48 1.87 -8.37
CA ILE F 296 48.55 1.72 -9.50
C ILE F 296 49.27 1.83 -10.85
N GLY F 297 50.54 2.21 -10.83
CA GLY F 297 51.32 2.50 -12.02
C GLY F 297 51.29 4.01 -12.13
N TYR F 298 52.45 4.63 -11.94
CA TYR F 298 52.52 6.09 -11.83
C TYR F 298 51.96 6.81 -13.05
N ASP F 299 51.15 7.81 -12.78
CA ASP F 299 50.63 8.71 -13.80
C ASP F 299 50.58 10.10 -13.17
N GLU F 300 51.32 11.04 -13.77
CA GLU F 300 51.51 12.37 -13.20
C GLU F 300 50.21 13.17 -13.23
N GLU F 301 49.48 13.04 -14.34
CA GLU F 301 48.14 13.64 -14.49
C GLU F 301 47.26 13.32 -13.30
N LYS F 302 47.19 12.04 -12.94
CA LYS F 302 46.41 11.55 -11.79
C LYS F 302 46.95 12.10 -10.47
N ALA F 303 48.27 12.05 -10.30
CA ALA F 303 48.92 12.51 -9.07
C ALA F 303 48.68 13.99 -8.78
N PHE F 304 48.84 14.83 -9.81
CA PHE F 304 48.66 16.28 -9.69
C PHE F 304 47.29 16.72 -9.19
N LYS F 305 46.26 16.20 -9.85
CA LYS F 305 44.86 16.51 -9.50
C LYS F 305 44.42 15.93 -8.15
N GLN F 306 45.05 14.83 -7.73
CA GLN F 306 44.79 14.27 -6.41
C GLN F 306 45.24 15.16 -5.25
N VAL F 307 46.42 15.77 -5.38
CA VAL F 307 47.03 16.58 -4.28
C VAL F 307 46.12 17.74 -3.85
N HIS F 308 45.31 18.25 -4.77
CA HIS F 308 44.31 19.27 -4.42
C HIS F 308 43.25 18.82 -3.40
N ASN F 309 43.20 17.52 -3.07
CA ASN F 309 42.50 17.03 -1.88
C ASN F 309 42.91 17.76 -0.58
N ILE F 310 44.21 18.09 -0.44
CA ILE F 310 44.71 18.80 0.74
C ILE F 310 44.02 20.15 0.94
N TYR F 311 43.85 20.90 -0.15
CA TYR F 311 43.13 22.17 -0.16
C TYR F 311 41.72 21.98 0.42
N ASP F 312 40.96 21.08 -0.20
CA ASP F 312 39.57 20.82 0.18
C ASP F 312 39.43 20.28 1.61
N THR F 313 40.24 19.28 1.95
CA THR F 313 40.21 18.65 3.29
C THR F 313 40.36 19.68 4.40
N LEU F 314 41.40 20.51 4.27
CA LEU F 314 41.74 21.50 5.30
C LEU F 314 40.62 22.49 5.55
N LEU F 315 40.05 23.02 4.48
CA LEU F 315 38.91 23.95 4.57
C LEU F 315 37.81 23.38 5.45
N ALA F 316 37.51 22.09 5.27
CA ALA F 316 36.51 21.39 6.07
C ALA F 316 36.94 21.22 7.52
N ILE F 317 38.22 20.86 7.74
CA ILE F 317 38.79 20.73 9.10
C ILE F 317 38.62 22.02 9.91
N PHE F 318 38.89 23.15 9.28
CA PHE F 318 38.76 24.46 9.94
C PHE F 318 37.30 24.82 10.19
N GLU F 319 36.47 24.61 9.17
CA GLU F 319 34.98 24.71 9.25
C GLU F 319 34.40 23.85 10.38
N ILE F 320 34.79 22.59 10.40
CA ILE F 320 34.40 21.66 11.47
C ILE F 320 34.82 22.23 12.82
N ALA F 321 36.10 22.55 12.94
CA ALA F 321 36.69 23.08 14.19
C ALA F 321 35.85 24.19 14.82
N LYS F 322 35.39 25.12 13.98
CA LYS F 322 34.57 26.25 14.43
C LYS F 322 33.14 25.84 14.76
N GLU F 323 32.53 25.01 13.91
CA GLU F 323 31.15 24.53 14.10
C GLU F 323 30.97 23.77 15.41
N GLN F 324 31.90 22.86 15.70
CA GLN F 324 31.84 22.01 16.89
C GLN F 324 32.56 22.58 18.11
N GLY F 325 33.36 23.64 17.92
CA GLY F 325 34.13 24.23 19.02
C GLY F 325 35.21 23.30 19.54
N VAL F 326 36.00 22.77 18.60
CA VAL F 326 37.06 21.80 18.90
C VAL F 326 38.32 22.14 18.11
N THR F 327 39.40 21.45 18.41
CA THR F 327 40.70 21.67 17.75
C THR F 327 40.69 21.12 16.33
N THR F 328 41.69 21.52 15.54
CA THR F 328 41.85 20.99 14.17
C THR F 328 42.29 19.53 14.18
N ASN F 329 42.98 19.12 15.25
CA ASN F 329 43.35 17.72 15.44
C ASN F 329 42.11 16.88 15.71
N ASP F 330 41.31 17.31 16.67
CA ASP F 330 40.00 16.70 16.97
C ASP F 330 39.04 16.72 15.77
N ALA F 331 39.09 17.81 15.01
CA ALA F 331 38.32 17.93 13.78
C ALA F 331 38.80 16.93 12.74
N ALA F 332 40.11 16.95 12.46
CA ALA F 332 40.75 16.04 11.50
C ALA F 332 40.39 14.58 11.77
N ARG F 333 40.31 14.22 13.05
CA ARG F 333 39.83 12.91 13.43
C ARG F 333 38.43 12.67 12.89
N ARG F 334 37.51 13.54 13.28
CA ARG F 334 36.09 13.39 12.92
C ARG F 334 35.85 13.30 11.43
N LEU F 335 36.61 14.06 10.65
CA LEU F 335 36.52 14.02 9.19
C LEU F 335 37.04 12.70 8.62
N ALA F 336 38.12 12.18 9.19
CA ALA F 336 38.66 10.88 8.77
C ALA F 336 37.65 9.78 9.08
N GLU F 337 37.23 9.71 10.34
CA GLU F 337 36.27 8.73 10.82
C GLU F 337 34.94 8.77 10.06
N ASP F 338 34.38 9.97 9.88
CA ASP F 338 33.10 10.12 9.16
C ASP F 338 33.21 9.87 7.66
N ARG F 339 34.40 10.03 7.09
CA ARG F 339 34.65 9.66 5.69
C ARG F 339 34.59 8.14 5.50
N ILE F 340 35.14 7.42 6.47
CA ILE F 340 35.12 5.95 6.49
C ILE F 340 33.66 5.44 6.58
N ASN F 341 32.93 5.96 7.56
CA ASN F 341 31.52 5.60 7.79
C ASN F 341 30.64 5.82 6.57
N ASN F 342 30.85 6.95 5.90
CA ASN F 342 30.19 7.30 4.63
C ASN F 342 30.41 6.22 3.56
N SER F 343 31.65 5.79 3.41
CA SER F 343 32.02 4.83 2.35
C SER F 343 31.43 3.42 2.51
N LYS F 344 31.03 3.06 3.73
CA LYS F 344 30.25 1.84 3.98
C LYS F 344 28.83 1.93 3.39
N ARG F 345 28.23 3.10 3.52
CA ARG F 345 26.88 3.37 2.99
C ARG F 345 26.82 3.38 1.45
N SER F 346 27.91 3.80 0.81
CA SER F 346 28.00 3.95 -0.66
C SER F 346 27.42 2.78 -1.44
#